data_1L3H
#
_entry.id   1L3H
#
_entity_poly.entity_id   1
_entity_poly.type   'polypeptide(L)'
_entity_poly.pdbx_seq_one_letter_code
;LTKCQEEVSHIPAVHPGSFRPKCDENGNYLPLQCYGSIGYCWCVFPNGTEVPNTRSRGHHNCSES
;
_entity_poly.pdbx_strand_id   A
#
# COMPACT_ATOMS: atom_id res chain seq x y z
N LEU A 1 0.34 7.86 -15.62
CA LEU A 1 0.58 7.47 -14.23
C LEU A 1 -0.61 7.88 -13.34
N THR A 2 -0.49 7.60 -12.05
CA THR A 2 -1.41 7.92 -10.95
C THR A 2 -0.58 8.31 -9.72
N LYS A 3 -1.20 8.88 -8.68
CA LYS A 3 -0.53 9.19 -7.41
C LYS A 3 0.18 7.97 -6.82
N CYS A 4 -0.44 6.79 -6.94
CA CYS A 4 0.19 5.51 -6.59
C CYS A 4 1.47 5.28 -7.41
N GLN A 5 1.36 5.19 -8.74
CA GLN A 5 2.51 4.89 -9.62
C GLN A 5 3.61 5.96 -9.52
N GLU A 6 3.25 7.22 -9.29
CA GLU A 6 4.17 8.31 -8.96
C GLU A 6 4.91 8.02 -7.67
N GLU A 7 4.21 7.82 -6.55
CA GLU A 7 4.84 7.53 -5.25
C GLU A 7 5.70 6.26 -5.30
N VAL A 8 5.24 5.20 -5.98
CA VAL A 8 6.02 3.95 -6.19
C VAL A 8 7.26 4.20 -7.05
N SER A 9 7.21 5.14 -7.99
CA SER A 9 8.36 5.59 -8.77
C SER A 9 9.32 6.46 -7.96
N HIS A 10 8.80 7.42 -7.19
CA HIS A 10 9.57 8.42 -6.44
C HIS A 10 10.18 7.86 -5.15
N ILE A 11 9.50 6.92 -4.48
CA ILE A 11 10.03 6.13 -3.36
C ILE A 11 10.59 4.84 -3.98
N PRO A 12 11.92 4.69 -4.15
CA PRO A 12 12.50 3.49 -4.74
C PRO A 12 12.36 2.27 -3.81
N ALA A 13 12.61 1.07 -4.34
CA ALA A 13 12.59 -0.17 -3.56
C ALA A 13 13.56 -0.16 -2.36
N VAL A 14 14.59 0.69 -2.39
CA VAL A 14 15.50 1.01 -1.26
C VAL A 14 14.79 1.88 -0.20
N HIS A 15 13.57 1.50 0.19
CA HIS A 15 12.77 2.15 1.23
C HIS A 15 12.96 1.66 2.69
N PRO A 16 13.67 0.54 3.04
CA PRO A 16 13.87 0.09 4.42
C PRO A 16 14.20 1.19 5.43
N GLY A 17 13.28 1.39 6.37
CA GLY A 17 13.23 2.50 7.33
C GLY A 17 12.02 3.43 7.10
N SER A 18 11.32 3.27 5.97
CA SER A 18 10.17 4.07 5.54
C SER A 18 9.08 3.20 4.88
N PHE A 19 7.92 3.80 4.61
CA PHE A 19 6.82 3.19 3.85
C PHE A 19 7.06 3.30 2.34
N ARG A 20 6.51 2.36 1.57
CA ARG A 20 6.43 2.39 0.10
C ARG A 20 5.08 1.79 -0.32
N PRO A 21 4.28 2.48 -1.16
CA PRO A 21 3.01 1.96 -1.63
C PRO A 21 3.15 0.84 -2.68
N LYS A 22 2.02 0.26 -3.09
CA LYS A 22 1.87 -0.75 -4.15
C LYS A 22 0.61 -0.47 -4.98
N CYS A 23 0.58 -0.83 -6.27
CA CYS A 23 -0.53 -0.51 -7.18
C CYS A 23 -0.99 -1.72 -8.00
N ASP A 24 -2.23 -1.64 -8.49
CA ASP A 24 -2.95 -2.71 -9.18
C ASP A 24 -2.93 -2.58 -10.71
N GLU A 25 -3.57 -3.55 -11.41
CA GLU A 25 -3.73 -3.64 -12.87
C GLU A 25 -4.52 -2.48 -13.51
N ASN A 26 -5.02 -1.55 -12.69
CA ASN A 26 -5.69 -0.31 -13.10
C ASN A 26 -4.97 0.94 -12.52
N GLY A 27 -3.71 0.80 -12.10
CA GLY A 27 -2.85 1.90 -11.62
C GLY A 27 -3.32 2.53 -10.31
N ASN A 28 -4.36 1.98 -9.68
CA ASN A 28 -4.88 2.42 -8.39
C ASN A 28 -4.08 1.73 -7.28
N TYR A 29 -4.18 2.23 -6.04
CA TYR A 29 -3.49 1.62 -4.91
C TYR A 29 -4.01 0.20 -4.71
N LEU A 30 -3.10 -0.78 -4.65
CA LEU A 30 -3.45 -2.17 -4.37
C LEU A 30 -4.26 -2.22 -3.06
N PRO A 31 -5.48 -2.81 -3.01
CA PRO A 31 -6.33 -2.84 -1.82
C PRO A 31 -5.71 -3.33 -0.50
N LEU A 32 -4.48 -3.87 -0.50
CA LEU A 32 -3.63 -4.16 0.66
C LEU A 32 -2.34 -3.34 0.49
N GLN A 33 -1.95 -2.56 1.49
CA GLN A 33 -0.67 -1.84 1.55
C GLN A 33 0.12 -2.29 2.78
N CYS A 34 1.45 -2.34 2.67
CA CYS A 34 2.34 -2.84 3.71
C CYS A 34 3.55 -1.93 3.94
N TYR A 35 3.73 -1.49 5.19
CA TYR A 35 4.88 -0.75 5.67
C TYR A 35 5.97 -1.76 6.04
N GLY A 36 6.55 -2.40 5.01
CA GLY A 36 7.51 -3.50 5.10
C GLY A 36 8.64 -3.29 6.10
N SER A 37 9.12 -2.05 6.23
CA SER A 37 10.15 -1.61 7.20
C SER A 37 9.82 -1.93 8.67
N ILE A 38 8.54 -2.12 9.02
CA ILE A 38 8.07 -2.61 10.32
C ILE A 38 7.22 -3.89 10.21
N GLY A 39 6.99 -4.38 8.98
CA GLY A 39 6.19 -5.57 8.67
C GLY A 39 4.68 -5.42 8.88
N TYR A 40 4.19 -4.20 9.07
CA TYR A 40 2.75 -3.94 9.26
C TYR A 40 2.05 -3.81 7.89
N CYS A 41 0.74 -4.10 7.86
CA CYS A 41 -0.11 -3.84 6.70
C CYS A 41 -1.48 -3.27 7.11
N TRP A 42 -2.20 -2.73 6.13
CA TRP A 42 -3.60 -2.31 6.21
C TRP A 42 -4.26 -2.52 4.84
N CYS A 43 -5.60 -2.54 4.82
CA CYS A 43 -6.33 -2.48 3.56
C CYS A 43 -6.51 -1.01 3.17
N VAL A 44 -6.65 -0.72 1.88
CA VAL A 44 -6.96 0.62 1.37
C VAL A 44 -8.09 0.58 0.34
N PHE A 45 -8.77 1.72 0.19
CA PHE A 45 -9.65 1.94 -0.95
C PHE A 45 -8.76 2.24 -2.18
N PRO A 46 -9.24 2.11 -3.44
CA PRO A 46 -8.41 2.30 -4.64
C PRO A 46 -7.63 3.64 -4.71
N ASN A 47 -8.12 4.68 -4.03
CA ASN A 47 -7.50 5.98 -3.85
C ASN A 47 -6.33 6.03 -2.84
N GLY A 48 -6.08 4.95 -2.08
CA GLY A 48 -4.99 4.83 -1.11
C GLY A 48 -5.38 5.09 0.35
N THR A 49 -6.63 5.46 0.64
CA THR A 49 -7.13 5.73 2.00
C THR A 49 -7.29 4.41 2.76
N GLU A 50 -6.75 4.32 3.98
CA GLU A 50 -6.86 3.12 4.83
C GLU A 50 -8.33 2.76 5.15
N VAL A 51 -8.62 1.46 5.13
CA VAL A 51 -9.90 0.90 5.59
C VAL A 51 -9.81 0.76 7.12
N PRO A 52 -10.63 1.50 7.90
CA PRO A 52 -10.51 1.64 9.35
C PRO A 52 -10.21 0.35 10.12
N ASN A 53 -9.26 0.46 11.05
CA ASN A 53 -8.82 -0.58 11.97
C ASN A 53 -8.19 -1.81 11.30
N THR A 54 -7.88 -1.78 9.99
CA THR A 54 -7.15 -2.89 9.35
C THR A 54 -5.67 -2.84 9.67
N ARG A 55 -5.12 -1.68 10.04
CA ARG A 55 -3.71 -1.49 10.39
C ARG A 55 -3.24 -2.51 11.44
N SER A 56 -2.49 -3.52 11.00
CA SER A 56 -2.14 -4.70 11.78
C SER A 56 -0.74 -5.24 11.46
N ARG A 57 -0.30 -6.20 12.27
CA ARG A 57 1.02 -6.85 12.36
C ARG A 57 1.44 -7.64 11.11
N GLY A 58 0.57 -7.75 10.11
CA GLY A 58 0.80 -8.47 8.87
C GLY A 58 -0.38 -8.36 7.90
N HIS A 59 -0.31 -9.11 6.80
CA HIS A 59 -1.27 -9.13 5.69
C HIS A 59 -2.71 -9.47 6.10
N HIS A 60 -3.66 -9.17 5.21
CA HIS A 60 -5.07 -9.58 5.32
C HIS A 60 -5.72 -9.65 3.92
N ASN A 61 -6.90 -10.26 3.84
CA ASN A 61 -7.59 -10.65 2.62
C ASN A 61 -8.41 -9.50 2.03
N CYS A 62 -7.73 -8.40 1.67
CA CYS A 62 -8.40 -7.22 1.14
C CYS A 62 -8.99 -7.47 -0.28
N SER A 63 -9.78 -6.52 -0.78
CA SER A 63 -10.50 -6.53 -2.07
C SER A 63 -9.63 -6.51 -3.34
N GLU A 64 -8.45 -7.13 -3.32
CA GLU A 64 -7.36 -7.07 -4.31
C GLU A 64 -7.67 -7.57 -5.73
N SER A 65 -8.92 -7.94 -5.95
CA SER A 65 -9.63 -8.23 -7.20
C SER A 65 -8.73 -8.74 -8.32
N LEU A 1 0.97 8.72 -15.66
CA LEU A 1 0.79 7.74 -14.58
C LEU A 1 0.05 8.34 -13.39
N THR A 2 -0.56 7.49 -12.55
CA THR A 2 -1.38 7.90 -11.41
C THR A 2 -0.54 8.17 -10.16
N LYS A 3 -1.11 8.82 -9.14
CA LYS A 3 -0.40 9.12 -7.88
C LYS A 3 0.21 7.89 -7.22
N CYS A 4 -0.45 6.73 -7.29
CA CYS A 4 0.11 5.46 -6.83
C CYS A 4 1.39 5.14 -7.62
N GLN A 5 1.29 4.95 -8.94
CA GLN A 5 2.41 4.67 -9.81
C GLN A 5 3.52 5.74 -9.74
N GLU A 6 3.19 7.02 -9.50
CA GLU A 6 4.16 8.08 -9.21
C GLU A 6 4.92 7.78 -7.92
N GLU A 7 4.21 7.63 -6.79
CA GLU A 7 4.84 7.37 -5.50
C GLU A 7 5.73 6.11 -5.53
N VAL A 8 5.25 5.04 -6.16
CA VAL A 8 6.04 3.80 -6.34
C VAL A 8 7.28 4.03 -7.22
N SER A 9 7.17 4.95 -8.18
CA SER A 9 8.28 5.45 -9.02
C SER A 9 9.10 6.58 -8.38
N HIS A 10 8.87 6.93 -7.11
CA HIS A 10 9.60 7.98 -6.38
C HIS A 10 10.22 7.46 -5.08
N ILE A 11 9.50 6.57 -4.37
CA ILE A 11 10.03 5.79 -3.25
C ILE A 11 10.67 4.55 -3.87
N PRO A 12 12.00 4.38 -3.85
CA PRO A 12 12.66 3.20 -4.41
C PRO A 12 12.39 1.96 -3.54
N ALA A 13 12.64 0.77 -4.08
CA ALA A 13 12.54 -0.49 -3.33
C ALA A 13 13.46 -0.51 -2.09
N VAL A 14 14.56 0.25 -2.12
CA VAL A 14 15.42 0.51 -0.95
C VAL A 14 14.74 1.57 -0.05
N HIS A 15 13.63 1.18 0.57
CA HIS A 15 12.87 1.98 1.53
C HIS A 15 13.04 1.66 3.05
N PRO A 16 13.97 0.79 3.55
CA PRO A 16 14.17 0.55 4.99
C PRO A 16 14.14 1.79 5.89
N GLY A 17 13.09 1.87 6.72
CA GLY A 17 12.73 2.97 7.62
C GLY A 17 11.41 3.64 7.23
N SER A 18 11.03 3.55 5.95
CA SER A 18 9.84 4.16 5.35
C SER A 18 8.82 3.11 4.92
N PHE A 19 7.62 3.61 4.66
CA PHE A 19 6.54 2.93 3.94
C PHE A 19 6.90 2.99 2.43
N ARG A 20 6.26 2.13 1.63
CA ARG A 20 6.28 2.16 0.16
C ARG A 20 4.93 1.63 -0.35
N PRO A 21 4.20 2.38 -1.20
CA PRO A 21 2.92 1.91 -1.73
C PRO A 21 3.07 0.79 -2.76
N LYS A 22 1.92 0.19 -3.11
CA LYS A 22 1.70 -0.89 -4.07
C LYS A 22 0.47 -0.58 -4.93
N CYS A 23 0.49 -0.94 -6.22
CA CYS A 23 -0.56 -0.57 -7.18
C CYS A 23 -0.88 -1.71 -8.14
N ASP A 24 -2.04 -1.62 -8.79
CA ASP A 24 -2.47 -2.52 -9.85
C ASP A 24 -2.48 -1.84 -11.23
N GLU A 25 -2.78 -2.65 -12.27
CA GLU A 25 -2.74 -2.26 -13.68
C GLU A 25 -3.73 -1.15 -14.07
N ASN A 26 -4.75 -0.90 -13.25
CA ASN A 26 -5.71 0.19 -13.42
C ASN A 26 -5.17 1.50 -12.82
N GLY A 27 -3.89 1.56 -12.43
CA GLY A 27 -3.27 2.72 -11.80
C GLY A 27 -3.75 3.01 -10.37
N ASN A 28 -4.54 2.10 -9.80
CA ASN A 28 -5.14 2.23 -8.48
C ASN A 28 -4.21 1.60 -7.44
N TYR A 29 -4.36 2.04 -6.18
CA TYR A 29 -3.66 1.45 -5.05
C TYR A 29 -4.16 0.03 -4.83
N LEU A 30 -3.22 -0.93 -4.73
CA LEU A 30 -3.56 -2.33 -4.48
C LEU A 30 -4.35 -2.42 -3.16
N PRO A 31 -5.45 -3.20 -3.05
CA PRO A 31 -6.31 -3.22 -1.86
C PRO A 31 -5.63 -3.50 -0.50
N LEU A 32 -4.41 -4.05 -0.48
CA LEU A 32 -3.54 -4.20 0.68
C LEU A 32 -2.31 -3.30 0.51
N GLN A 33 -1.90 -2.60 1.58
CA GLN A 33 -0.65 -1.83 1.65
C GLN A 33 0.10 -2.19 2.94
N CYS A 34 1.44 -2.07 2.92
CA CYS A 34 2.28 -2.40 4.07
C CYS A 34 3.45 -1.44 4.26
N TYR A 35 3.72 -1.05 5.50
CA TYR A 35 4.93 -0.35 5.93
C TYR A 35 5.98 -1.43 6.16
N GLY A 36 6.52 -1.95 5.04
CA GLY A 36 7.39 -3.14 4.98
C GLY A 36 8.61 -3.08 5.91
N SER A 37 9.12 -1.88 6.21
CA SER A 37 10.17 -1.64 7.20
C SER A 37 9.81 -2.05 8.63
N ILE A 38 8.50 -2.13 8.94
CA ILE A 38 7.94 -2.66 10.20
C ILE A 38 7.31 -4.04 9.96
N GLY A 39 6.85 -4.31 8.73
CA GLY A 39 6.03 -5.47 8.35
C GLY A 39 4.55 -5.29 8.68
N TYR A 40 4.15 -4.07 9.05
CA TYR A 40 2.79 -3.70 9.44
C TYR A 40 1.95 -3.39 8.19
N CYS A 41 0.71 -3.89 8.12
CA CYS A 41 -0.15 -3.73 6.94
C CYS A 41 -1.55 -3.23 7.29
N TRP A 42 -2.24 -2.73 6.27
CA TRP A 42 -3.65 -2.35 6.31
C TRP A 42 -4.26 -2.54 4.92
N CYS A 43 -5.59 -2.56 4.85
CA CYS A 43 -6.29 -2.50 3.58
C CYS A 43 -6.48 -1.02 3.20
N VAL A 44 -6.56 -0.74 1.90
CA VAL A 44 -6.93 0.57 1.37
C VAL A 44 -8.05 0.44 0.35
N PHE A 45 -8.86 1.49 0.23
CA PHE A 45 -9.78 1.66 -0.89
C PHE A 45 -8.92 1.99 -2.13
N PRO A 46 -9.39 1.74 -3.37
CA PRO A 46 -8.57 1.87 -4.59
C PRO A 46 -7.85 3.23 -4.80
N ASN A 47 -8.35 4.30 -4.17
CA ASN A 47 -7.77 5.64 -4.14
C ASN A 47 -6.55 5.80 -3.18
N GLY A 48 -6.28 4.81 -2.33
CA GLY A 48 -5.20 4.82 -1.34
C GLY A 48 -5.63 5.13 0.10
N THR A 49 -6.91 5.41 0.38
CA THR A 49 -7.42 5.68 1.73
C THR A 49 -7.49 4.37 2.51
N GLU A 50 -6.79 4.27 3.65
CA GLU A 50 -6.80 3.08 4.50
C GLU A 50 -8.17 2.76 5.12
N VAL A 51 -8.33 1.50 5.54
CA VAL A 51 -9.42 1.01 6.37
C VAL A 51 -8.85 0.96 7.80
N PRO A 52 -9.02 2.01 8.63
CA PRO A 52 -8.32 2.22 9.91
C PRO A 52 -8.63 1.27 11.07
N ASN A 53 -9.21 0.12 10.75
CA ASN A 53 -9.46 -1.00 11.63
C ASN A 53 -8.77 -2.30 11.16
N THR A 54 -8.13 -2.27 9.99
CA THR A 54 -7.30 -3.37 9.46
C THR A 54 -5.85 -3.31 9.92
N ARG A 55 -5.38 -2.15 10.40
CA ARG A 55 -3.97 -1.84 10.68
C ARG A 55 -3.31 -2.85 11.63
N SER A 56 -2.66 -3.88 11.09
CA SER A 56 -2.18 -5.08 11.79
C SER A 56 -0.70 -5.39 11.56
N ARG A 57 -0.17 -6.29 12.40
CA ARG A 57 1.19 -6.84 12.44
C ARG A 57 1.62 -7.67 11.21
N GLY A 58 0.73 -7.78 10.23
CA GLY A 58 0.92 -8.52 8.98
C GLY A 58 -0.28 -8.40 8.04
N HIS A 59 -0.20 -9.11 6.91
CA HIS A 59 -1.15 -9.08 5.80
C HIS A 59 -2.59 -9.51 6.17
N HIS A 60 -3.54 -9.21 5.28
CA HIS A 60 -4.95 -9.64 5.37
C HIS A 60 -5.60 -9.68 3.98
N ASN A 61 -6.76 -10.33 3.88
CA ASN A 61 -7.46 -10.71 2.65
C ASN A 61 -8.29 -9.56 2.06
N CYS A 62 -7.63 -8.43 1.76
CA CYS A 62 -8.32 -7.22 1.33
C CYS A 62 -9.07 -7.39 -0.01
N SER A 63 -10.17 -6.65 -0.18
CA SER A 63 -10.92 -6.49 -1.44
C SER A 63 -11.91 -5.33 -1.28
N GLU A 64 -11.39 -4.12 -1.06
CA GLU A 64 -12.16 -2.93 -0.66
C GLU A 64 -12.91 -2.26 -1.83
N SER A 65 -13.69 -3.04 -2.59
CA SER A 65 -14.48 -2.57 -3.72
C SER A 65 -15.49 -1.49 -3.29
N LEU A 1 0.84 7.35 -16.21
CA LEU A 1 0.93 7.04 -14.79
C LEU A 1 -0.42 7.34 -14.09
N THR A 2 -0.46 7.12 -12.78
CA THR A 2 -1.57 7.36 -11.85
C THR A 2 -0.99 7.84 -10.52
N LYS A 3 -1.84 8.33 -9.60
CA LYS A 3 -1.41 8.74 -8.25
C LYS A 3 -0.72 7.62 -7.46
N CYS A 4 -0.97 6.35 -7.80
CA CYS A 4 -0.20 5.23 -7.27
C CYS A 4 1.19 5.17 -7.93
N GLN A 5 1.26 4.98 -9.25
CA GLN A 5 2.52 4.86 -10.00
C GLN A 5 3.44 6.07 -9.84
N GLU A 6 2.87 7.26 -9.65
CA GLU A 6 3.57 8.49 -9.26
C GLU A 6 4.27 8.29 -7.92
N GLU A 7 3.53 7.99 -6.85
CA GLU A 7 4.11 7.79 -5.52
C GLU A 7 5.10 6.61 -5.47
N VAL A 8 4.84 5.52 -6.20
CA VAL A 8 5.78 4.39 -6.36
C VAL A 8 7.06 4.81 -7.12
N SER A 9 6.95 5.77 -8.04
CA SER A 9 8.10 6.39 -8.71
C SER A 9 8.86 7.36 -7.78
N HIS A 10 8.13 8.24 -7.08
CA HIS A 10 8.68 9.30 -6.22
C HIS A 10 9.27 8.76 -4.90
N ILE A 11 8.73 7.67 -4.37
CA ILE A 11 9.28 6.90 -3.25
C ILE A 11 9.98 5.67 -3.87
N PRO A 12 11.30 5.69 -4.08
CA PRO A 12 12.01 4.62 -4.77
C PRO A 12 12.17 3.36 -3.91
N ALA A 13 12.64 2.27 -4.52
CA ALA A 13 12.94 1.01 -3.83
C ALA A 13 13.95 1.15 -2.67
N VAL A 14 14.75 2.23 -2.67
CA VAL A 14 15.62 2.64 -1.55
C VAL A 14 14.76 3.25 -0.44
N HIS A 15 13.97 2.39 0.22
CA HIS A 15 13.04 2.74 1.31
C HIS A 15 13.15 1.94 2.63
N PRO A 16 13.77 0.74 2.75
CA PRO A 16 13.79 -0.06 3.98
C PRO A 16 14.02 0.74 5.27
N GLY A 17 13.02 0.73 6.16
CA GLY A 17 12.92 1.59 7.35
C GLY A 17 11.70 2.52 7.24
N SER A 18 11.36 2.96 6.02
CA SER A 18 10.15 3.69 5.66
C SER A 18 9.22 2.83 4.77
N PHE A 19 8.01 3.33 4.54
CA PHE A 19 7.00 2.72 3.68
C PHE A 19 7.24 3.07 2.18
N ARG A 20 6.73 2.23 1.29
CA ARG A 20 6.62 2.44 -0.16
C ARG A 20 5.32 1.80 -0.65
N PRO A 21 4.47 2.50 -1.43
CA PRO A 21 3.21 1.93 -1.90
C PRO A 21 3.38 0.86 -3.00
N LYS A 22 2.26 0.19 -3.32
CA LYS A 22 2.12 -0.84 -4.37
C LYS A 22 0.81 -0.65 -5.14
N CYS A 23 0.76 -1.06 -6.41
CA CYS A 23 -0.36 -0.83 -7.32
C CYS A 23 -0.82 -2.10 -8.05
N ASP A 24 -2.07 -2.06 -8.55
CA ASP A 24 -2.73 -3.14 -9.26
C ASP A 24 -2.71 -2.97 -10.79
N GLU A 25 -3.25 -3.96 -11.51
CA GLU A 25 -3.35 -4.01 -12.97
C GLU A 25 -4.22 -2.90 -13.59
N ASN A 26 -5.01 -2.19 -12.78
CA ASN A 26 -5.76 -0.98 -13.15
C ASN A 26 -5.00 0.30 -12.73
N GLY A 27 -3.72 0.21 -12.38
CA GLY A 27 -2.87 1.34 -11.99
C GLY A 27 -3.29 2.04 -10.69
N ASN A 28 -4.25 1.47 -9.96
CA ASN A 28 -4.74 1.99 -8.69
C ASN A 28 -3.91 1.39 -7.55
N TYR A 29 -3.99 1.97 -6.34
CA TYR A 29 -3.32 1.43 -5.17
C TYR A 29 -3.85 0.03 -4.88
N LEU A 30 -2.94 -0.95 -4.75
CA LEU A 30 -3.32 -2.32 -4.41
C LEU A 30 -4.15 -2.30 -3.11
N PRO A 31 -5.36 -2.92 -3.06
CA PRO A 31 -6.23 -2.86 -1.88
C PRO A 31 -5.58 -3.24 -0.54
N LEU A 32 -4.48 -3.99 -0.54
CA LEU A 32 -3.60 -4.26 0.60
C LEU A 32 -2.28 -3.50 0.42
N GLN A 33 -1.80 -2.84 1.47
CA GLN A 33 -0.46 -2.23 1.54
C GLN A 33 0.25 -2.74 2.79
N CYS A 34 1.59 -2.83 2.74
CA CYS A 34 2.41 -3.33 3.84
C CYS A 34 3.69 -2.51 4.01
N TYR A 35 4.22 -2.52 5.24
CA TYR A 35 5.41 -1.80 5.69
C TYR A 35 6.32 -2.81 6.43
N GLY A 36 6.99 -3.63 5.62
CA GLY A 36 7.73 -4.82 6.06
C GLY A 36 8.72 -4.58 7.20
N SER A 37 9.50 -3.49 7.16
CA SER A 37 10.54 -3.19 8.15
C SER A 37 10.03 -2.91 9.57
N ILE A 38 8.71 -2.77 9.78
CA ILE A 38 8.08 -2.74 11.12
C ILE A 38 7.12 -3.92 11.34
N GLY A 39 6.94 -4.80 10.34
CA GLY A 39 6.01 -5.92 10.40
C GLY A 39 4.56 -5.44 10.53
N TYR A 40 4.06 -4.70 9.53
CA TYR A 40 2.67 -4.25 9.47
C TYR A 40 2.09 -4.27 8.04
N CYS A 41 0.75 -4.37 7.98
CA CYS A 41 -0.08 -4.17 6.81
C CYS A 41 -1.39 -3.46 7.19
N TRP A 42 -2.03 -2.88 6.18
CA TRP A 42 -3.37 -2.33 6.24
C TRP A 42 -4.03 -2.45 4.86
N CYS A 43 -5.35 -2.31 4.82
CA CYS A 43 -6.05 -2.17 3.55
C CYS A 43 -6.13 -0.69 3.18
N VAL A 44 -6.20 -0.40 1.88
CA VAL A 44 -6.48 0.92 1.34
C VAL A 44 -7.61 0.83 0.31
N PHE A 45 -8.33 1.93 0.10
CA PHE A 45 -9.23 2.06 -1.02
C PHE A 45 -8.37 2.28 -2.30
N PRO A 46 -8.89 2.06 -3.53
CA PRO A 46 -8.11 2.16 -4.78
C PRO A 46 -7.32 3.48 -4.98
N ASN A 47 -7.77 4.56 -4.34
CA ASN A 47 -7.13 5.87 -4.28
C ASN A 47 -5.94 5.98 -3.29
N GLY A 48 -5.67 4.95 -2.47
CA GLY A 48 -4.57 4.90 -1.50
C GLY A 48 -4.97 5.23 -0.06
N THR A 49 -6.24 5.59 0.20
CA THR A 49 -6.72 5.95 1.54
C THR A 49 -6.86 4.69 2.41
N GLU A 50 -6.10 4.61 3.50
CA GLU A 50 -6.16 3.53 4.50
C GLU A 50 -7.57 3.29 5.05
N VAL A 51 -7.85 2.02 5.39
CA VAL A 51 -9.01 1.57 6.16
C VAL A 51 -8.52 1.43 7.61
N PRO A 52 -8.65 2.46 8.47
CA PRO A 52 -7.98 2.59 9.79
C PRO A 52 -8.45 1.66 10.92
N ASN A 53 -9.05 0.52 10.56
CA ASN A 53 -9.37 -0.60 11.44
C ASN A 53 -8.79 -1.93 10.95
N THR A 54 -8.10 -1.93 9.79
CA THR A 54 -7.39 -3.11 9.25
C THR A 54 -5.97 -3.23 9.80
N ARG A 55 -5.39 -2.15 10.33
CA ARG A 55 -4.00 -2.02 10.78
C ARG A 55 -3.55 -3.23 11.63
N SER A 56 -2.78 -4.13 11.01
CA SER A 56 -2.40 -5.42 11.60
C SER A 56 -0.91 -5.71 11.36
N ARG A 57 -0.35 -6.70 12.07
CA ARG A 57 1.06 -7.12 11.94
C ARG A 57 1.35 -7.97 10.68
N GLY A 58 0.36 -8.10 9.80
CA GLY A 58 0.36 -8.97 8.63
C GLY A 58 -0.90 -8.81 7.78
N HIS A 59 -1.01 -9.60 6.71
CA HIS A 59 -2.01 -9.48 5.65
C HIS A 59 -3.47 -9.67 6.12
N HIS A 60 -4.42 -9.22 5.28
CA HIS A 60 -5.87 -9.38 5.45
C HIS A 60 -6.60 -9.32 4.09
N ASN A 61 -7.88 -9.72 4.08
CA ASN A 61 -8.73 -9.99 2.91
C ASN A 61 -9.24 -8.73 2.20
N CYS A 62 -8.34 -7.80 1.88
CA CYS A 62 -8.70 -6.47 1.40
C CYS A 62 -9.58 -6.49 0.15
N SER A 63 -10.85 -6.14 0.34
CA SER A 63 -11.93 -6.28 -0.63
C SER A 63 -12.54 -4.90 -0.98
N GLU A 64 -11.74 -3.86 -0.83
CA GLU A 64 -12.09 -2.43 -0.86
C GLU A 64 -12.50 -1.85 -2.24
N SER A 65 -12.96 -2.72 -3.14
CA SER A 65 -13.29 -2.41 -4.53
C SER A 65 -14.30 -1.27 -4.65
N LEU A 1 0.20 6.11 -16.19
CA LEU A 1 0.19 5.77 -14.78
C LEU A 1 -0.75 6.69 -13.99
N THR A 2 -1.05 6.33 -12.73
CA THR A 2 -1.80 7.16 -11.77
C THR A 2 -1.22 7.05 -10.35
N LYS A 3 -1.82 7.78 -9.40
CA LYS A 3 -1.43 8.06 -8.01
C LYS A 3 -0.46 7.11 -7.30
N CYS A 4 -0.82 5.84 -7.14
CA CYS A 4 0.02 4.85 -6.50
C CYS A 4 1.27 4.58 -7.35
N GLN A 5 1.11 4.29 -8.65
CA GLN A 5 2.24 4.09 -9.56
C GLN A 5 3.13 5.34 -9.63
N GLU A 6 2.59 6.56 -9.49
CA GLU A 6 3.39 7.79 -9.39
C GLU A 6 4.28 7.76 -8.15
N GLU A 7 3.70 7.56 -6.95
CA GLU A 7 4.48 7.45 -5.72
C GLU A 7 5.51 6.33 -5.79
N VAL A 8 5.13 5.16 -6.30
CA VAL A 8 6.01 3.98 -6.42
C VAL A 8 7.12 4.21 -7.45
N SER A 9 6.87 5.08 -8.43
CA SER A 9 7.87 5.60 -9.38
C SER A 9 8.74 6.73 -8.80
N HIS A 10 8.58 7.11 -7.53
CA HIS A 10 9.35 8.16 -6.85
C HIS A 10 9.99 7.67 -5.54
N ILE A 11 9.31 6.78 -4.81
CA ILE A 11 9.82 6.04 -3.67
C ILE A 11 10.45 4.75 -4.23
N PRO A 12 11.78 4.58 -4.22
CA PRO A 12 12.42 3.38 -4.76
C PRO A 12 12.26 2.17 -3.81
N ALA A 13 12.63 0.98 -4.30
CA ALA A 13 12.73 -0.25 -3.50
C ALA A 13 13.69 -0.11 -2.30
N VAL A 14 14.63 0.84 -2.35
CA VAL A 14 15.48 1.24 -1.23
C VAL A 14 14.68 2.18 -0.32
N HIS A 15 13.74 1.60 0.45
CA HIS A 15 12.93 2.30 1.46
C HIS A 15 13.20 1.77 2.89
N PRO A 16 14.44 1.89 3.42
CA PRO A 16 14.78 1.42 4.77
C PRO A 16 13.97 2.19 5.82
N GLY A 17 13.50 1.46 6.84
CA GLY A 17 12.64 1.96 7.92
C GLY A 17 11.34 2.65 7.46
N SER A 18 11.01 2.61 6.16
CA SER A 18 9.96 3.40 5.51
C SER A 18 9.11 2.53 4.58
N PHE A 19 8.07 3.13 3.97
CA PHE A 19 7.01 2.45 3.23
C PHE A 19 7.06 2.81 1.73
N ARG A 20 6.82 1.80 0.89
CA ARG A 20 6.60 1.91 -0.55
C ARG A 20 5.26 1.23 -0.90
N PRO A 21 4.29 1.95 -1.49
CA PRO A 21 3.01 1.37 -1.90
C PRO A 21 3.13 0.21 -2.91
N LYS A 22 1.99 -0.44 -3.18
CA LYS A 22 1.78 -1.41 -4.26
C LYS A 22 0.44 -1.13 -4.96
N CYS A 23 0.36 -1.36 -6.26
CA CYS A 23 -0.74 -0.87 -7.09
C CYS A 23 -1.23 -1.84 -8.15
N ASP A 24 -2.45 -1.58 -8.63
CA ASP A 24 -3.00 -2.21 -9.81
C ASP A 24 -2.34 -1.65 -11.09
N GLU A 25 -2.67 -2.25 -12.26
CA GLU A 25 -2.13 -1.83 -13.55
C GLU A 25 -2.49 -0.39 -13.93
N ASN A 26 -3.56 0.15 -13.35
CA ASN A 26 -4.12 1.48 -13.61
C ASN A 26 -3.42 2.57 -12.77
N GLY A 27 -2.57 2.16 -11.81
CA GLY A 27 -1.86 3.05 -10.90
C GLY A 27 -2.66 3.47 -9.67
N ASN A 28 -3.79 2.81 -9.39
CA ASN A 28 -4.52 2.96 -8.13
C ASN A 28 -4.00 1.92 -7.13
N TYR A 29 -4.17 2.22 -5.84
CA TYR A 29 -3.57 1.43 -4.76
C TYR A 29 -4.20 0.04 -4.70
N LEU A 30 -3.38 -1.01 -4.60
CA LEU A 30 -3.88 -2.36 -4.38
C LEU A 30 -4.66 -2.39 -3.04
N PRO A 31 -5.79 -3.14 -2.94
CA PRO A 31 -6.63 -3.16 -1.74
C PRO A 31 -5.91 -3.42 -0.40
N LEU A 32 -4.77 -4.12 -0.40
CA LEU A 32 -3.87 -4.25 0.75
C LEU A 32 -2.62 -3.38 0.53
N GLN A 33 -2.20 -2.66 1.57
CA GLN A 33 -0.91 -1.95 1.63
C GLN A 33 -0.12 -2.44 2.86
N CYS A 34 1.21 -2.54 2.72
CA CYS A 34 2.09 -3.07 3.76
C CYS A 34 3.36 -2.22 3.91
N TYR A 35 3.57 -1.70 5.12
CA TYR A 35 4.80 -1.05 5.58
C TYR A 35 5.76 -2.16 6.05
N GLY A 36 6.20 -2.97 5.07
CA GLY A 36 6.99 -4.20 5.26
C GLY A 36 8.24 -4.01 6.11
N SER A 37 8.86 -2.83 6.07
CA SER A 37 10.00 -2.43 6.89
C SER A 37 9.79 -2.53 8.41
N ILE A 38 8.52 -2.56 8.87
CA ILE A 38 8.13 -2.87 10.24
C ILE A 38 7.16 -4.08 10.31
N GLY A 39 6.86 -4.71 9.17
CA GLY A 39 5.98 -5.87 9.02
C GLY A 39 4.48 -5.55 8.96
N TYR A 40 4.08 -4.28 9.13
CA TYR A 40 2.68 -3.89 9.31
C TYR A 40 1.92 -3.80 7.99
N CYS A 41 0.60 -4.01 8.02
CA CYS A 41 -0.30 -3.83 6.88
C CYS A 41 -1.63 -3.19 7.26
N TRP A 42 -2.36 -2.70 6.25
CA TRP A 42 -3.74 -2.24 6.33
C TRP A 42 -4.43 -2.43 4.97
N CYS A 43 -5.76 -2.38 4.93
CA CYS A 43 -6.51 -2.30 3.68
C CYS A 43 -6.68 -0.83 3.30
N VAL A 44 -6.80 -0.56 1.99
CA VAL A 44 -7.10 0.77 1.45
C VAL A 44 -8.19 0.69 0.38
N PHE A 45 -8.88 1.80 0.16
CA PHE A 45 -9.72 1.99 -1.02
C PHE A 45 -8.79 2.34 -2.20
N PRO A 46 -9.20 2.19 -3.48
CA PRO A 46 -8.30 2.37 -4.64
C PRO A 46 -7.57 3.72 -4.72
N ASN A 47 -8.10 4.77 -4.08
CA ASN A 47 -7.49 6.09 -3.95
C ASN A 47 -6.34 6.17 -2.92
N GLY A 48 -6.17 5.15 -2.08
CA GLY A 48 -5.17 5.08 -1.00
C GLY A 48 -5.71 5.33 0.40
N THR A 49 -7.01 5.61 0.58
CA THR A 49 -7.61 5.85 1.91
C THR A 49 -7.69 4.55 2.69
N GLU A 50 -7.00 4.48 3.84
CA GLU A 50 -7.03 3.34 4.75
C GLU A 50 -8.45 2.98 5.23
N VAL A 51 -8.74 1.68 5.26
CA VAL A 51 -9.93 1.10 5.89
C VAL A 51 -9.58 0.93 7.39
N PRO A 52 -10.20 1.71 8.29
CA PRO A 52 -9.78 1.78 9.69
C PRO A 52 -9.94 0.43 10.40
N ASN A 53 -9.18 0.26 11.50
CA ASN A 53 -9.03 -0.96 12.29
C ASN A 53 -8.34 -2.13 11.57
N THR A 54 -8.03 -2.03 10.26
CA THR A 54 -7.22 -3.06 9.57
C THR A 54 -5.73 -2.91 9.89
N ARG A 55 -5.30 -1.73 10.34
CA ARG A 55 -3.91 -1.35 10.58
C ARG A 55 -3.26 -2.26 11.64
N SER A 56 -2.63 -3.34 11.18
CA SER A 56 -2.16 -4.48 11.97
C SER A 56 -0.67 -4.73 11.85
N ARG A 57 -0.13 -5.48 12.83
CA ARG A 57 1.25 -5.99 12.93
C ARG A 57 1.66 -6.89 11.75
N GLY A 58 0.71 -7.34 10.92
CA GLY A 58 0.95 -8.25 9.81
C GLY A 58 -0.18 -8.31 8.79
N HIS A 59 0.03 -9.20 7.80
CA HIS A 59 -0.76 -9.40 6.59
C HIS A 59 -2.24 -9.71 6.84
N HIS A 60 -3.06 -9.41 5.83
CA HIS A 60 -4.46 -9.80 5.69
C HIS A 60 -4.82 -9.80 4.19
N ASN A 61 -5.96 -10.36 3.82
CA ASN A 61 -6.30 -10.64 2.43
C ASN A 61 -7.45 -9.77 1.91
N CYS A 62 -7.23 -8.44 1.90
CA CYS A 62 -8.19 -7.41 1.51
C CYS A 62 -8.83 -7.66 0.13
N SER A 63 -10.10 -8.07 0.09
CA SER A 63 -10.77 -8.53 -1.14
C SER A 63 -9.95 -9.53 -1.98
N GLU A 64 -9.05 -10.25 -1.32
CA GLU A 64 -8.06 -11.19 -1.89
C GLU A 64 -7.00 -10.49 -2.77
N SER A 65 -6.73 -9.21 -2.50
CA SER A 65 -5.68 -8.38 -3.10
C SER A 65 -5.47 -7.13 -2.24
N LEU A 1 1.24 7.93 -16.22
CA LEU A 1 1.10 7.25 -14.94
C LEU A 1 -0.09 7.84 -14.15
N THR A 2 -0.47 7.16 -13.07
CA THR A 2 -1.53 7.53 -12.14
C THR A 2 -1.00 7.50 -10.69
N LYS A 3 -1.78 8.02 -9.73
CA LYS A 3 -1.35 8.31 -8.35
C LYS A 3 -0.42 7.28 -7.69
N CYS A 4 -0.82 6.02 -7.57
CA CYS A 4 0.01 5.00 -6.94
C CYS A 4 1.32 4.82 -7.73
N GLN A 5 1.23 4.64 -9.05
CA GLN A 5 2.41 4.51 -9.92
C GLN A 5 3.35 5.71 -9.84
N GLU A 6 2.81 6.94 -9.76
CA GLU A 6 3.59 8.16 -9.57
C GLU A 6 4.34 8.10 -8.23
N GLU A 7 3.63 7.91 -7.12
CA GLU A 7 4.23 7.88 -5.79
C GLU A 7 5.24 6.74 -5.63
N VAL A 8 4.98 5.57 -6.23
CA VAL A 8 5.91 4.43 -6.25
C VAL A 8 7.11 4.68 -7.17
N SER A 9 6.94 5.49 -8.21
CA SER A 9 8.06 5.99 -9.04
C SER A 9 8.89 7.04 -8.30
N HIS A 10 8.26 7.90 -7.49
CA HIS A 10 8.92 8.93 -6.69
C HIS A 10 9.68 8.35 -5.48
N ILE A 11 9.06 7.44 -4.72
CA ILE A 11 9.68 6.72 -3.62
C ILE A 11 10.59 5.62 -4.20
N PRO A 12 11.93 5.71 -4.08
CA PRO A 12 12.83 4.74 -4.71
C PRO A 12 12.70 3.36 -4.05
N ALA A 13 12.99 2.29 -4.83
CA ALA A 13 12.84 0.90 -4.39
C ALA A 13 13.68 0.54 -3.15
N VAL A 14 14.80 1.24 -2.91
CA VAL A 14 15.59 1.15 -1.67
C VAL A 14 14.88 1.92 -0.54
N HIS A 15 13.65 1.51 -0.22
CA HIS A 15 12.79 2.14 0.78
C HIS A 15 12.88 1.62 2.24
N PRO A 16 13.53 0.49 2.61
CA PRO A 16 13.57 -0.01 4.00
C PRO A 16 13.80 1.06 5.07
N GLY A 17 12.91 1.06 6.07
CA GLY A 17 12.76 2.10 7.08
C GLY A 17 11.56 3.01 6.79
N SER A 18 11.14 3.10 5.52
CA SER A 18 10.00 3.89 5.03
C SER A 18 8.97 3.04 4.28
N PHE A 19 7.76 3.57 4.11
CA PHE A 19 6.70 2.96 3.31
C PHE A 19 6.87 3.27 1.82
N ARG A 20 6.59 2.28 0.97
CA ARG A 20 6.51 2.39 -0.50
C ARG A 20 5.27 1.62 -0.96
N PRO A 21 4.28 2.26 -1.62
CA PRO A 21 3.05 1.59 -2.01
C PRO A 21 3.20 0.41 -2.99
N LYS A 22 2.11 -0.35 -3.10
CA LYS A 22 1.84 -1.42 -4.07
C LYS A 22 0.61 -1.04 -4.89
N CYS A 23 0.59 -1.35 -6.20
CA CYS A 23 -0.45 -0.89 -7.13
C CYS A 23 -0.96 -2.00 -8.06
N ASP A 24 -2.16 -1.80 -8.61
CA ASP A 24 -2.84 -2.75 -9.47
C ASP A 24 -2.70 -2.43 -10.98
N GLU A 25 -3.32 -3.26 -11.82
CA GLU A 25 -3.33 -3.10 -13.29
C GLU A 25 -4.04 -1.81 -13.77
N ASN A 26 -4.83 -1.18 -12.88
CA ASN A 26 -5.49 0.10 -13.11
C ASN A 26 -4.63 1.29 -12.60
N GLY A 27 -3.37 1.04 -12.21
CA GLY A 27 -2.43 2.02 -11.68
C GLY A 27 -2.80 2.60 -10.31
N ASN A 28 -3.89 2.12 -9.71
CA ASN A 28 -4.42 2.54 -8.43
C ASN A 28 -3.75 1.71 -7.33
N TYR A 29 -3.92 2.12 -6.07
CA TYR A 29 -3.38 1.36 -4.93
C TYR A 29 -3.96 -0.05 -4.91
N LEU A 30 -3.10 -1.06 -4.72
CA LEU A 30 -3.56 -2.42 -4.48
C LEU A 30 -4.38 -2.42 -3.16
N PRO A 31 -5.51 -3.13 -3.04
CA PRO A 31 -6.38 -3.10 -1.86
C PRO A 31 -5.70 -3.40 -0.51
N LEU A 32 -4.56 -4.11 -0.49
CA LEU A 32 -3.69 -4.32 0.66
C LEU A 32 -2.40 -3.51 0.49
N GLN A 33 -1.93 -2.89 1.58
CA GLN A 33 -0.62 -2.25 1.68
C GLN A 33 0.10 -2.74 2.95
N CYS A 34 1.43 -2.72 2.94
CA CYS A 34 2.27 -3.13 4.07
C CYS A 34 3.50 -2.22 4.23
N TYR A 35 4.04 -2.19 5.44
CA TYR A 35 5.23 -1.45 5.84
C TYR A 35 6.10 -2.38 6.71
N GLY A 36 6.85 -3.27 6.05
CA GLY A 36 7.58 -4.36 6.68
C GLY A 36 8.52 -3.93 7.80
N SER A 37 9.17 -2.76 7.67
CA SER A 37 10.09 -2.19 8.67
C SER A 37 9.45 -1.88 10.03
N ILE A 38 8.11 -1.85 10.13
CA ILE A 38 7.36 -1.78 11.39
C ILE A 38 6.47 -3.02 11.60
N GLY A 39 6.54 -4.01 10.71
CA GLY A 39 5.80 -5.27 10.82
C GLY A 39 4.29 -5.10 10.74
N TYR A 40 3.79 -4.21 9.88
CA TYR A 40 2.36 -3.90 9.74
C TYR A 40 1.86 -3.98 8.28
N CYS A 41 0.56 -4.29 8.16
CA CYS A 41 -0.24 -4.17 6.94
C CYS A 41 -1.60 -3.55 7.29
N TRP A 42 -2.25 -3.00 6.26
CA TRP A 42 -3.59 -2.46 6.30
C TRP A 42 -4.22 -2.55 4.90
N CYS A 43 -5.55 -2.47 4.84
CA CYS A 43 -6.27 -2.32 3.58
C CYS A 43 -6.40 -0.83 3.23
N VAL A 44 -6.49 -0.52 1.94
CA VAL A 44 -6.72 0.84 1.44
C VAL A 44 -7.82 0.87 0.38
N PHE A 45 -8.46 2.02 0.24
CA PHE A 45 -9.33 2.32 -0.88
C PHE A 45 -8.41 2.68 -2.09
N PRO A 46 -8.89 2.61 -3.36
CA PRO A 46 -8.04 2.71 -4.56
C PRO A 46 -7.09 3.92 -4.67
N ASN A 47 -7.39 5.03 -3.98
CA ASN A 47 -6.56 6.23 -3.92
C ASN A 47 -5.46 6.18 -2.84
N GLY A 48 -5.39 5.11 -2.04
CA GLY A 48 -4.44 4.93 -0.93
C GLY A 48 -5.00 5.25 0.46
N THR A 49 -6.28 5.62 0.57
CA THR A 49 -6.93 5.94 1.85
C THR A 49 -7.07 4.66 2.68
N GLU A 50 -6.30 4.55 3.76
CA GLU A 50 -6.33 3.41 4.68
C GLU A 50 -7.71 3.18 5.32
N VAL A 51 -8.05 1.89 5.51
CA VAL A 51 -9.17 1.39 6.31
C VAL A 51 -8.53 1.09 7.69
N PRO A 52 -8.49 2.03 8.66
CA PRO A 52 -7.64 1.91 9.85
C PRO A 52 -7.90 0.74 10.78
N ASN A 53 -9.12 0.25 10.70
CA ASN A 53 -9.65 -0.90 11.39
C ASN A 53 -9.01 -2.23 10.95
N THR A 54 -8.25 -2.20 9.85
CA THR A 54 -7.46 -3.33 9.36
C THR A 54 -6.02 -3.31 9.84
N ARG A 55 -5.52 -2.22 10.47
CA ARG A 55 -4.10 -2.08 10.78
C ARG A 55 -3.62 -3.21 11.71
N SER A 56 -2.86 -4.16 11.16
CA SER A 56 -2.50 -5.41 11.84
C SER A 56 -1.09 -5.90 11.49
N ARG A 57 -0.66 -6.96 12.19
CA ARG A 57 0.68 -7.56 12.29
C ARG A 57 1.21 -8.21 11.00
N GLY A 58 0.43 -8.14 9.93
CA GLY A 58 0.66 -8.80 8.66
C GLY A 58 -0.55 -8.78 7.74
N HIS A 59 -0.41 -9.42 6.58
CA HIS A 59 -1.35 -9.40 5.44
C HIS A 59 -2.77 -9.84 5.80
N HIS A 60 -3.74 -9.41 4.99
CA HIS A 60 -5.15 -9.79 5.09
C HIS A 60 -5.86 -9.67 3.73
N ASN A 61 -7.06 -10.27 3.61
CA ASN A 61 -7.78 -10.48 2.36
C ASN A 61 -8.63 -9.27 2.01
N CYS A 62 -7.96 -8.15 1.72
CA CYS A 62 -8.62 -6.90 1.38
C CYS A 62 -9.51 -7.04 0.14
N SER A 63 -10.50 -6.15 -0.02
CA SER A 63 -11.58 -6.27 -1.03
C SER A 63 -12.30 -7.63 -1.00
N GLU A 64 -12.32 -8.26 0.19
CA GLU A 64 -12.77 -9.63 0.44
C GLU A 64 -12.06 -10.70 -0.42
N SER A 65 -10.81 -10.43 -0.80
CA SER A 65 -9.94 -11.36 -1.53
C SER A 65 -8.48 -10.91 -1.46
N LEU A 1 -0.05 7.01 -16.05
CA LEU A 1 0.23 6.82 -14.63
C LEU A 1 -0.98 7.26 -13.77
N THR A 2 -0.85 7.10 -12.46
CA THR A 2 -1.77 7.53 -11.40
C THR A 2 -0.95 8.10 -10.24
N LYS A 3 -1.60 8.71 -9.24
CA LYS A 3 -0.94 9.14 -7.99
C LYS A 3 -0.18 7.99 -7.31
N CYS A 4 -0.71 6.76 -7.39
CA CYS A 4 -0.01 5.56 -6.99
C CYS A 4 1.25 5.33 -7.82
N GLN A 5 1.12 5.15 -9.14
CA GLN A 5 2.26 4.83 -10.03
C GLN A 5 3.33 5.93 -10.01
N GLU A 6 2.92 7.20 -9.84
CA GLU A 6 3.81 8.33 -9.59
C GLU A 6 4.60 8.09 -8.30
N GLU A 7 3.94 7.93 -7.16
CA GLU A 7 4.61 7.75 -5.88
C GLU A 7 5.47 6.47 -5.79
N VAL A 8 5.10 5.41 -6.51
CA VAL A 8 5.94 4.21 -6.69
C VAL A 8 7.27 4.56 -7.38
N SER A 9 7.26 5.54 -8.29
CA SER A 9 8.48 6.13 -8.87
C SER A 9 9.17 7.16 -7.95
N HIS A 10 8.42 7.86 -7.09
CA HIS A 10 8.99 8.83 -6.12
C HIS A 10 9.81 8.11 -5.04
N ILE A 11 9.24 7.06 -4.45
CA ILE A 11 9.89 6.23 -3.42
C ILE A 11 10.63 5.09 -4.12
N PRO A 12 11.99 5.03 -4.10
CA PRO A 12 12.72 3.90 -4.63
C PRO A 12 12.60 2.67 -3.71
N ALA A 13 12.95 1.48 -4.22
CA ALA A 13 13.01 0.24 -3.44
C ALA A 13 13.97 0.33 -2.23
N VAL A 14 14.93 1.27 -2.25
CA VAL A 14 15.79 1.62 -1.11
C VAL A 14 14.98 2.48 -0.12
N HIS A 15 14.04 1.83 0.58
CA HIS A 15 13.22 2.43 1.65
C HIS A 15 13.41 1.81 3.06
N PRO A 16 14.56 1.20 3.45
CA PRO A 16 14.69 0.47 4.72
C PRO A 16 14.50 1.38 5.93
N GLY A 17 13.45 1.10 6.71
CA GLY A 17 13.00 1.92 7.85
C GLY A 17 11.75 2.75 7.53
N SER A 18 11.39 2.86 6.25
CA SER A 18 10.23 3.57 5.73
C SER A 18 9.27 2.63 4.97
N PHE A 19 8.15 3.19 4.53
CA PHE A 19 7.11 2.59 3.68
C PHE A 19 7.40 2.88 2.19
N ARG A 20 6.81 2.05 1.32
CA ARG A 20 6.77 2.25 -0.14
C ARG A 20 5.40 1.78 -0.67
N PRO A 21 4.70 2.58 -1.49
CA PRO A 21 3.42 2.18 -2.06
C PRO A 21 3.57 1.14 -3.16
N LYS A 22 2.45 0.54 -3.58
CA LYS A 22 2.30 -0.37 -4.72
C LYS A 22 0.89 -0.30 -5.29
N CYS A 23 0.70 -0.70 -6.55
CA CYS A 23 -0.53 -0.50 -7.33
C CYS A 23 -1.05 -1.79 -7.98
N ASP A 24 -2.36 -1.84 -8.23
CA ASP A 24 -3.07 -2.96 -8.81
C ASP A 24 -3.10 -2.93 -10.35
N GLU A 25 -3.71 -3.96 -10.97
CA GLU A 25 -3.85 -4.08 -12.43
C GLU A 25 -4.68 -2.96 -13.08
N ASN A 26 -5.40 -2.17 -12.28
CA ASN A 26 -6.14 -0.97 -12.69
C ASN A 26 -5.36 0.32 -12.38
N GLY A 27 -4.06 0.23 -12.06
CA GLY A 27 -3.17 1.36 -11.76
C GLY A 27 -3.51 2.13 -10.48
N ASN A 28 -4.51 1.67 -9.73
CA ASN A 28 -4.95 2.24 -8.46
C ASN A 28 -4.09 1.64 -7.34
N TYR A 29 -4.14 2.21 -6.14
CA TYR A 29 -3.37 1.68 -5.01
C TYR A 29 -3.79 0.22 -4.74
N LEU A 30 -2.81 -0.68 -4.61
CA LEU A 30 -3.08 -2.07 -4.23
C LEU A 30 -3.91 -2.07 -2.94
N PRO A 31 -5.13 -2.65 -2.91
CA PRO A 31 -6.02 -2.61 -1.74
C PRO A 31 -5.44 -3.12 -0.42
N LEU A 32 -4.25 -3.73 -0.42
CA LEU A 32 -3.43 -4.07 0.74
C LEU A 32 -2.12 -3.27 0.60
N GLN A 33 -1.77 -2.47 1.62
CA GLN A 33 -0.49 -1.76 1.69
C GLN A 33 0.24 -2.16 2.97
N CYS A 34 1.57 -2.24 2.90
CA CYS A 34 2.42 -2.73 3.99
C CYS A 34 3.65 -1.87 4.21
N TYR A 35 3.86 -1.41 5.44
CA TYR A 35 5.10 -0.75 5.90
C TYR A 35 6.08 -1.88 6.28
N GLY A 36 6.55 -2.58 5.23
CA GLY A 36 7.34 -3.82 5.33
C GLY A 36 8.54 -3.72 6.28
N SER A 37 9.20 -2.56 6.34
CA SER A 37 10.30 -2.25 7.26
C SER A 37 9.99 -2.51 8.74
N ILE A 38 8.70 -2.52 9.14
CA ILE A 38 8.24 -2.86 10.49
C ILE A 38 7.23 -4.03 10.50
N GLY A 39 6.95 -4.64 9.35
CA GLY A 39 6.08 -5.81 9.19
C GLY A 39 4.57 -5.53 9.24
N TYR A 40 4.16 -4.27 9.40
CA TYR A 40 2.73 -3.91 9.49
C TYR A 40 2.08 -3.74 8.12
N CYS A 41 0.79 -4.08 8.03
CA CYS A 41 -0.07 -3.81 6.88
C CYS A 41 -1.42 -3.23 7.29
N TRP A 42 -2.11 -2.64 6.32
CA TRP A 42 -3.51 -2.20 6.38
C TRP A 42 -4.12 -2.36 4.98
N CYS A 43 -5.46 -2.37 4.91
CA CYS A 43 -6.13 -2.29 3.62
C CYS A 43 -6.28 -0.81 3.25
N VAL A 44 -6.35 -0.51 1.95
CA VAL A 44 -6.70 0.81 1.43
C VAL A 44 -7.82 0.69 0.40
N PHE A 45 -8.60 1.76 0.25
CA PHE A 45 -9.52 1.90 -0.88
C PHE A 45 -8.66 2.22 -2.13
N PRO A 46 -9.15 2.03 -3.36
CA PRO A 46 -8.35 2.21 -4.60
C PRO A 46 -7.61 3.56 -4.73
N ASN A 47 -8.11 4.61 -4.08
CA ASN A 47 -7.51 5.94 -4.02
C ASN A 47 -6.31 6.06 -3.06
N GLY A 48 -6.04 5.04 -2.22
CA GLY A 48 -4.95 5.01 -1.24
C GLY A 48 -5.37 5.33 0.21
N THR A 49 -6.65 5.64 0.48
CA THR A 49 -7.14 5.91 1.84
C THR A 49 -7.27 4.60 2.61
N GLU A 50 -6.69 4.51 3.81
CA GLU A 50 -6.79 3.33 4.67
C GLU A 50 -8.25 2.95 5.01
N VAL A 51 -8.53 1.65 5.02
CA VAL A 51 -9.77 1.06 5.52
C VAL A 51 -9.58 0.90 7.05
N PRO A 52 -10.31 1.68 7.89
CA PRO A 52 -10.08 1.76 9.33
C PRO A 52 -9.97 0.41 10.04
N ASN A 53 -9.18 0.38 11.10
CA ASN A 53 -8.96 -0.77 12.00
C ASN A 53 -8.40 -2.03 11.32
N THR A 54 -8.02 -2.00 10.03
CA THR A 54 -7.32 -3.12 9.38
C THR A 54 -5.87 -3.22 9.83
N ARG A 55 -5.28 -2.09 10.26
CA ARG A 55 -3.88 -1.96 10.70
C ARG A 55 -3.46 -3.14 11.57
N SER A 56 -2.60 -4.01 11.04
CA SER A 56 -2.22 -5.29 11.65
C SER A 56 -0.74 -5.60 11.42
N ARG A 57 -0.23 -6.57 12.19
CA ARG A 57 1.15 -7.11 12.17
C ARG A 57 1.39 -8.10 11.01
N GLY A 58 0.50 -8.08 10.02
CA GLY A 58 0.51 -8.93 8.83
C GLY A 58 -0.63 -8.61 7.87
N HIS A 59 -0.71 -9.38 6.77
CA HIS A 59 -1.65 -9.21 5.65
C HIS A 59 -3.12 -9.45 6.04
N HIS A 60 -4.05 -9.07 5.15
CA HIS A 60 -5.49 -9.33 5.26
C HIS A 60 -6.16 -9.35 3.88
N ASN A 61 -7.40 -9.85 3.81
CA ASN A 61 -8.16 -10.19 2.62
C ASN A 61 -8.90 -8.97 2.04
N CYS A 62 -8.14 -7.96 1.62
CA CYS A 62 -8.70 -6.70 1.14
C CYS A 62 -9.50 -6.83 -0.17
N SER A 63 -10.31 -5.81 -0.50
CA SER A 63 -11.12 -5.71 -1.71
C SER A 63 -10.27 -5.49 -2.97
N GLU A 64 -9.57 -6.55 -3.41
CA GLU A 64 -8.53 -6.63 -4.42
C GLU A 64 -8.93 -6.25 -5.85
N SER A 65 -9.21 -4.97 -6.04
CA SER A 65 -9.39 -4.30 -7.34
C SER A 65 -8.17 -4.54 -8.24
N LEU A 1 2.30 7.30 -13.76
CA LEU A 1 1.14 7.24 -14.65
C LEU A 1 -0.20 7.53 -13.95
N THR A 2 -0.16 7.32 -12.65
CA THR A 2 -1.12 7.67 -11.60
C THR A 2 -0.36 8.07 -10.34
N LYS A 3 -1.02 8.73 -9.37
CA LYS A 3 -0.40 9.15 -8.11
C LYS A 3 0.30 7.98 -7.39
N CYS A 4 -0.33 6.80 -7.37
CA CYS A 4 0.27 5.58 -6.89
C CYS A 4 1.56 5.25 -7.66
N GLN A 5 1.48 5.06 -8.97
CA GLN A 5 2.62 4.67 -9.81
C GLN A 5 3.76 5.70 -9.79
N GLU A 6 3.44 7.00 -9.68
CA GLU A 6 4.38 8.09 -9.46
C GLU A 6 5.10 7.92 -8.12
N GLU A 7 4.36 7.81 -7.01
CA GLU A 7 4.97 7.60 -5.69
C GLU A 7 5.81 6.32 -5.62
N VAL A 8 5.35 5.23 -6.23
CA VAL A 8 6.11 3.98 -6.35
C VAL A 8 7.39 4.15 -7.19
N SER A 9 7.33 5.06 -8.17
CA SER A 9 8.47 5.50 -9.00
C SER A 9 9.32 6.60 -8.35
N HIS A 10 9.05 7.01 -7.10
CA HIS A 10 9.79 8.06 -6.38
C HIS A 10 10.31 7.57 -5.02
N ILE A 11 9.56 6.70 -4.34
CA ILE A 11 9.97 5.94 -3.16
C ILE A 11 10.41 4.57 -3.68
N PRO A 12 11.71 4.25 -3.75
CA PRO A 12 12.19 2.98 -4.30
C PRO A 12 11.98 1.81 -3.32
N ALA A 13 12.21 0.58 -3.79
CA ALA A 13 12.20 -0.63 -2.98
C ALA A 13 13.17 -0.59 -1.78
N VAL A 14 14.22 0.23 -1.87
CA VAL A 14 15.12 0.56 -0.76
C VAL A 14 14.45 1.65 0.09
N HIS A 15 13.47 1.24 0.90
CA HIS A 15 12.72 2.11 1.83
C HIS A 15 12.92 1.77 3.33
N PRO A 16 14.16 1.58 3.82
CA PRO A 16 14.41 1.24 5.23
C PRO A 16 13.94 2.37 6.15
N GLY A 17 13.16 2.01 7.18
CA GLY A 17 12.49 2.93 8.09
C GLY A 17 11.18 3.53 7.54
N SER A 18 10.87 3.34 6.25
CA SER A 18 9.77 4.02 5.56
C SER A 18 8.72 3.06 4.99
N PHE A 19 7.54 3.63 4.73
CA PHE A 19 6.50 3.01 3.92
C PHE A 19 6.90 3.17 2.44
N ARG A 20 6.26 2.37 1.57
CA ARG A 20 6.28 2.47 0.12
C ARG A 20 4.90 1.98 -0.38
N PRO A 21 4.20 2.72 -1.25
CA PRO A 21 2.93 2.25 -1.80
C PRO A 21 3.10 1.08 -2.79
N LYS A 22 1.97 0.48 -3.18
CA LYS A 22 1.85 -0.60 -4.17
C LYS A 22 0.59 -0.38 -5.02
N CYS A 23 0.59 -0.77 -6.30
CA CYS A 23 -0.49 -0.47 -7.25
C CYS A 23 -0.91 -1.68 -8.09
N ASP A 24 -2.14 -1.62 -8.60
CA ASP A 24 -2.79 -2.66 -9.37
C ASP A 24 -2.78 -2.41 -10.90
N GLU A 25 -3.33 -3.38 -11.66
CA GLU A 25 -3.44 -3.35 -13.13
C GLU A 25 -4.30 -2.20 -13.69
N ASN A 26 -5.10 -1.53 -12.84
CA ASN A 26 -5.83 -0.30 -13.15
C ASN A 26 -5.09 0.96 -12.66
N GLY A 27 -3.80 0.85 -12.29
CA GLY A 27 -2.97 1.95 -11.83
C GLY A 27 -3.41 2.56 -10.48
N ASN A 28 -4.39 1.94 -9.81
CA ASN A 28 -4.92 2.37 -8.53
C ASN A 28 -4.08 1.72 -7.41
N TYR A 29 -4.21 2.23 -6.18
CA TYR A 29 -3.52 1.66 -5.03
C TYR A 29 -4.03 0.24 -4.79
N LEU A 30 -3.10 -0.72 -4.71
CA LEU A 30 -3.43 -2.12 -4.43
C LEU A 30 -4.27 -2.19 -3.13
N PRO A 31 -5.41 -2.90 -3.08
CA PRO A 31 -6.30 -3.00 -1.91
C PRO A 31 -5.64 -3.33 -0.56
N LEU A 32 -4.42 -3.87 -0.57
CA LEU A 32 -3.53 -4.05 0.58
C LEU A 32 -2.28 -3.19 0.38
N GLN A 33 -1.87 -2.42 1.39
CA GLN A 33 -0.62 -1.67 1.42
C GLN A 33 0.21 -2.11 2.64
N CYS A 34 1.54 -2.11 2.52
CA CYS A 34 2.44 -2.62 3.55
C CYS A 34 3.66 -1.72 3.82
N TYR A 35 3.78 -1.23 5.05
CA TYR A 35 4.97 -0.56 5.59
C TYR A 35 5.93 -1.66 6.07
N GLY A 36 6.46 -2.40 5.09
CA GLY A 36 7.23 -3.62 5.27
C GLY A 36 8.44 -3.46 6.20
N SER A 37 9.07 -2.28 6.22
CA SER A 37 10.20 -1.99 7.11
C SER A 37 9.88 -2.04 8.61
N ILE A 38 8.60 -2.11 9.02
CA ILE A 38 8.17 -2.40 10.39
C ILE A 38 7.22 -3.61 10.44
N GLY A 39 7.05 -4.33 9.34
CA GLY A 39 6.18 -5.50 9.21
C GLY A 39 4.69 -5.20 9.14
N TYR A 40 4.29 -3.92 9.08
CA TYR A 40 2.87 -3.53 9.09
C TYR A 40 2.22 -3.59 7.70
N CYS A 41 0.94 -3.94 7.66
CA CYS A 41 0.07 -3.78 6.50
C CYS A 41 -1.30 -3.26 6.94
N TRP A 42 -2.02 -2.64 6.01
CA TRP A 42 -3.42 -2.24 6.14
C TRP A 42 -4.13 -2.40 4.80
N CYS A 43 -5.45 -2.41 4.83
CA CYS A 43 -6.24 -2.35 3.61
C CYS A 43 -6.47 -0.90 3.21
N VAL A 44 -6.61 -0.64 1.91
CA VAL A 44 -6.99 0.68 1.38
C VAL A 44 -8.10 0.56 0.34
N PHE A 45 -8.84 1.65 0.13
CA PHE A 45 -9.71 1.79 -1.03
C PHE A 45 -8.83 2.14 -2.24
N PRO A 46 -9.26 1.94 -3.50
CA PRO A 46 -8.43 2.12 -4.70
C PRO A 46 -7.70 3.48 -4.83
N ASN A 47 -8.22 4.53 -4.20
CA ASN A 47 -7.64 5.86 -4.12
C ASN A 47 -6.46 5.99 -3.11
N GLY A 48 -6.23 4.98 -2.27
CA GLY A 48 -5.21 4.96 -1.22
C GLY A 48 -5.73 5.23 0.20
N THR A 49 -7.03 5.46 0.41
CA THR A 49 -7.60 5.71 1.75
C THR A 49 -7.61 4.42 2.57
N GLU A 50 -6.86 4.38 3.68
CA GLU A 50 -6.83 3.26 4.61
C GLU A 50 -8.20 2.91 5.21
N VAL A 51 -8.48 1.61 5.29
CA VAL A 51 -9.60 1.03 6.03
C VAL A 51 -9.12 0.87 7.49
N PRO A 52 -9.62 1.68 8.44
CA PRO A 52 -9.07 1.75 9.79
C PRO A 52 -9.22 0.41 10.53
N ASN A 53 -8.39 0.23 11.56
CA ASN A 53 -8.24 -0.98 12.37
C ASN A 53 -7.79 -2.24 11.60
N THR A 54 -7.56 -2.19 10.28
CA THR A 54 -6.92 -3.30 9.55
C THR A 54 -5.44 -3.39 9.90
N ARG A 55 -4.82 -2.25 10.25
CA ARG A 55 -3.38 -2.07 10.52
C ARG A 55 -2.77 -3.20 11.39
N SER A 56 -2.17 -4.20 10.75
CA SER A 56 -1.70 -5.46 11.35
C SER A 56 -0.22 -5.71 11.06
N ARG A 57 0.43 -6.61 11.82
CA ARG A 57 1.81 -7.11 11.69
C ARG A 57 1.98 -8.07 10.49
N GLY A 58 1.04 -8.03 9.54
CA GLY A 58 1.00 -8.86 8.35
C GLY A 58 -0.22 -8.60 7.48
N HIS A 59 -0.31 -9.34 6.36
CA HIS A 59 -1.34 -9.24 5.33
C HIS A 59 -2.75 -9.58 5.83
N HIS A 60 -3.78 -9.19 5.07
CA HIS A 60 -5.19 -9.54 5.32
C HIS A 60 -6.03 -9.48 4.04
N ASN A 61 -7.20 -10.14 4.06
CA ASN A 61 -8.07 -10.41 2.92
C ASN A 61 -8.99 -9.21 2.63
N CYS A 62 -8.38 -8.12 2.18
CA CYS A 62 -9.03 -6.81 2.02
C CYS A 62 -10.32 -6.82 1.20
N SER A 63 -11.41 -6.34 1.83
CA SER A 63 -12.77 -6.18 1.28
C SER A 63 -12.94 -5.16 0.14
N GLU A 64 -11.83 -4.81 -0.50
CA GLU A 64 -11.72 -3.89 -1.65
C GLU A 64 -11.02 -4.56 -2.85
N SER A 65 -10.82 -5.88 -2.74
CA SER A 65 -10.13 -6.74 -3.69
C SER A 65 -10.81 -6.72 -5.06
N LEU A 1 0.53 9.03 -15.52
CA LEU A 1 0.44 8.01 -14.49
C LEU A 1 -0.21 8.56 -13.21
N THR A 2 -0.62 7.68 -12.29
CA THR A 2 -1.35 8.04 -11.08
C THR A 2 -0.43 8.48 -9.94
N LYS A 3 -0.99 9.06 -8.87
CA LYS A 3 -0.26 9.33 -7.62
C LYS A 3 0.39 8.06 -7.04
N CYS A 4 -0.30 6.92 -7.10
CA CYS A 4 0.27 5.62 -6.74
C CYS A 4 1.48 5.29 -7.62
N GLN A 5 1.30 5.27 -8.95
CA GLN A 5 2.38 4.95 -9.90
C GLN A 5 3.57 5.90 -9.78
N GLU A 6 3.34 7.21 -9.55
CA GLU A 6 4.38 8.19 -9.22
C GLU A 6 5.11 7.78 -7.95
N GLU A 7 4.41 7.65 -6.82
CA GLU A 7 5.03 7.35 -5.53
C GLU A 7 5.83 6.04 -5.58
N VAL A 8 5.29 4.99 -6.23
CA VAL A 8 6.00 3.72 -6.42
C VAL A 8 7.24 3.88 -7.33
N SER A 9 7.17 4.79 -8.31
CA SER A 9 8.28 5.18 -9.20
C SER A 9 9.26 6.20 -8.59
N HIS A 10 9.04 6.68 -7.36
CA HIS A 10 9.85 7.72 -6.72
C HIS A 10 10.39 7.28 -5.35
N ILE A 11 9.63 6.45 -4.62
CA ILE A 11 10.06 5.74 -3.42
C ILE A 11 10.50 4.35 -3.91
N PRO A 12 11.80 4.01 -3.94
CA PRO A 12 12.26 2.71 -4.40
C PRO A 12 11.99 1.61 -3.37
N ALA A 13 12.18 0.35 -3.79
CA ALA A 13 12.09 -0.83 -2.92
C ALA A 13 13.08 -0.78 -1.72
N VAL A 14 14.13 0.03 -1.82
CA VAL A 14 15.03 0.36 -0.71
C VAL A 14 14.43 1.55 0.05
N HIS A 15 13.40 1.26 0.86
CA HIS A 15 12.72 2.23 1.75
C HIS A 15 13.01 1.94 3.24
N PRO A 16 14.24 2.20 3.73
CA PRO A 16 14.64 1.86 5.10
C PRO A 16 13.81 2.67 6.12
N GLY A 17 13.34 1.97 7.16
CA GLY A 17 12.48 2.50 8.23
C GLY A 17 11.20 3.21 7.77
N SER A 18 10.86 3.17 6.48
CA SER A 18 9.82 4.00 5.84
C SER A 18 8.85 3.18 4.99
N PHE A 19 7.75 3.80 4.57
CA PHE A 19 6.68 3.19 3.78
C PHE A 19 6.92 3.37 2.26
N ARG A 20 6.39 2.42 1.48
CA ARG A 20 6.30 2.47 0.02
C ARG A 20 4.91 1.91 -0.37
N PRO A 21 4.13 2.61 -1.21
CA PRO A 21 2.84 2.08 -1.67
C PRO A 21 3.00 0.93 -2.69
N LYS A 22 1.86 0.36 -3.09
CA LYS A 22 1.71 -0.68 -4.13
C LYS A 22 0.46 -0.38 -4.96
N CYS A 23 0.45 -0.77 -6.24
CA CYS A 23 -0.65 -0.42 -7.18
C CYS A 23 -1.09 -1.61 -8.03
N ASP A 24 -2.31 -1.51 -8.55
CA ASP A 24 -3.01 -2.56 -9.28
C ASP A 24 -2.92 -2.42 -10.82
N GLU A 25 -3.55 -3.35 -11.55
CA GLU A 25 -3.62 -3.41 -13.02
C GLU A 25 -4.30 -2.20 -13.69
N ASN A 26 -4.82 -1.26 -12.90
CA ASN A 26 -5.39 0.02 -13.33
C ASN A 26 -4.68 1.21 -12.65
N GLY A 27 -3.45 1.01 -12.14
CA GLY A 27 -2.60 2.05 -11.55
C GLY A 27 -3.15 2.69 -10.28
N ASN A 28 -4.26 2.17 -9.74
CA ASN A 28 -4.84 2.60 -8.48
C ASN A 28 -4.15 1.86 -7.32
N TYR A 29 -4.28 2.34 -6.09
CA TYR A 29 -3.63 1.74 -4.94
C TYR A 29 -4.16 0.32 -4.73
N LEU A 30 -3.25 -0.66 -4.65
CA LEU A 30 -3.61 -2.05 -4.37
C LEU A 30 -4.42 -2.12 -3.07
N PRO A 31 -5.58 -2.81 -3.01
CA PRO A 31 -6.43 -2.88 -1.81
C PRO A 31 -5.75 -3.26 -0.48
N LEU A 32 -4.54 -3.84 -0.52
CA LEU A 32 -3.65 -4.05 0.63
C LEU A 32 -2.40 -3.17 0.43
N GLN A 33 -2.00 -2.41 1.45
CA GLN A 33 -0.74 -1.67 1.50
C GLN A 33 0.08 -2.13 2.70
N CYS A 34 1.41 -2.13 2.59
CA CYS A 34 2.31 -2.65 3.61
C CYS A 34 3.54 -1.77 3.82
N TYR A 35 3.72 -1.31 5.06
CA TYR A 35 4.92 -0.65 5.55
C TYR A 35 5.92 -1.75 5.94
N GLY A 36 6.44 -2.43 4.91
CA GLY A 36 7.28 -3.62 5.00
C GLY A 36 8.50 -3.43 5.91
N SER A 37 9.09 -2.23 5.93
CA SER A 37 10.26 -1.87 6.75
C SER A 37 10.03 -1.95 8.26
N ILE A 38 8.78 -2.10 8.73
CA ILE A 38 8.42 -2.44 10.11
C ILE A 38 7.58 -3.73 10.17
N GLY A 39 7.22 -4.30 9.01
CA GLY A 39 6.42 -5.52 8.86
C GLY A 39 4.93 -5.34 9.14
N TYR A 40 4.33 -4.17 8.88
CA TYR A 40 2.89 -3.91 9.11
C TYR A 40 2.14 -3.70 7.79
N CYS A 41 0.84 -4.02 7.77
CA CYS A 41 -0.05 -3.76 6.64
C CYS A 41 -1.41 -3.20 7.08
N TRP A 42 -2.15 -2.64 6.11
CA TRP A 42 -3.55 -2.24 6.23
C TRP A 42 -4.23 -2.39 4.87
N CYS A 43 -5.56 -2.39 4.86
CA CYS A 43 -6.33 -2.31 3.62
C CYS A 43 -6.55 -0.84 3.26
N VAL A 44 -6.68 -0.55 1.96
CA VAL A 44 -7.04 0.77 1.45
C VAL A 44 -8.14 0.69 0.40
N PHE A 45 -8.86 1.79 0.21
CA PHE A 45 -9.73 1.97 -0.94
C PHE A 45 -8.83 2.33 -2.16
N PRO A 46 -9.27 2.18 -3.42
CA PRO A 46 -8.44 2.37 -4.61
C PRO A 46 -7.68 3.72 -4.72
N ASN A 47 -8.16 4.76 -4.03
CA ASN A 47 -7.53 6.08 -3.92
C ASN A 47 -6.36 6.15 -2.91
N GLY A 48 -6.16 5.10 -2.09
CA GLY A 48 -5.13 5.03 -1.04
C GLY A 48 -5.63 5.30 0.38
N THR A 49 -6.92 5.59 0.60
CA THR A 49 -7.48 5.85 1.94
C THR A 49 -7.59 4.54 2.71
N GLU A 50 -6.95 4.45 3.89
CA GLU A 50 -6.99 3.28 4.77
C GLU A 50 -8.42 2.90 5.21
N VAL A 51 -8.69 1.59 5.20
CA VAL A 51 -9.88 0.98 5.80
C VAL A 51 -9.52 0.77 7.29
N PRO A 52 -10.12 1.53 8.22
CA PRO A 52 -9.68 1.57 9.61
C PRO A 52 -9.79 0.21 10.32
N ASN A 53 -9.02 0.05 11.39
CA ASN A 53 -8.83 -1.15 12.19
C ASN A 53 -8.16 -2.33 11.45
N THR A 54 -7.80 -2.20 10.16
CA THR A 54 -7.03 -3.23 9.44
C THR A 54 -5.53 -3.14 9.74
N ARG A 55 -5.04 -1.98 10.23
CA ARG A 55 -3.63 -1.71 10.51
C ARG A 55 -3.08 -2.77 11.48
N SER A 56 -2.37 -3.77 10.94
CA SER A 56 -1.99 -4.98 11.67
C SER A 56 -0.58 -5.49 11.34
N ARG A 57 -0.14 -6.47 12.14
CA ARG A 57 1.17 -7.12 12.28
C ARG A 57 1.66 -7.88 11.04
N GLY A 58 0.86 -7.89 9.96
CA GLY A 58 1.19 -8.51 8.68
C GLY A 58 0.04 -8.43 7.68
N HIS A 59 0.24 -9.06 6.52
CA HIS A 59 -0.68 -9.10 5.39
C HIS A 59 -2.08 -9.63 5.76
N HIS A 60 -3.08 -9.27 4.95
CA HIS A 60 -4.46 -9.73 5.06
C HIS A 60 -5.17 -9.64 3.70
N ASN A 61 -6.40 -10.18 3.60
CA ASN A 61 -7.13 -10.34 2.36
C ASN A 61 -8.26 -9.32 2.28
N CYS A 62 -7.87 -8.12 1.85
CA CYS A 62 -8.73 -6.99 1.56
C CYS A 62 -9.67 -7.25 0.36
N SER A 63 -10.40 -6.22 -0.08
CA SER A 63 -11.19 -6.16 -1.31
C SER A 63 -10.35 -6.27 -2.60
N GLU A 64 -9.48 -7.28 -2.71
CA GLU A 64 -8.48 -7.54 -3.76
C GLU A 64 -9.08 -7.93 -5.13
N SER A 65 -10.26 -7.40 -5.48
CA SER A 65 -10.94 -7.64 -6.76
C SER A 65 -10.09 -7.13 -7.93
N LEU A 1 0.98 9.32 -15.08
CA LEU A 1 0.83 8.35 -14.00
C LEU A 1 -0.11 8.90 -12.91
N THR A 2 -0.66 8.01 -12.09
CA THR A 2 -1.45 8.35 -10.90
C THR A 2 -0.54 8.64 -9.72
N LYS A 3 -1.07 9.24 -8.63
CA LYS A 3 -0.31 9.45 -7.39
C LYS A 3 0.30 8.14 -6.85
N CYS A 4 -0.46 7.04 -6.93
CA CYS A 4 0.04 5.69 -6.65
C CYS A 4 1.22 5.34 -7.56
N GLN A 5 1.00 5.30 -8.89
CA GLN A 5 2.01 4.86 -9.84
C GLN A 5 3.25 5.76 -9.83
N GLU A 6 3.11 7.07 -9.59
CA GLU A 6 4.21 8.01 -9.38
C GLU A 6 5.08 7.55 -8.22
N GLU A 7 4.51 7.43 -7.01
CA GLU A 7 5.23 6.96 -5.83
C GLU A 7 5.88 5.59 -6.08
N VAL A 8 5.14 4.65 -6.64
CA VAL A 8 5.64 3.30 -6.98
C VAL A 8 6.77 3.33 -8.02
N SER A 9 6.79 4.33 -8.89
CA SER A 9 7.89 4.63 -9.80
C SER A 9 9.08 5.40 -9.17
N HIS A 10 9.01 5.79 -7.89
CA HIS A 10 9.99 6.69 -7.27
C HIS A 10 10.54 6.21 -5.92
N ILE A 11 9.82 5.37 -5.17
CA ILE A 11 10.30 4.80 -3.90
C ILE A 11 11.26 3.62 -4.20
N PRO A 12 12.55 3.69 -3.83
CA PRO A 12 13.47 2.56 -3.99
C PRO A 12 13.13 1.43 -2.99
N ALA A 13 13.64 0.22 -3.24
CA ALA A 13 13.55 -0.89 -2.29
C ALA A 13 14.27 -0.60 -0.96
N VAL A 14 15.27 0.29 -0.99
CA VAL A 14 15.93 0.85 0.19
C VAL A 14 15.04 1.96 0.77
N HIS A 15 13.95 1.56 1.43
CA HIS A 15 13.04 2.45 2.16
C HIS A 15 13.13 2.22 3.70
N PRO A 16 14.29 2.49 4.33
CA PRO A 16 14.50 2.24 5.77
C PRO A 16 13.58 3.12 6.62
N GLY A 17 12.98 2.49 7.65
CA GLY A 17 11.96 3.09 8.51
C GLY A 17 10.77 3.73 7.77
N SER A 18 10.60 3.48 6.46
CA SER A 18 9.70 4.21 5.58
C SER A 18 8.69 3.30 4.86
N PHE A 19 7.55 3.87 4.47
CA PHE A 19 6.49 3.21 3.72
C PHE A 19 6.84 3.04 2.23
N ARG A 20 6.19 2.07 1.56
CA ARG A 20 6.21 1.90 0.11
C ARG A 20 4.83 1.45 -0.41
N PRO A 21 4.13 2.26 -1.23
CA PRO A 21 2.84 1.88 -1.78
C PRO A 21 2.93 0.80 -2.87
N LYS A 22 1.75 0.26 -3.23
CA LYS A 22 1.48 -0.80 -4.22
C LYS A 22 0.27 -0.40 -5.08
N CYS A 23 0.25 -0.72 -6.38
CA CYS A 23 -0.85 -0.36 -7.29
C CYS A 23 -1.29 -1.52 -8.19
N ASP A 24 -2.51 -1.40 -8.71
CA ASP A 24 -3.13 -2.33 -9.64
C ASP A 24 -2.97 -1.90 -11.11
N GLU A 25 -3.42 -2.76 -12.04
CA GLU A 25 -3.42 -2.48 -13.49
C GLU A 25 -4.23 -1.25 -13.89
N ASN A 26 -5.17 -0.83 -13.03
CA ASN A 26 -6.01 0.37 -13.15
C ASN A 26 -5.29 1.62 -12.63
N GLY A 27 -4.00 1.52 -12.26
CA GLY A 27 -3.18 2.60 -11.70
C GLY A 27 -3.64 3.10 -10.32
N ASN A 28 -4.60 2.42 -9.70
CA ASN A 28 -5.13 2.74 -8.39
C ASN A 28 -4.34 1.99 -7.32
N TYR A 29 -4.43 2.44 -6.05
CA TYR A 29 -3.78 1.76 -4.93
C TYR A 29 -4.34 0.35 -4.79
N LEU A 30 -3.45 -0.64 -4.76
CA LEU A 30 -3.82 -2.04 -4.52
C LEU A 30 -4.60 -2.11 -3.19
N PRO A 31 -5.70 -2.89 -3.08
CA PRO A 31 -6.50 -2.98 -1.85
C PRO A 31 -5.72 -3.24 -0.56
N LEU A 32 -4.55 -3.91 -0.62
CA LEU A 32 -3.59 -4.06 0.49
C LEU A 32 -2.40 -3.12 0.26
N GLN A 33 -1.98 -2.42 1.32
CA GLN A 33 -0.73 -1.66 1.36
C GLN A 33 0.11 -2.11 2.56
N CYS A 34 1.44 -2.02 2.45
CA CYS A 34 2.35 -2.45 3.51
C CYS A 34 3.51 -1.48 3.73
N TYR A 35 4.02 -1.50 4.95
CA TYR A 35 5.11 -0.71 5.49
C TYR A 35 6.10 -1.70 6.13
N GLY A 36 6.71 -2.52 5.25
CA GLY A 36 7.57 -3.65 5.62
C GLY A 36 8.73 -3.25 6.54
N SER A 37 9.23 -2.02 6.40
CA SER A 37 10.28 -1.44 7.25
C SER A 37 9.92 -1.34 8.74
N ILE A 38 8.64 -1.53 9.13
CA ILE A 38 8.16 -1.71 10.49
C ILE A 38 7.31 -2.99 10.64
N GLY A 39 7.23 -3.82 9.59
CA GLY A 39 6.48 -5.08 9.54
C GLY A 39 4.96 -4.93 9.33
N TYR A 40 4.45 -3.73 9.03
CA TYR A 40 3.00 -3.47 9.03
C TYR A 40 2.35 -3.62 7.64
N CYS A 41 1.03 -3.86 7.64
CA CYS A 41 0.12 -3.78 6.50
C CYS A 41 -1.25 -3.26 6.97
N TRP A 42 -2.01 -2.70 6.02
CA TRP A 42 -3.42 -2.31 6.17
C TRP A 42 -4.12 -2.46 4.82
N CYS A 43 -5.46 -2.46 4.83
CA CYS A 43 -6.22 -2.35 3.59
C CYS A 43 -6.47 -0.88 3.28
N VAL A 44 -6.65 -0.55 2.00
CA VAL A 44 -7.05 0.77 1.52
C VAL A 44 -8.17 0.65 0.49
N PHE A 45 -8.91 1.74 0.28
CA PHE A 45 -9.79 1.87 -0.88
C PHE A 45 -8.92 2.26 -2.10
N PRO A 46 -9.37 2.09 -3.36
CA PRO A 46 -8.55 2.32 -4.56
C PRO A 46 -7.84 3.69 -4.65
N ASN A 47 -8.37 4.72 -3.97
CA ASN A 47 -7.79 6.06 -3.83
C ASN A 47 -6.65 6.17 -2.80
N GLY A 48 -6.39 5.13 -2.00
CA GLY A 48 -5.34 5.08 -0.97
C GLY A 48 -5.84 5.26 0.47
N THR A 49 -7.15 5.48 0.68
CA THR A 49 -7.75 5.72 2.00
C THR A 49 -7.75 4.42 2.82
N GLU A 50 -6.99 4.38 3.91
CA GLU A 50 -6.91 3.23 4.83
C GLU A 50 -8.26 2.83 5.42
N VAL A 51 -8.52 1.52 5.42
CA VAL A 51 -9.63 0.86 6.11
C VAL A 51 -9.18 0.63 7.56
N PRO A 52 -9.79 1.33 8.55
CA PRO A 52 -9.32 1.30 9.93
C PRO A 52 -9.45 -0.10 10.54
N ASN A 53 -8.72 -0.32 11.64
CA ASN A 53 -8.59 -1.60 12.34
C ASN A 53 -8.03 -2.78 11.53
N THR A 54 -7.73 -2.62 10.23
CA THR A 54 -6.99 -3.64 9.46
C THR A 54 -5.52 -3.64 9.88
N ARG A 55 -5.00 -2.46 10.28
CA ARG A 55 -3.60 -2.17 10.56
C ARG A 55 -2.94 -3.25 11.44
N SER A 56 -2.19 -4.16 10.80
CA SER A 56 -1.64 -5.39 11.40
C SER A 56 -0.15 -5.52 11.09
N ARG A 57 0.55 -6.43 11.80
CA ARG A 57 1.94 -6.85 11.61
C ARG A 57 2.09 -7.87 10.44
N GLY A 58 1.12 -7.86 9.53
CA GLY A 58 1.05 -8.78 8.39
C GLY A 58 -0.24 -8.67 7.57
N HIS A 59 -0.34 -9.60 6.62
CA HIS A 59 -1.33 -9.66 5.54
C HIS A 59 -2.80 -9.79 5.99
N HIS A 60 -3.72 -9.29 5.15
CA HIS A 60 -5.16 -9.52 5.24
C HIS A 60 -5.79 -9.47 3.84
N ASN A 61 -6.97 -10.08 3.69
CA ASN A 61 -7.60 -10.35 2.39
C ASN A 61 -8.42 -9.16 1.87
N CYS A 62 -7.72 -8.05 1.65
CA CYS A 62 -8.30 -6.78 1.26
C CYS A 62 -9.13 -6.87 -0.01
N SER A 63 -10.44 -6.73 0.15
CA SER A 63 -11.44 -7.00 -0.88
C SER A 63 -12.10 -5.73 -1.44
N GLU A 64 -11.46 -4.58 -1.25
CA GLU A 64 -11.86 -3.24 -1.70
C GLU A 64 -11.64 -3.00 -3.21
N SER A 65 -11.65 -4.07 -4.00
CA SER A 65 -11.30 -4.12 -5.42
C SER A 65 -12.13 -3.14 -6.24
N LEU A 1 0.70 7.77 -15.81
CA LEU A 1 0.86 7.47 -14.40
C LEU A 1 -0.37 7.92 -13.60
N THR A 2 -0.35 7.65 -12.29
CA THR A 2 -1.30 8.06 -11.27
C THR A 2 -0.52 8.46 -10.02
N LYS A 3 -1.19 9.02 -8.99
CA LYS A 3 -0.59 9.27 -7.68
C LYS A 3 0.06 8.00 -7.09
N CYS A 4 -0.55 6.84 -7.29
CA CYS A 4 0.02 5.55 -6.93
C CYS A 4 1.30 5.26 -7.73
N GLN A 5 1.23 5.24 -9.07
CA GLN A 5 2.40 4.96 -9.91
C GLN A 5 3.55 5.95 -9.69
N GLU A 6 3.23 7.22 -9.42
CA GLU A 6 4.20 8.26 -9.02
C GLU A 6 4.88 7.86 -7.72
N GLU A 7 4.13 7.67 -6.63
CA GLU A 7 4.72 7.35 -5.32
C GLU A 7 5.51 6.03 -5.34
N VAL A 8 5.04 5.01 -6.07
CA VAL A 8 5.76 3.75 -6.27
C VAL A 8 7.03 3.91 -7.11
N SER A 9 7.02 4.86 -8.06
CA SER A 9 8.23 5.25 -8.81
C SER A 9 9.21 6.06 -7.94
N HIS A 10 8.71 6.99 -7.11
CA HIS A 10 9.50 7.89 -6.27
C HIS A 10 10.12 7.19 -5.06
N ILE A 11 9.37 6.30 -4.39
CA ILE A 11 9.88 5.42 -3.34
C ILE A 11 10.40 4.13 -4.00
N PRO A 12 11.72 3.85 -4.04
CA PRO A 12 12.23 2.58 -4.55
C PRO A 12 12.00 1.44 -3.55
N ALA A 13 12.20 0.19 -4.00
CA ALA A 13 12.12 -1.01 -3.16
C ALA A 13 13.10 -0.99 -1.97
N VAL A 14 14.14 -0.15 -2.00
CA VAL A 14 15.03 0.15 -0.89
C VAL A 14 14.38 1.26 -0.06
N HIS A 15 13.40 0.87 0.77
CA HIS A 15 12.66 1.76 1.68
C HIS A 15 12.89 1.46 3.18
N PRO A 16 14.16 1.41 3.67
CA PRO A 16 14.45 1.13 5.07
C PRO A 16 13.86 2.21 5.99
N GLY A 17 13.16 1.78 7.04
CA GLY A 17 12.41 2.64 7.95
C GLY A 17 11.16 3.32 7.34
N SER A 18 10.91 3.18 6.04
CA SER A 18 9.83 3.88 5.32
C SER A 18 8.74 2.94 4.81
N PHE A 19 7.56 3.50 4.60
CA PHE A 19 6.48 2.88 3.85
C PHE A 19 6.84 2.90 2.36
N ARG A 20 6.17 2.04 1.57
CA ARG A 20 6.16 2.02 0.10
C ARG A 20 4.78 1.53 -0.37
N PRO A 21 4.06 2.30 -1.21
CA PRO A 21 2.76 1.86 -1.71
C PRO A 21 2.83 0.74 -2.76
N LYS A 22 1.65 0.21 -3.12
CA LYS A 22 1.37 -0.87 -4.07
C LYS A 22 0.16 -0.50 -4.95
N CYS A 23 0.17 -0.90 -6.23
CA CYS A 23 -0.87 -0.50 -7.20
C CYS A 23 -1.32 -1.65 -8.09
N ASP A 24 -2.50 -1.49 -8.69
CA ASP A 24 -3.22 -2.50 -9.46
C ASP A 24 -3.14 -2.30 -10.99
N GLU A 25 -3.76 -3.22 -11.74
CA GLU A 25 -3.84 -3.24 -13.21
C GLU A 25 -4.62 -2.06 -13.83
N ASN A 26 -5.14 -1.15 -13.01
CA ASN A 26 -5.78 0.11 -13.39
C ASN A 26 -5.06 1.31 -12.75
N GLY A 27 -3.81 1.15 -12.30
CA GLY A 27 -2.95 2.21 -11.76
C GLY A 27 -3.45 2.82 -10.44
N ASN A 28 -4.48 2.24 -9.83
CA ASN A 28 -5.03 2.66 -8.56
C ASN A 28 -4.31 1.89 -7.44
N TYR A 29 -4.44 2.36 -6.20
CA TYR A 29 -3.82 1.72 -5.04
C TYR A 29 -4.39 0.32 -4.86
N LEU A 30 -3.50 -0.69 -4.77
CA LEU A 30 -3.92 -2.05 -4.50
C LEU A 30 -4.68 -2.07 -3.16
N PRO A 31 -5.83 -2.76 -3.02
CA PRO A 31 -6.58 -2.84 -1.77
C PRO A 31 -5.83 -3.27 -0.50
N LEU A 32 -4.59 -3.76 -0.60
CA LEU A 32 -3.65 -3.98 0.50
C LEU A 32 -2.42 -3.07 0.31
N GLN A 33 -1.95 -2.45 1.40
CA GLN A 33 -0.69 -1.72 1.47
C GLN A 33 0.11 -2.22 2.69
N CYS A 34 1.45 -2.25 2.58
CA CYS A 34 2.31 -2.78 3.64
C CYS A 34 3.55 -1.91 3.87
N TYR A 35 3.68 -1.38 5.08
CA TYR A 35 4.89 -0.71 5.60
C TYR A 35 5.83 -1.80 6.14
N GLY A 36 6.32 -2.63 5.19
CA GLY A 36 7.13 -3.82 5.45
C GLY A 36 8.35 -3.55 6.33
N SER A 37 8.94 -2.35 6.22
CA SER A 37 10.07 -1.89 7.04
C SER A 37 9.81 -1.84 8.55
N ILE A 38 8.55 -1.95 9.00
CA ILE A 38 8.14 -2.16 10.39
C ILE A 38 7.20 -3.38 10.54
N GLY A 39 7.02 -4.16 9.46
CA GLY A 39 6.17 -5.37 9.40
C GLY A 39 4.67 -5.11 9.21
N TYR A 40 4.23 -3.85 9.18
CA TYR A 40 2.80 -3.50 9.23
C TYR A 40 2.11 -3.58 7.87
N CYS A 41 0.81 -3.87 7.88
CA CYS A 41 -0.08 -3.74 6.72
C CYS A 41 -1.43 -3.16 7.11
N TRP A 42 -2.14 -2.65 6.12
CA TRP A 42 -3.54 -2.24 6.18
C TRP A 42 -4.16 -2.36 4.79
N CYS A 43 -5.48 -2.33 4.73
CA CYS A 43 -6.23 -2.24 3.49
C CYS A 43 -6.55 -0.79 3.17
N VAL A 44 -6.74 -0.48 1.88
CA VAL A 44 -7.06 0.86 1.40
C VAL A 44 -8.18 0.84 0.37
N PHE A 45 -8.84 1.99 0.21
CA PHE A 45 -9.73 2.27 -0.91
C PHE A 45 -8.86 2.66 -2.13
N PRO A 46 -9.34 2.58 -3.38
CA PRO A 46 -8.52 2.72 -4.60
C PRO A 46 -7.64 4.00 -4.73
N ASN A 47 -7.97 5.07 -4.00
CA ASN A 47 -7.22 6.31 -3.92
C ASN A 47 -6.07 6.31 -2.88
N GLY A 48 -5.93 5.22 -2.09
CA GLY A 48 -4.93 5.07 -1.03
C GLY A 48 -5.44 5.31 0.39
N THR A 49 -6.73 5.63 0.56
CA THR A 49 -7.35 5.92 1.87
C THR A 49 -7.47 4.64 2.69
N GLU A 50 -6.76 4.56 3.82
CA GLU A 50 -6.76 3.40 4.71
C GLU A 50 -8.14 3.04 5.29
N VAL A 51 -8.36 1.73 5.46
CA VAL A 51 -9.46 1.10 6.20
C VAL A 51 -8.86 0.79 7.59
N PRO A 52 -8.93 1.68 8.60
CA PRO A 52 -8.14 1.56 9.84
C PRO A 52 -8.44 0.38 10.74
N ASN A 53 -9.56 -0.26 10.47
CA ASN A 53 -10.02 -1.51 11.03
C ASN A 53 -9.16 -2.72 10.64
N THR A 54 -8.27 -2.52 9.66
CA THR A 54 -7.30 -3.50 9.18
C THR A 54 -5.87 -3.17 9.62
N ARG A 55 -5.65 -2.11 10.41
CA ARG A 55 -4.29 -1.66 10.81
C ARG A 55 -3.58 -2.75 11.65
N SER A 56 -2.79 -3.59 11.00
CA SER A 56 -2.24 -4.80 11.62
C SER A 56 -0.74 -4.97 11.45
N ARG A 57 -0.18 -5.82 12.32
CA ARG A 57 1.25 -6.11 12.53
C ARG A 57 1.84 -7.03 11.44
N GLY A 58 1.07 -7.29 10.37
CA GLY A 58 1.38 -8.22 9.30
C GLY A 58 0.25 -8.30 8.27
N HIS A 59 0.48 -9.16 7.26
CA HIS A 59 -0.34 -9.33 6.07
C HIS A 59 -1.81 -9.71 6.35
N HIS A 60 -2.64 -9.41 5.37
CA HIS A 60 -4.04 -9.83 5.19
C HIS A 60 -4.32 -9.76 3.68
N ASN A 61 -5.44 -10.29 3.20
CA ASN A 61 -5.60 -10.58 1.78
C ASN A 61 -6.61 -9.72 1.03
N CYS A 62 -6.74 -8.43 1.39
CA CYS A 62 -7.61 -7.50 0.66
C CYS A 62 -7.24 -7.40 -0.83
N SER A 63 -8.07 -8.01 -1.69
CA SER A 63 -7.80 -8.23 -3.11
C SER A 63 -6.48 -8.95 -3.44
N GLU A 64 -5.92 -9.65 -2.45
CA GLU A 64 -4.73 -10.53 -2.61
C GLU A 64 -5.05 -12.03 -2.56
N SER A 65 -6.36 -12.35 -2.64
CA SER A 65 -6.96 -13.68 -2.67
C SER A 65 -6.20 -14.73 -1.85
N LEU A 1 0.54 9.16 -15.07
CA LEU A 1 0.57 8.21 -13.97
C LEU A 1 -0.33 8.69 -12.82
N THR A 2 -0.77 7.78 -11.96
CA THR A 2 -1.48 8.09 -10.72
C THR A 2 -0.51 8.45 -9.59
N LYS A 3 -1.02 9.02 -8.49
CA LYS A 3 -0.23 9.26 -7.27
C LYS A 3 0.46 7.97 -6.78
N CYS A 4 -0.25 6.83 -6.83
CA CYS A 4 0.34 5.52 -6.53
C CYS A 4 1.51 5.23 -7.48
N GLN A 5 1.27 5.21 -8.79
CA GLN A 5 2.30 4.89 -9.80
C GLN A 5 3.51 5.83 -9.72
N GLU A 6 3.29 7.12 -9.49
CA GLU A 6 4.32 8.12 -9.23
C GLU A 6 5.13 7.76 -7.99
N GLU A 7 4.48 7.60 -6.83
CA GLU A 7 5.15 7.24 -5.58
C GLU A 7 5.95 5.94 -5.73
N VAL A 8 5.39 4.90 -6.36
CA VAL A 8 6.10 3.65 -6.66
C VAL A 8 7.32 3.88 -7.56
N SER A 9 7.22 4.83 -8.49
CA SER A 9 8.29 5.27 -9.40
C SER A 9 9.25 6.30 -8.80
N HIS A 10 9.11 6.68 -7.52
CA HIS A 10 9.93 7.69 -6.85
C HIS A 10 10.52 7.19 -5.53
N ILE A 11 9.79 6.35 -4.81
CA ILE A 11 10.27 5.61 -3.64
C ILE A 11 10.83 4.28 -4.17
N PRO A 12 12.15 4.02 -4.07
CA PRO A 12 12.73 2.75 -4.50
C PRO A 12 12.40 1.62 -3.51
N ALA A 13 12.58 0.36 -3.95
CA ALA A 13 12.42 -0.82 -3.10
C ALA A 13 13.35 -0.81 -1.86
N VAL A 14 14.47 -0.06 -1.92
CA VAL A 14 15.34 0.24 -0.78
C VAL A 14 14.70 1.36 0.05
N HIS A 15 13.63 1.03 0.77
CA HIS A 15 12.91 1.92 1.69
C HIS A 15 13.05 1.61 3.21
N PRO A 16 14.19 1.13 3.77
CA PRO A 16 14.40 1.04 5.23
C PRO A 16 13.97 2.31 5.97
N GLY A 17 13.24 2.13 7.07
CA GLY A 17 12.64 3.20 7.88
C GLY A 17 11.34 3.76 7.30
N SER A 18 10.95 3.44 6.06
CA SER A 18 9.84 4.08 5.34
C SER A 18 8.85 3.08 4.72
N PHE A 19 7.77 3.64 4.18
CA PHE A 19 6.71 2.98 3.42
C PHE A 19 6.99 3.07 1.91
N ARG A 20 6.49 2.09 1.14
CA ARG A 20 6.44 2.10 -0.32
C ARG A 20 5.09 1.52 -0.77
N PRO A 21 4.28 2.24 -1.55
CA PRO A 21 3.00 1.73 -2.04
C PRO A 21 3.16 0.65 -3.14
N LYS A 22 2.02 0.09 -3.56
CA LYS A 22 1.86 -0.86 -4.67
C LYS A 22 0.49 -0.64 -5.33
N CYS A 23 0.38 -0.86 -6.65
CA CYS A 23 -0.80 -0.48 -7.45
C CYS A 23 -1.27 -1.59 -8.40
N ASP A 24 -2.54 -1.50 -8.80
CA ASP A 24 -3.20 -2.44 -9.70
C ASP A 24 -3.11 -2.04 -11.18
N GLU A 25 -3.77 -2.80 -12.06
CA GLU A 25 -3.83 -2.57 -13.51
C GLU A 25 -4.46 -1.22 -13.92
N ASN A 26 -5.20 -0.58 -13.00
CA ASN A 26 -5.80 0.75 -13.19
C ASN A 26 -4.87 1.87 -12.69
N GLY A 27 -3.73 1.53 -12.07
CA GLY A 27 -2.87 2.47 -11.37
C GLY A 27 -3.40 2.91 -10.00
N ASN A 28 -4.50 2.32 -9.52
CA ASN A 28 -5.03 2.55 -8.18
C ASN A 28 -4.21 1.76 -7.16
N TYR A 29 -4.13 2.24 -5.92
CA TYR A 29 -3.48 1.53 -4.82
C TYR A 29 -4.09 0.14 -4.68
N LEU A 30 -3.24 -0.91 -4.72
CA LEU A 30 -3.67 -2.28 -4.55
C LEU A 30 -4.42 -2.43 -3.20
N PRO A 31 -5.49 -3.24 -3.08
CA PRO A 31 -6.33 -3.35 -1.88
C PRO A 31 -5.63 -3.55 -0.54
N LEU A 32 -4.40 -4.07 -0.51
CA LEU A 32 -3.51 -4.17 0.64
C LEU A 32 -2.29 -3.27 0.43
N GLN A 33 -1.88 -2.53 1.47
CA GLN A 33 -0.62 -1.78 1.50
C GLN A 33 0.14 -2.11 2.80
N CYS A 34 1.47 -2.02 2.78
CA CYS A 34 2.33 -2.37 3.92
C CYS A 34 3.54 -1.45 4.07
N TYR A 35 3.76 -0.93 5.29
CA TYR A 35 4.96 -0.22 5.72
C TYR A 35 5.97 -1.29 6.12
N GLY A 36 6.52 -1.96 5.10
CA GLY A 36 7.36 -3.16 5.21
C GLY A 36 8.46 -3.07 6.27
N SER A 37 9.15 -1.93 6.36
CA SER A 37 10.25 -1.72 7.31
C SER A 37 9.86 -1.77 8.80
N ILE A 38 8.56 -1.82 9.15
CA ILE A 38 8.06 -2.08 10.50
C ILE A 38 7.05 -3.24 10.53
N GLY A 39 6.75 -3.87 9.39
CA GLY A 39 5.84 -5.01 9.28
C GLY A 39 4.35 -4.67 9.36
N TYR A 40 3.96 -3.39 9.38
CA TYR A 40 2.55 -3.01 9.45
C TYR A 40 1.91 -3.07 8.06
N CYS A 41 0.77 -3.76 7.95
CA CYS A 41 -0.10 -3.71 6.78
C CYS A 41 -1.48 -3.19 7.16
N TRP A 42 -2.20 -2.68 6.15
CA TRP A 42 -3.59 -2.28 6.22
C TRP A 42 -4.24 -2.48 4.84
N CYS A 43 -5.57 -2.56 4.81
CA CYS A 43 -6.28 -2.52 3.54
C CYS A 43 -6.54 -1.07 3.14
N VAL A 44 -6.70 -0.79 1.85
CA VAL A 44 -7.00 0.57 1.34
C VAL A 44 -8.13 0.59 0.33
N PHE A 45 -8.77 1.74 0.24
CA PHE A 45 -9.69 2.11 -0.82
C PHE A 45 -8.84 2.52 -2.04
N PRO A 46 -9.36 2.52 -3.28
CA PRO A 46 -8.54 2.69 -4.50
C PRO A 46 -7.86 4.07 -4.65
N ASN A 47 -8.18 5.04 -3.78
CA ASN A 47 -7.51 6.32 -3.64
C ASN A 47 -6.28 6.28 -2.70
N GLY A 48 -6.08 5.20 -1.93
CA GLY A 48 -5.00 5.03 -0.95
C GLY A 48 -5.40 5.24 0.52
N THR A 49 -6.65 5.60 0.84
CA THR A 49 -7.12 5.78 2.21
C THR A 49 -7.32 4.41 2.85
N GLU A 50 -6.83 4.18 4.08
CA GLU A 50 -6.97 2.87 4.71
C GLU A 50 -8.40 2.52 5.14
N VAL A 51 -8.67 1.22 5.23
CA VAL A 51 -9.87 0.62 5.84
C VAL A 51 -9.58 0.51 7.35
N PRO A 52 -10.27 1.30 8.20
CA PRO A 52 -10.02 1.31 9.65
C PRO A 52 -10.01 -0.08 10.28
N ASN A 53 -9.23 -0.22 11.35
CA ASN A 53 -9.03 -1.44 12.14
C ASN A 53 -8.40 -2.63 11.37
N THR A 54 -8.05 -2.49 10.08
CA THR A 54 -7.25 -3.52 9.38
C THR A 54 -5.80 -3.48 9.83
N ARG A 55 -5.30 -2.30 10.24
CA ARG A 55 -3.93 -2.01 10.64
C ARG A 55 -3.34 -3.10 11.54
N SER A 56 -2.48 -3.97 10.98
CA SER A 56 -2.00 -5.20 11.63
C SER A 56 -0.50 -5.42 11.39
N ARG A 57 0.11 -6.28 12.22
CA ARG A 57 1.52 -6.72 12.26
C ARG A 57 1.94 -7.60 11.06
N GLY A 58 1.11 -7.61 10.03
CA GLY A 58 1.24 -8.44 8.83
C GLY A 58 -0.03 -8.50 7.99
N HIS A 59 0.01 -9.41 7.01
CA HIS A 59 -0.94 -9.58 5.92
C HIS A 59 -2.40 -9.81 6.34
N HIS A 60 -3.32 -9.41 5.46
CA HIS A 60 -4.75 -9.72 5.52
C HIS A 60 -5.31 -9.73 4.09
N ASN A 61 -6.41 -10.45 3.89
CA ASN A 61 -6.95 -10.78 2.58
C ASN A 61 -8.03 -9.77 2.18
N CYS A 62 -7.57 -8.55 1.88
CA CYS A 62 -8.41 -7.39 1.55
C CYS A 62 -9.38 -7.68 0.39
N SER A 63 -10.68 -7.71 0.69
CA SER A 63 -11.77 -8.06 -0.22
C SER A 63 -12.02 -6.96 -1.28
N GLU A 64 -11.09 -6.81 -2.22
CA GLU A 64 -11.11 -5.84 -3.33
C GLU A 64 -11.26 -4.37 -2.87
N SER A 65 -10.87 -4.09 -1.63
CA SER A 65 -11.07 -2.86 -0.87
C SER A 65 -10.82 -1.59 -1.69
N LEU A 1 0.66 7.96 -15.88
CA LEU A 1 0.61 7.09 -14.72
C LEU A 1 -0.01 7.82 -13.51
N THR A 2 -0.47 7.07 -12.51
CA THR A 2 -1.21 7.60 -11.35
C THR A 2 -0.32 8.13 -10.24
N LYS A 3 -0.92 8.81 -9.24
CA LYS A 3 -0.28 9.20 -7.98
C LYS A 3 0.36 8.01 -7.26
N CYS A 4 -0.31 6.86 -7.24
CA CYS A 4 0.24 5.61 -6.76
C CYS A 4 1.48 5.22 -7.57
N GLN A 5 1.34 5.08 -8.89
CA GLN A 5 2.43 4.64 -9.77
C GLN A 5 3.63 5.58 -9.75
N GLU A 6 3.41 6.90 -9.62
CA GLU A 6 4.44 7.91 -9.35
C GLU A 6 5.17 7.60 -8.05
N GLU A 7 4.44 7.52 -6.92
CA GLU A 7 5.03 7.26 -5.61
C GLU A 7 5.83 5.95 -5.59
N VAL A 8 5.30 4.89 -6.20
CA VAL A 8 6.01 3.60 -6.36
C VAL A 8 7.28 3.75 -7.22
N SER A 9 7.24 4.67 -8.20
CA SER A 9 8.35 5.07 -9.07
C SER A 9 9.25 6.17 -8.48
N HIS A 10 9.05 6.58 -7.22
CA HIS A 10 9.83 7.63 -6.54
C HIS A 10 10.40 7.14 -5.20
N ILE A 11 9.62 6.33 -4.47
CA ILE A 11 10.05 5.58 -3.29
C ILE A 11 10.48 4.21 -3.81
N PRO A 12 11.78 3.87 -3.85
CA PRO A 12 12.24 2.55 -4.32
C PRO A 12 11.99 1.46 -3.27
N ALA A 13 12.19 0.19 -3.66
CA ALA A 13 12.14 -0.96 -2.77
C ALA A 13 13.11 -0.87 -1.57
N VAL A 14 14.17 -0.05 -1.68
CA VAL A 14 15.07 0.32 -0.58
C VAL A 14 14.45 1.51 0.16
N HIS A 15 13.43 1.23 0.98
CA HIS A 15 12.71 2.22 1.80
C HIS A 15 12.92 2.00 3.32
N PRO A 16 14.17 2.14 3.83
CA PRO A 16 14.48 1.86 5.23
C PRO A 16 13.74 2.81 6.18
N GLY A 17 13.23 2.25 7.28
CA GLY A 17 12.39 2.92 8.28
C GLY A 17 11.12 3.57 7.69
N SER A 18 10.78 3.30 6.43
CA SER A 18 9.78 4.03 5.66
C SER A 18 8.71 3.12 5.05
N PHE A 19 7.56 3.74 4.68
CA PHE A 19 6.50 3.13 3.90
C PHE A 19 6.79 3.20 2.38
N ARG A 20 6.17 2.31 1.61
CA ARG A 20 6.13 2.33 0.15
C ARG A 20 4.74 1.83 -0.30
N PRO A 21 4.01 2.54 -1.17
CA PRO A 21 2.73 2.06 -1.70
C PRO A 21 2.90 0.90 -2.69
N LYS A 22 1.77 0.33 -3.13
CA LYS A 22 1.65 -0.67 -4.20
C LYS A 22 0.39 -0.41 -5.02
N CYS A 23 0.38 -0.74 -6.32
CA CYS A 23 -0.73 -0.46 -7.24
C CYS A 23 -1.06 -1.66 -8.12
N ASP A 24 -2.29 -1.69 -8.65
CA ASP A 24 -2.77 -2.74 -9.54
C ASP A 24 -2.68 -2.38 -11.04
N GLU A 25 -3.21 -3.26 -11.91
CA GLU A 25 -3.22 -3.07 -13.37
C GLU A 25 -3.94 -1.80 -13.85
N ASN A 26 -4.85 -1.24 -13.04
CA ASN A 26 -5.52 0.03 -13.34
C ASN A 26 -4.66 1.24 -12.92
N GLY A 27 -3.56 1.01 -12.19
CA GLY A 27 -2.76 2.03 -11.54
C GLY A 27 -3.35 2.58 -10.25
N ASN A 28 -4.48 2.06 -9.76
CA ASN A 28 -5.02 2.47 -8.45
C ASN A 28 -4.23 1.76 -7.34
N TYR A 29 -4.30 2.29 -6.12
CA TYR A 29 -3.65 1.67 -4.96
C TYR A 29 -4.22 0.26 -4.78
N LEU A 30 -3.33 -0.74 -4.61
CA LEU A 30 -3.71 -2.12 -4.38
C LEU A 30 -4.54 -2.21 -3.08
N PRO A 31 -5.59 -3.07 -2.99
CA PRO A 31 -6.45 -3.18 -1.81
C PRO A 31 -5.75 -3.36 -0.46
N LEU A 32 -4.55 -3.96 -0.44
CA LEU A 32 -3.63 -4.03 0.68
C LEU A 32 -2.43 -3.10 0.44
N GLN A 33 -1.95 -2.42 1.50
CA GLN A 33 -0.70 -1.65 1.51
C GLN A 33 0.11 -2.03 2.77
N CYS A 34 1.44 -1.94 2.70
CA CYS A 34 2.32 -2.37 3.77
C CYS A 34 3.50 -1.43 3.99
N TYR A 35 3.78 -1.10 5.25
CA TYR A 35 4.97 -0.40 5.71
C TYR A 35 6.08 -1.44 5.89
N GLY A 36 6.57 -1.92 4.75
CA GLY A 36 7.47 -3.07 4.63
C GLY A 36 8.67 -3.06 5.58
N SER A 37 9.29 -1.88 5.82
CA SER A 37 10.44 -1.77 6.73
C SER A 37 10.13 -2.09 8.20
N ILE A 38 8.87 -2.25 8.61
CA ILE A 38 8.46 -2.77 9.91
C ILE A 38 7.54 -4.00 9.79
N GLY A 39 7.16 -4.39 8.56
CA GLY A 39 6.33 -5.56 8.25
C GLY A 39 4.83 -5.39 8.53
N TYR A 40 4.35 -4.19 8.87
CA TYR A 40 2.93 -3.94 9.14
C TYR A 40 2.17 -3.67 7.83
N CYS A 41 0.87 -4.00 7.80
CA CYS A 41 -0.03 -3.72 6.68
C CYS A 41 -1.39 -3.20 7.13
N TRP A 42 -2.14 -2.64 6.17
CA TRP A 42 -3.55 -2.26 6.28
C TRP A 42 -4.20 -2.41 4.90
N CYS A 43 -5.53 -2.41 4.86
CA CYS A 43 -6.26 -2.30 3.60
C CYS A 43 -6.45 -0.83 3.26
N VAL A 44 -6.55 -0.50 1.97
CA VAL A 44 -6.92 0.85 1.50
C VAL A 44 -8.01 0.77 0.44
N PHE A 45 -8.86 1.79 0.37
CA PHE A 45 -9.77 2.00 -0.75
C PHE A 45 -8.91 2.43 -1.98
N PRO A 46 -9.38 2.27 -3.22
CA PRO A 46 -8.55 2.45 -4.43
C PRO A 46 -7.76 3.76 -4.56
N ASN A 47 -8.15 4.83 -3.86
CA ASN A 47 -7.47 6.11 -3.82
C ASN A 47 -6.33 6.21 -2.78
N GLY A 48 -6.12 5.16 -1.96
CA GLY A 48 -5.12 5.09 -0.90
C GLY A 48 -5.67 5.32 0.52
N THR A 49 -6.98 5.56 0.68
CA THR A 49 -7.61 5.80 1.99
C THR A 49 -7.65 4.51 2.82
N GLU A 50 -6.91 4.46 3.94
CA GLU A 50 -6.90 3.32 4.86
C GLU A 50 -8.31 2.90 5.33
N VAL A 51 -8.56 1.59 5.32
CA VAL A 51 -9.72 0.95 5.93
C VAL A 51 -9.38 0.76 7.42
N PRO A 52 -10.03 1.51 8.33
CA PRO A 52 -9.62 1.55 9.74
C PRO A 52 -9.76 0.19 10.41
N ASN A 53 -8.99 0.00 11.49
CA ASN A 53 -8.82 -1.24 12.25
C ASN A 53 -8.18 -2.42 11.47
N THR A 54 -7.85 -2.27 10.18
CA THR A 54 -7.07 -3.30 9.46
C THR A 54 -5.58 -3.22 9.81
N ARG A 55 -5.10 -2.06 10.27
CA ARG A 55 -3.69 -1.76 10.55
C ARG A 55 -3.10 -2.79 11.52
N SER A 56 -2.37 -3.78 10.99
CA SER A 56 -1.93 -4.96 11.71
C SER A 56 -0.50 -5.40 11.36
N ARG A 57 0.00 -6.38 12.12
CA ARG A 57 1.36 -6.95 12.15
C ARG A 57 1.81 -7.64 10.85
N GLY A 58 0.92 -7.79 9.88
CA GLY A 58 1.18 -8.39 8.58
C GLY A 58 -0.01 -8.31 7.62
N HIS A 59 0.16 -8.93 6.45
CA HIS A 59 -0.79 -8.96 5.32
C HIS A 59 -2.17 -9.52 5.72
N HIS A 60 -3.20 -9.17 4.93
CA HIS A 60 -4.57 -9.66 5.11
C HIS A 60 -5.38 -9.63 3.79
N ASN A 61 -6.50 -10.35 3.78
CA ASN A 61 -7.32 -10.67 2.62
C ASN A 61 -8.30 -9.55 2.27
N CYS A 62 -7.76 -8.36 1.95
CA CYS A 62 -8.54 -7.15 1.69
C CYS A 62 -9.63 -7.38 0.65
N SER A 63 -10.89 -7.42 1.10
CA SER A 63 -12.07 -7.85 0.37
C SER A 63 -13.17 -6.78 0.31
N GLU A 64 -12.77 -5.52 0.40
CA GLU A 64 -13.64 -4.34 0.57
C GLU A 64 -13.18 -3.14 -0.27
N SER A 65 -12.34 -3.42 -1.27
CA SER A 65 -11.60 -2.46 -2.08
C SER A 65 -11.12 -3.10 -3.39
N LEU A 1 0.17 8.38 -15.46
CA LEU A 1 0.27 7.52 -14.28
C LEU A 1 -0.71 8.00 -13.21
N THR A 2 -1.10 7.09 -12.30
CA THR A 2 -1.89 7.41 -11.11
C THR A 2 -1.03 7.96 -9.97
N LYS A 3 -1.63 8.53 -8.93
CA LYS A 3 -0.96 8.93 -7.69
C LYS A 3 -0.16 7.77 -7.06
N CYS A 4 -0.70 6.55 -7.12
CA CYS A 4 0.01 5.33 -6.74
C CYS A 4 1.26 5.13 -7.61
N GLN A 5 1.08 4.99 -8.93
CA GLN A 5 2.18 4.73 -9.86
C GLN A 5 3.25 5.82 -9.83
N GLU A 6 2.86 7.10 -9.67
CA GLU A 6 3.76 8.23 -9.45
C GLU A 6 4.58 8.02 -8.18
N GLU A 7 3.93 7.86 -7.03
CA GLU A 7 4.63 7.66 -5.75
C GLU A 7 5.58 6.46 -5.80
N VAL A 8 5.11 5.33 -6.33
CA VAL A 8 5.93 4.12 -6.50
C VAL A 8 7.14 4.38 -7.41
N SER A 9 6.96 5.26 -8.42
CA SER A 9 8.02 5.78 -9.31
C SER A 9 8.82 6.96 -8.73
N HIS A 10 8.59 7.38 -7.49
CA HIS A 10 9.23 8.56 -6.87
C HIS A 10 9.91 8.25 -5.54
N ILE A 11 9.52 7.20 -4.81
CA ILE A 11 10.29 6.70 -3.67
C ILE A 11 11.67 6.25 -4.22
N PRO A 12 12.81 6.61 -3.59
CA PRO A 12 14.13 6.29 -4.15
C PRO A 12 14.44 4.79 -4.09
N ALA A 13 15.58 4.40 -4.68
CA ALA A 13 16.14 3.04 -4.52
C ALA A 13 16.76 2.87 -3.12
N VAL A 14 17.53 3.86 -2.66
CA VAL A 14 18.10 3.95 -1.31
C VAL A 14 17.00 4.40 -0.34
N HIS A 15 16.07 3.48 -0.07
CA HIS A 15 14.90 3.67 0.80
C HIS A 15 14.59 2.55 1.83
N PRO A 16 15.12 1.29 1.76
CA PRO A 16 14.82 0.23 2.72
C PRO A 16 14.86 0.67 4.19
N GLY A 17 13.73 0.48 4.88
CA GLY A 17 13.46 1.01 6.21
C GLY A 17 12.22 1.90 6.18
N SER A 18 12.08 2.74 5.14
CA SER A 18 10.89 3.52 4.83
C SER A 18 9.76 2.65 4.22
N PHE A 19 8.54 3.20 4.22
CA PHE A 19 7.39 2.61 3.51
C PHE A 19 7.48 2.86 1.99
N ARG A 20 6.81 1.99 1.21
CA ARG A 20 6.59 2.15 -0.22
C ARG A 20 5.20 1.58 -0.57
N PRO A 21 4.32 2.32 -1.27
CA PRO A 21 3.04 1.79 -1.71
C PRO A 21 3.19 0.77 -2.85
N LYS A 22 2.08 0.16 -3.25
CA LYS A 22 1.96 -0.78 -4.38
C LYS A 22 0.59 -0.66 -5.06
N CYS A 23 0.52 -1.00 -6.35
CA CYS A 23 -0.63 -0.74 -7.22
C CYS A 23 -1.07 -1.98 -8.02
N ASP A 24 -2.33 -1.94 -8.47
CA ASP A 24 -3.00 -3.01 -9.19
C ASP A 24 -2.96 -2.87 -10.73
N GLU A 25 -3.56 -3.81 -11.45
CA GLU A 25 -3.64 -3.84 -12.92
C GLU A 25 -4.41 -2.65 -13.55
N ASN A 26 -5.17 -1.90 -12.75
CA ASN A 26 -5.81 -0.64 -13.11
C ASN A 26 -5.01 0.57 -12.61
N GLY A 27 -3.75 0.38 -12.18
CA GLY A 27 -2.85 1.42 -11.68
C GLY A 27 -3.29 2.05 -10.36
N ASN A 28 -4.38 1.60 -9.76
CA ASN A 28 -4.90 2.11 -8.50
C ASN A 28 -4.16 1.43 -7.33
N TYR A 29 -4.25 1.97 -6.11
CA TYR A 29 -3.58 1.38 -4.97
C TYR A 29 -4.10 -0.05 -4.75
N LEU A 30 -3.18 -1.02 -4.63
CA LEU A 30 -3.54 -2.40 -4.34
C LEU A 30 -4.38 -2.44 -3.05
N PRO A 31 -5.58 -3.08 -3.02
CA PRO A 31 -6.49 -3.05 -1.88
C PRO A 31 -5.89 -3.44 -0.51
N LEU A 32 -4.73 -4.10 -0.48
CA LEU A 32 -3.88 -4.37 0.68
C LEU A 32 -2.57 -3.59 0.52
N GLN A 33 -2.14 -2.87 1.57
CA GLN A 33 -0.81 -2.27 1.66
C GLN A 33 -0.13 -2.76 2.94
N CYS A 34 1.21 -2.82 2.94
CA CYS A 34 2.01 -3.27 4.09
C CYS A 34 3.28 -2.45 4.28
N TYR A 35 3.81 -2.45 5.50
CA TYR A 35 5.04 -1.78 5.91
C TYR A 35 5.92 -2.73 6.73
N GLY A 36 6.84 -3.41 6.03
CA GLY A 36 7.70 -4.47 6.57
C GLY A 36 8.52 -4.08 7.80
N SER A 37 9.02 -2.84 7.89
CA SER A 37 9.85 -2.35 9.00
C SER A 37 9.21 -2.47 10.39
N ILE A 38 7.87 -2.56 10.45
CA ILE A 38 7.08 -2.79 11.65
C ILE A 38 6.18 -4.03 11.54
N GLY A 39 6.27 -4.78 10.43
CA GLY A 39 5.46 -5.97 10.15
C GLY A 39 3.98 -5.70 9.87
N TYR A 40 3.57 -4.43 9.65
CA TYR A 40 2.16 -4.08 9.56
C TYR A 40 1.58 -4.22 8.15
N CYS A 41 0.26 -4.41 8.08
CA CYS A 41 -0.56 -4.30 6.89
C CYS A 41 -1.89 -3.63 7.25
N TRP A 42 -2.53 -3.04 6.23
CA TRP A 42 -3.87 -2.50 6.28
C TRP A 42 -4.52 -2.62 4.90
N CYS A 43 -5.83 -2.51 4.83
CA CYS A 43 -6.53 -2.39 3.56
C CYS A 43 -6.65 -0.91 3.19
N VAL A 44 -6.72 -0.63 1.88
CA VAL A 44 -6.95 0.71 1.33
C VAL A 44 -8.06 0.68 0.29
N PHE A 45 -8.72 1.83 0.13
CA PHE A 45 -9.62 2.09 -0.99
C PHE A 45 -8.73 2.41 -2.23
N PRO A 46 -9.24 2.33 -3.48
CA PRO A 46 -8.43 2.46 -4.70
C PRO A 46 -7.55 3.73 -4.80
N ASN A 47 -7.91 4.80 -4.09
CA ASN A 47 -7.19 6.06 -3.98
C ASN A 47 -6.01 6.06 -2.97
N GLY A 48 -5.87 4.99 -2.17
CA GLY A 48 -4.83 4.84 -1.14
C GLY A 48 -5.26 5.20 0.29
N THR A 49 -6.50 5.63 0.52
CA THR A 49 -7.02 5.89 1.88
C THR A 49 -7.25 4.56 2.58
N GLU A 50 -6.70 4.38 3.79
CA GLU A 50 -6.84 3.12 4.52
C GLU A 50 -8.25 2.87 5.08
N VAL A 51 -8.48 1.62 5.50
CA VAL A 51 -9.62 1.17 6.30
C VAL A 51 -9.06 1.08 7.74
N PRO A 52 -9.19 2.13 8.57
CA PRO A 52 -8.49 2.32 9.85
C PRO A 52 -8.87 1.39 11.02
N ASN A 53 -9.43 0.23 10.71
CA ASN A 53 -9.66 -0.89 11.62
C ASN A 53 -9.03 -2.20 11.12
N THR A 54 -8.43 -2.20 9.92
CA THR A 54 -7.67 -3.32 9.38
C THR A 54 -6.22 -3.36 9.85
N ARG A 55 -5.67 -2.22 10.32
CA ARG A 55 -4.25 -2.03 10.60
C ARG A 55 -3.71 -3.05 11.62
N SER A 56 -3.08 -4.10 11.11
CA SER A 56 -2.67 -5.31 11.84
C SER A 56 -1.22 -5.70 11.55
N ARG A 57 -0.66 -6.62 12.34
CA ARG A 57 0.71 -7.18 12.25
C ARG A 57 0.83 -8.28 11.16
N GLY A 58 -0.08 -8.27 10.19
CA GLY A 58 -0.11 -9.22 9.08
C GLY A 58 -1.26 -8.97 8.10
N HIS A 59 -1.27 -9.73 7.01
CA HIS A 59 -2.20 -9.60 5.88
C HIS A 59 -3.68 -9.86 6.25
N HIS A 60 -4.60 -9.44 5.36
CA HIS A 60 -6.04 -9.67 5.48
C HIS A 60 -6.72 -9.62 4.09
N ASN A 61 -7.95 -10.16 4.01
CA ASN A 61 -8.69 -10.43 2.79
C ASN A 61 -9.44 -9.18 2.28
N CYS A 62 -8.67 -8.14 1.93
CA CYS A 62 -9.17 -6.81 1.58
C CYS A 62 -10.24 -6.85 0.48
N SER A 63 -11.50 -6.63 0.90
CA SER A 63 -12.70 -6.82 0.10
C SER A 63 -13.86 -5.90 0.47
N GLU A 64 -13.58 -4.86 1.25
CA GLU A 64 -14.54 -3.90 1.85
C GLU A 64 -15.31 -3.01 0.85
N SER A 65 -15.15 -3.32 -0.43
CA SER A 65 -15.88 -2.86 -1.62
C SER A 65 -16.52 -1.48 -1.47
N LEU A 1 1.53 8.64 -15.32
CA LEU A 1 1.26 7.51 -14.44
C LEU A 1 0.04 7.82 -13.55
N THR A 2 -0.56 6.79 -12.97
CA THR A 2 -1.66 6.87 -11.99
C THR A 2 -1.11 7.04 -10.57
N LYS A 3 -1.93 7.52 -9.62
CA LYS A 3 -1.48 7.93 -8.27
C LYS A 3 -0.54 6.94 -7.57
N CYS A 4 -0.94 5.68 -7.46
CA CYS A 4 -0.09 4.63 -6.90
C CYS A 4 1.23 4.49 -7.66
N GLN A 5 1.16 4.28 -8.97
CA GLN A 5 2.32 4.17 -9.86
C GLN A 5 3.24 5.39 -9.77
N GLU A 6 2.70 6.61 -9.70
CA GLU A 6 3.45 7.86 -9.53
C GLU A 6 4.27 7.78 -8.25
N GLU A 7 3.61 7.62 -7.09
CA GLU A 7 4.32 7.54 -5.81
C GLU A 7 5.38 6.44 -5.81
N VAL A 8 5.04 5.24 -6.29
CA VAL A 8 5.95 4.10 -6.36
C VAL A 8 7.13 4.37 -7.31
N SER A 9 6.93 5.18 -8.36
CA SER A 9 7.97 5.72 -9.25
C SER A 9 8.74 6.93 -8.71
N HIS A 10 8.40 7.48 -7.53
CA HIS A 10 8.96 8.74 -7.03
C HIS A 10 9.59 8.63 -5.63
N ILE A 11 9.21 7.63 -4.83
CA ILE A 11 9.92 7.29 -3.59
C ILE A 11 11.34 6.83 -3.99
N PRO A 12 12.42 7.24 -3.30
CA PRO A 12 13.78 6.88 -3.70
C PRO A 12 14.06 5.39 -3.57
N ALA A 13 15.19 4.93 -4.14
CA ALA A 13 15.70 3.58 -3.91
C ALA A 13 16.20 3.44 -2.46
N VAL A 14 16.97 4.43 -1.99
CA VAL A 14 17.39 4.58 -0.59
C VAL A 14 16.23 5.14 0.22
N HIS A 15 15.22 4.30 0.43
CA HIS A 15 14.06 4.55 1.29
C HIS A 15 13.91 3.69 2.57
N PRO A 16 14.67 2.59 2.85
CA PRO A 16 14.52 1.81 4.08
C PRO A 16 14.36 2.65 5.36
N GLY A 17 13.15 2.56 5.93
CA GLY A 17 12.63 3.41 6.99
C GLY A 17 11.25 3.92 6.59
N SER A 18 11.12 4.38 5.34
CA SER A 18 9.85 4.70 4.69
C SER A 18 9.22 3.46 4.06
N PHE A 19 7.89 3.39 4.17
CA PHE A 19 7.04 2.48 3.41
C PHE A 19 7.12 2.84 1.91
N ARG A 20 6.66 1.90 1.05
CA ARG A 20 6.51 2.03 -0.39
C ARG A 20 5.23 1.29 -0.82
N PRO A 21 4.28 1.92 -1.52
CA PRO A 21 3.05 1.26 -1.97
C PRO A 21 3.23 0.10 -2.95
N LYS A 22 2.12 -0.61 -3.17
CA LYS A 22 1.90 -1.64 -4.19
C LYS A 22 0.58 -1.37 -4.92
N CYS A 23 0.49 -1.73 -6.20
CA CYS A 23 -0.62 -1.33 -7.07
C CYS A 23 -1.24 -2.49 -7.84
N ASP A 24 -2.50 -2.32 -8.23
CA ASP A 24 -3.28 -3.27 -9.02
C ASP A 24 -3.07 -3.08 -10.54
N GLU A 25 -3.67 -3.98 -11.33
CA GLU A 25 -3.66 -3.92 -12.80
C GLU A 25 -4.27 -2.65 -13.40
N ASN A 26 -5.08 -1.93 -12.61
CA ASN A 26 -5.67 -0.63 -12.93
C ASN A 26 -4.77 0.55 -12.51
N GLY A 27 -3.54 0.28 -12.08
CA GLY A 27 -2.55 1.28 -11.64
C GLY A 27 -2.94 2.04 -10.36
N ASN A 28 -4.01 1.62 -9.69
CA ASN A 28 -4.48 2.15 -8.42
C ASN A 28 -3.85 1.36 -7.28
N TYR A 29 -3.95 1.85 -6.04
CA TYR A 29 -3.42 1.14 -4.87
C TYR A 29 -4.05 -0.25 -4.76
N LEU A 30 -3.21 -1.28 -4.53
CA LEU A 30 -3.72 -2.61 -4.19
C LEU A 30 -4.59 -2.50 -2.92
N PRO A 31 -5.81 -3.09 -2.86
CA PRO A 31 -6.71 -2.97 -1.72
C PRO A 31 -6.09 -3.27 -0.34
N LEU A 32 -5.09 -4.15 -0.28
CA LEU A 32 -4.24 -4.41 0.88
C LEU A 32 -2.86 -3.79 0.64
N GLN A 33 -2.30 -3.15 1.66
CA GLN A 33 -0.91 -2.70 1.71
C GLN A 33 -0.24 -3.32 2.94
N CYS A 34 1.06 -3.61 2.85
CA CYS A 34 1.86 -4.14 3.94
C CYS A 34 3.23 -3.48 3.96
N TYR A 35 3.89 -3.46 5.13
CA TYR A 35 5.22 -2.87 5.30
C TYR A 35 6.19 -3.87 5.94
N GLY A 36 6.89 -4.62 5.07
CA GLY A 36 7.72 -5.78 5.41
C GLY A 36 8.90 -5.56 6.36
N SER A 37 9.32 -4.32 6.63
CA SER A 37 10.33 -4.04 7.67
C SER A 37 9.80 -4.27 9.09
N ILE A 38 8.47 -4.22 9.28
CA ILE A 38 7.76 -4.50 10.53
C ILE A 38 6.75 -5.64 10.38
N GLY A 39 6.33 -5.97 9.15
CA GLY A 39 5.44 -7.09 8.83
C GLY A 39 3.95 -6.79 9.04
N TYR A 40 3.57 -5.53 9.28
CA TYR A 40 2.17 -5.12 9.46
C TYR A 40 1.50 -4.88 8.10
N CYS A 41 0.16 -4.94 8.08
CA CYS A 41 -0.68 -4.61 6.93
C CYS A 41 -1.88 -3.74 7.32
N TRP A 42 -2.49 -3.11 6.31
CA TRP A 42 -3.78 -2.42 6.38
C TRP A 42 -4.48 -2.46 5.02
N CYS A 43 -5.78 -2.18 5.00
CA CYS A 43 -6.51 -1.98 3.74
C CYS A 43 -6.44 -0.50 3.35
N VAL A 44 -6.50 -0.21 2.06
CA VAL A 44 -6.59 1.15 1.52
C VAL A 44 -7.68 1.24 0.45
N PHE A 45 -8.21 2.45 0.27
CA PHE A 45 -9.05 2.78 -0.88
C PHE A 45 -8.13 2.96 -2.12
N PRO A 46 -8.64 2.92 -3.36
CA PRO A 46 -7.83 2.95 -4.60
C PRO A 46 -6.80 4.09 -4.72
N ASN A 47 -7.03 5.20 -4.02
CA ASN A 47 -6.14 6.37 -3.93
C ASN A 47 -5.00 6.23 -2.88
N GLY A 48 -5.05 5.21 -2.01
CA GLY A 48 -4.08 4.99 -0.93
C GLY A 48 -4.55 5.38 0.47
N THR A 49 -5.77 5.91 0.65
CA THR A 49 -6.31 6.26 1.97
C THR A 49 -6.60 4.98 2.76
N GLU A 50 -5.95 4.80 3.91
CA GLU A 50 -6.17 3.67 4.82
C GLU A 50 -7.62 3.54 5.27
N VAL A 51 -8.12 2.31 5.30
CA VAL A 51 -9.39 1.93 5.93
C VAL A 51 -9.08 1.73 7.43
N PRO A 52 -9.52 2.64 8.32
CA PRO A 52 -9.08 2.66 9.71
C PRO A 52 -9.51 1.39 10.46
N ASN A 53 -8.73 1.03 11.48
CA ASN A 53 -8.79 -0.17 12.30
C ASN A 53 -8.33 -1.46 11.58
N THR A 54 -7.98 -1.42 10.27
CA THR A 54 -7.39 -2.57 9.59
C THR A 54 -5.91 -2.72 9.89
N ARG A 55 -5.25 -1.65 10.35
CA ARG A 55 -3.81 -1.61 10.64
C ARG A 55 -3.44 -2.68 11.68
N SER A 56 -2.95 -3.82 11.20
CA SER A 56 -2.76 -5.05 11.99
C SER A 56 -1.44 -5.75 11.70
N ARG A 57 -1.12 -6.74 12.55
CA ARG A 57 0.12 -7.53 12.64
C ARG A 57 0.46 -8.37 11.40
N GLY A 58 -0.46 -8.45 10.43
CA GLY A 58 -0.29 -9.20 9.19
C GLY A 58 -1.50 -9.13 8.27
N HIS A 59 -1.46 -9.99 7.25
CA HIS A 59 -2.33 -10.05 6.08
C HIS A 59 -3.84 -10.09 6.41
N HIS A 60 -4.65 -9.56 5.50
CA HIS A 60 -6.12 -9.66 5.53
C HIS A 60 -6.70 -9.51 4.12
N ASN A 61 -7.97 -9.89 3.93
CA ASN A 61 -8.61 -10.04 2.63
C ASN A 61 -9.40 -8.78 2.24
N CYS A 62 -8.67 -7.68 2.01
CA CYS A 62 -9.27 -6.41 1.64
C CYS A 62 -10.07 -6.51 0.33
N SER A 63 -11.27 -5.93 0.30
CA SER A 63 -12.25 -6.11 -0.80
C SER A 63 -12.48 -7.58 -1.18
N GLU A 64 -12.28 -8.47 -0.21
CA GLU A 64 -12.30 -9.94 -0.32
C GLU A 64 -11.21 -10.53 -1.26
N SER A 65 -10.16 -9.75 -1.50
CA SER A 65 -8.99 -10.12 -2.30
C SER A 65 -7.82 -10.64 -1.43
N LEU A 1 0.49 8.92 -14.86
CA LEU A 1 0.57 8.00 -13.74
C LEU A 1 -0.42 8.41 -12.63
N THR A 2 -0.80 7.45 -11.78
CA THR A 2 -1.60 7.71 -10.58
C THR A 2 -0.72 8.15 -9.41
N LYS A 3 -1.34 8.65 -8.33
CA LYS A 3 -0.65 8.95 -7.07
C LYS A 3 0.14 7.74 -6.54
N CYS A 4 -0.43 6.53 -6.67
CA CYS A 4 0.26 5.28 -6.36
C CYS A 4 1.52 5.12 -7.23
N GLN A 5 1.36 5.10 -8.55
CA GLN A 5 2.46 4.90 -9.49
C GLN A 5 3.55 5.98 -9.37
N GLU A 6 3.16 7.23 -9.11
CA GLU A 6 4.06 8.33 -8.78
C GLU A 6 4.84 8.04 -7.50
N GLU A 7 4.14 7.81 -6.37
CA GLU A 7 4.80 7.52 -5.09
C GLU A 7 5.73 6.32 -5.17
N VAL A 8 5.32 5.25 -5.87
CA VAL A 8 6.13 4.04 -6.08
C VAL A 8 7.32 4.28 -7.01
N SER A 9 7.20 5.22 -7.94
CA SER A 9 8.31 5.72 -8.77
C SER A 9 9.28 6.60 -7.96
N HIS A 10 8.76 7.50 -7.12
CA HIS A 10 9.54 8.48 -6.35
C HIS A 10 10.20 7.88 -5.10
N ILE A 11 9.53 6.95 -4.41
CA ILE A 11 10.07 6.13 -3.32
C ILE A 11 10.63 4.85 -3.96
N PRO A 12 11.96 4.69 -4.12
CA PRO A 12 12.53 3.49 -4.72
C PRO A 12 12.39 2.27 -3.79
N ALA A 13 12.67 1.07 -4.32
CA ALA A 13 12.65 -0.17 -3.54
C ALA A 13 13.57 -0.15 -2.31
N VAL A 14 14.62 0.71 -2.32
CA VAL A 14 15.44 1.03 -1.14
C VAL A 14 14.67 1.99 -0.23
N HIS A 15 13.59 1.49 0.38
CA HIS A 15 12.73 2.21 1.33
C HIS A 15 12.88 1.89 2.84
N PRO A 16 13.88 1.11 3.37
CA PRO A 16 14.06 0.89 4.80
C PRO A 16 13.89 2.14 5.67
N GLY A 17 13.18 1.96 6.80
CA GLY A 17 12.70 3.01 7.70
C GLY A 17 11.33 3.58 7.28
N SER A 18 10.89 3.37 6.03
CA SER A 18 9.70 4.03 5.46
C SER A 18 8.72 3.06 4.77
N PHE A 19 7.52 3.57 4.49
CA PHE A 19 6.49 2.93 3.67
C PHE A 19 6.75 3.16 2.18
N ARG A 20 6.43 2.16 1.36
CA ARG A 20 6.39 2.22 -0.10
C ARG A 20 5.09 1.57 -0.58
N PRO A 21 4.23 2.25 -1.36
CA PRO A 21 2.97 1.66 -1.83
C PRO A 21 3.14 0.49 -2.80
N LYS A 22 2.00 -0.13 -3.16
CA LYS A 22 1.85 -1.15 -4.21
C LYS A 22 0.59 -0.84 -5.04
N CYS A 23 0.58 -1.13 -6.34
CA CYS A 23 -0.50 -0.74 -7.26
C CYS A 23 -0.93 -1.88 -8.18
N ASP A 24 -2.18 -1.83 -8.63
CA ASP A 24 -2.82 -2.90 -9.41
C ASP A 24 -2.75 -2.68 -10.94
N GLU A 25 -3.39 -3.59 -11.68
CA GLU A 25 -3.49 -3.53 -13.14
C GLU A 25 -4.21 -2.28 -13.68
N ASN A 26 -5.08 -1.67 -12.87
CA ASN A 26 -5.72 -0.38 -13.15
C ASN A 26 -4.87 0.82 -12.68
N GLY A 27 -3.61 0.60 -12.27
CA GLY A 27 -2.69 1.63 -11.77
C GLY A 27 -3.10 2.28 -10.44
N ASN A 28 -4.21 1.84 -9.83
CA ASN A 28 -4.72 2.32 -8.56
C ASN A 28 -3.98 1.59 -7.43
N TYR A 29 -4.15 2.04 -6.18
CA TYR A 29 -3.51 1.34 -5.05
C TYR A 29 -4.02 -0.09 -4.97
N LEU A 30 -3.11 -1.07 -4.81
CA LEU A 30 -3.52 -2.44 -4.51
C LEU A 30 -4.34 -2.42 -3.19
N PRO A 31 -5.37 -3.27 -3.02
CA PRO A 31 -6.31 -3.12 -1.91
C PRO A 31 -5.71 -3.41 -0.53
N LEU A 32 -4.52 -4.03 -0.49
CA LEU A 32 -3.66 -4.20 0.68
C LEU A 32 -2.41 -3.33 0.49
N GLN A 33 -2.00 -2.63 1.54
CA GLN A 33 -0.74 -1.88 1.59
C GLN A 33 0.02 -2.26 2.87
N CYS A 34 1.36 -2.20 2.81
CA CYS A 34 2.22 -2.59 3.93
C CYS A 34 3.42 -1.66 4.08
N TYR A 35 3.71 -1.26 5.32
CA TYR A 35 4.92 -0.56 5.71
C TYR A 35 6.00 -1.62 5.91
N GLY A 36 6.48 -2.17 4.78
CA GLY A 36 7.34 -3.35 4.69
C GLY A 36 8.54 -3.33 5.63
N SER A 37 9.15 -2.16 5.85
CA SER A 37 10.28 -2.00 6.76
C SER A 37 9.98 -2.27 8.25
N ILE A 38 8.71 -2.41 8.65
CA ILE A 38 8.28 -2.89 9.97
C ILE A 38 7.31 -4.09 9.87
N GLY A 39 6.90 -4.48 8.66
CA GLY A 39 6.04 -5.63 8.38
C GLY A 39 4.55 -5.45 8.70
N TYR A 40 4.11 -4.23 9.05
CA TYR A 40 2.70 -3.93 9.32
C TYR A 40 1.94 -3.66 8.02
N CYS A 41 0.65 -4.01 7.97
CA CYS A 41 -0.23 -3.78 6.82
C CYS A 41 -1.60 -3.24 7.21
N TRP A 42 -2.31 -2.70 6.22
CA TRP A 42 -3.70 -2.28 6.27
C TRP A 42 -4.34 -2.46 4.88
N CYS A 43 -5.67 -2.44 4.82
CA CYS A 43 -6.37 -2.38 3.53
C CYS A 43 -6.58 -0.90 3.17
N VAL A 44 -6.72 -0.61 1.88
CA VAL A 44 -7.00 0.73 1.35
C VAL A 44 -8.14 0.71 0.32
N PHE A 45 -8.78 1.87 0.17
CA PHE A 45 -9.70 2.15 -0.94
C PHE A 45 -8.84 2.44 -2.21
N PRO A 46 -9.39 2.44 -3.43
CA PRO A 46 -8.62 2.57 -4.68
C PRO A 46 -7.64 3.76 -4.74
N ASN A 47 -7.98 4.86 -4.05
CA ASN A 47 -7.22 6.09 -3.94
C ASN A 47 -6.06 6.04 -2.93
N GLY A 48 -5.92 4.96 -2.15
CA GLY A 48 -4.88 4.79 -1.14
C GLY A 48 -5.29 5.19 0.29
N THR A 49 -6.53 5.63 0.52
CA THR A 49 -7.03 5.90 1.88
C THR A 49 -7.23 4.57 2.60
N GLU A 50 -6.63 4.42 3.79
CA GLU A 50 -6.72 3.20 4.59
C GLU A 50 -8.11 2.92 5.16
N VAL A 51 -8.32 1.66 5.56
CA VAL A 51 -9.46 1.21 6.37
C VAL A 51 -8.92 1.11 7.81
N PRO A 52 -9.08 2.16 8.66
CA PRO A 52 -8.40 2.34 9.95
C PRO A 52 -8.78 1.38 11.10
N ASN A 53 -9.29 0.20 10.76
CA ASN A 53 -9.50 -0.93 11.65
C ASN A 53 -8.82 -2.21 11.14
N THR A 54 -8.20 -2.17 9.95
CA THR A 54 -7.40 -3.28 9.40
C THR A 54 -5.95 -3.27 9.86
N ARG A 55 -5.43 -2.12 10.34
CA ARG A 55 -4.02 -1.88 10.63
C ARG A 55 -3.44 -2.95 11.57
N SER A 56 -2.70 -3.91 11.01
CA SER A 56 -2.26 -5.14 11.68
C SER A 56 -0.77 -5.43 11.48
N ARG A 57 -0.26 -6.36 12.31
CA ARG A 57 1.10 -6.93 12.34
C ARG A 57 1.53 -7.68 11.07
N GLY A 58 0.62 -7.84 10.12
CA GLY A 58 0.80 -8.54 8.85
C GLY A 58 -0.40 -8.41 7.93
N HIS A 59 -0.36 -9.14 6.81
CA HIS A 59 -1.33 -9.12 5.70
C HIS A 59 -2.77 -9.48 6.13
N HIS A 60 -3.73 -9.17 5.25
CA HIS A 60 -5.14 -9.57 5.35
C HIS A 60 -5.79 -9.62 3.95
N ASN A 61 -6.99 -10.21 3.87
CA ASN A 61 -7.68 -10.58 2.64
C ASN A 61 -8.46 -9.41 2.02
N CYS A 62 -7.77 -8.32 1.71
CA CYS A 62 -8.44 -7.16 1.12
C CYS A 62 -8.94 -7.47 -0.31
N SER A 63 -9.90 -6.71 -0.85
CA SER A 63 -10.33 -6.82 -2.26
C SER A 63 -10.96 -5.55 -2.84
N GLU A 64 -10.68 -4.40 -2.24
CA GLU A 64 -11.17 -3.06 -2.58
C GLU A 64 -10.60 -2.46 -3.89
N SER A 65 -10.11 -3.31 -4.79
CA SER A 65 -9.49 -3.00 -6.09
C SER A 65 -9.04 -4.29 -6.78
N LEU A 1 0.32 8.89 -15.02
CA LEU A 1 0.41 8.01 -13.87
C LEU A 1 -0.44 8.54 -12.71
N THR A 2 -0.85 7.65 -11.80
CA THR A 2 -1.52 8.02 -10.54
C THR A 2 -0.50 8.43 -9.47
N LYS A 3 -0.98 9.03 -8.37
CA LYS A 3 -0.14 9.31 -7.18
C LYS A 3 0.55 8.04 -6.67
N CYS A 4 -0.16 6.90 -6.67
CA CYS A 4 0.42 5.59 -6.38
C CYS A 4 1.58 5.28 -7.34
N GLN A 5 1.30 5.24 -8.64
CA GLN A 5 2.31 4.89 -9.66
C GLN A 5 3.52 5.84 -9.65
N GLU A 6 3.30 7.14 -9.39
CA GLU A 6 4.35 8.13 -9.19
C GLU A 6 5.20 7.78 -7.97
N GLU A 7 4.60 7.65 -6.78
CA GLU A 7 5.33 7.27 -5.56
C GLU A 7 6.15 5.98 -5.78
N VAL A 8 5.52 4.96 -6.35
CA VAL A 8 6.12 3.66 -6.66
C VAL A 8 7.24 3.77 -7.73
N SER A 9 7.17 4.81 -8.57
CA SER A 9 8.22 5.22 -9.51
C SER A 9 9.23 6.24 -8.96
N HIS A 10 9.17 6.63 -7.68
CA HIS A 10 10.03 7.69 -7.10
C HIS A 10 10.71 7.27 -5.79
N ILE A 11 10.05 6.44 -4.97
CA ILE A 11 10.62 5.85 -3.76
C ILE A 11 11.59 4.72 -4.19
N PRO A 12 12.78 4.56 -3.58
CA PRO A 12 13.67 3.45 -3.92
C PRO A 12 13.06 2.09 -3.54
N ALA A 13 13.52 1.00 -4.16
CA ALA A 13 13.16 -0.34 -3.72
C ALA A 13 13.71 -0.63 -2.31
N VAL A 14 14.91 -0.11 -2.01
CA VAL A 14 15.51 -0.09 -0.67
C VAL A 14 14.85 1.02 0.16
N HIS A 15 13.56 0.83 0.45
CA HIS A 15 12.78 1.68 1.36
C HIS A 15 12.84 1.35 2.87
N PRO A 16 13.47 0.26 3.40
CA PRO A 16 13.62 0.00 4.83
C PRO A 16 14.03 1.23 5.66
N GLY A 17 13.08 1.75 6.43
CA GLY A 17 13.13 3.02 7.15
C GLY A 17 11.92 3.93 6.84
N SER A 18 11.24 3.72 5.72
CA SER A 18 10.03 4.42 5.31
C SER A 18 8.97 3.48 4.70
N PHE A 19 7.82 4.03 4.33
CA PHE A 19 6.73 3.37 3.61
C PHE A 19 7.02 3.31 2.10
N ARG A 20 6.35 2.39 1.39
CA ARG A 20 6.36 2.27 -0.06
C ARG A 20 5.01 1.71 -0.54
N PRO A 21 4.21 2.44 -1.34
CA PRO A 21 2.94 1.93 -1.85
C PRO A 21 3.09 0.73 -2.81
N LYS A 22 1.94 0.18 -3.20
CA LYS A 22 1.75 -0.84 -4.25
C LYS A 22 0.50 -0.47 -5.07
N CYS A 23 0.45 -0.77 -6.37
CA CYS A 23 -0.65 -0.37 -7.26
C CYS A 23 -1.16 -1.51 -8.14
N ASP A 24 -2.40 -1.37 -8.60
CA ASP A 24 -3.19 -2.40 -9.28
C ASP A 24 -3.28 -2.24 -10.81
N GLU A 25 -4.02 -3.15 -11.46
CA GLU A 25 -4.28 -3.19 -12.91
C GLU A 25 -5.01 -1.94 -13.47
N ASN A 26 -5.60 -1.12 -12.59
CA ASN A 26 -6.19 0.19 -12.90
C ASN A 26 -5.27 1.35 -12.47
N GLY A 27 -3.99 1.07 -12.14
CA GLY A 27 -3.00 2.05 -11.68
C GLY A 27 -3.31 2.67 -10.32
N ASN A 28 -4.37 2.23 -9.64
CA ASN A 28 -4.84 2.72 -8.36
C ASN A 28 -4.08 2.00 -7.24
N TYR A 29 -4.17 2.49 -5.99
CA TYR A 29 -3.54 1.84 -4.84
C TYR A 29 -4.11 0.44 -4.67
N LEU A 30 -3.23 -0.58 -4.66
CA LEU A 30 -3.62 -1.97 -4.43
C LEU A 30 -4.42 -2.04 -3.11
N PRO A 31 -5.62 -2.64 -3.06
CA PRO A 31 -6.46 -2.71 -1.86
C PRO A 31 -5.82 -3.23 -0.56
N LEU A 32 -4.60 -3.76 -0.60
CA LEU A 32 -3.72 -4.08 0.52
C LEU A 32 -2.45 -3.23 0.37
N GLN A 33 -2.06 -2.49 1.41
CA GLN A 33 -0.77 -1.77 1.49
C GLN A 33 0.02 -2.24 2.71
N CYS A 34 1.35 -2.20 2.62
CA CYS A 34 2.24 -2.62 3.71
C CYS A 34 3.43 -1.66 3.89
N TYR A 35 3.95 -1.65 5.13
CA TYR A 35 5.00 -0.76 5.63
C TYR A 35 6.02 -1.63 6.38
N GLY A 36 6.77 -2.43 5.61
CA GLY A 36 7.72 -3.42 6.12
C GLY A 36 8.72 -2.88 7.15
N SER A 37 9.12 -1.61 6.99
CA SER A 37 9.98 -0.84 7.89
C SER A 37 9.51 -0.80 9.36
N ILE A 38 8.22 -1.03 9.63
CA ILE A 38 7.65 -1.17 10.97
C ILE A 38 6.94 -2.52 11.18
N GLY A 39 6.91 -3.38 10.16
CA GLY A 39 6.22 -4.67 10.18
C GLY A 39 4.71 -4.49 10.33
N TYR A 40 4.08 -3.81 9.35
CA TYR A 40 2.62 -3.63 9.30
C TYR A 40 2.05 -3.68 7.88
N CYS A 41 0.75 -3.95 7.81
CA CYS A 41 -0.12 -3.81 6.64
C CYS A 41 -1.50 -3.29 7.06
N TRP A 42 -2.24 -2.77 6.08
CA TRP A 42 -3.65 -2.39 6.19
C TRP A 42 -4.32 -2.53 4.82
N CYS A 43 -5.64 -2.60 4.80
CA CYS A 43 -6.38 -2.51 3.54
C CYS A 43 -6.63 -1.04 3.20
N VAL A 44 -6.78 -0.71 1.91
CA VAL A 44 -7.13 0.63 1.42
C VAL A 44 -8.23 0.58 0.36
N PHE A 45 -8.92 1.70 0.16
CA PHE A 45 -9.77 1.89 -1.00
C PHE A 45 -8.85 2.34 -2.18
N PRO A 46 -9.27 2.23 -3.46
CA PRO A 46 -8.40 2.47 -4.62
C PRO A 46 -7.64 3.81 -4.64
N ASN A 47 -8.15 4.85 -3.98
CA ASN A 47 -7.51 6.15 -3.84
C ASN A 47 -6.42 6.22 -2.76
N GLY A 48 -6.21 5.15 -1.98
CA GLY A 48 -5.25 5.06 -0.88
C GLY A 48 -5.85 5.20 0.53
N THR A 49 -7.17 5.37 0.65
CA THR A 49 -7.86 5.56 1.95
C THR A 49 -7.79 4.29 2.79
N GLU A 50 -7.00 4.28 3.86
CA GLU A 50 -6.89 3.17 4.81
C GLU A 50 -8.25 2.78 5.43
N VAL A 51 -8.55 1.49 5.39
CA VAL A 51 -9.71 0.87 6.04
C VAL A 51 -9.35 0.58 7.50
N PRO A 52 -9.94 1.31 8.47
CA PRO A 52 -9.55 1.20 9.88
C PRO A 52 -9.82 -0.20 10.44
N ASN A 53 -9.16 -0.51 11.56
CA ASN A 53 -9.11 -1.82 12.22
C ASN A 53 -8.47 -2.95 11.39
N THR A 54 -8.11 -2.74 10.12
CA THR A 54 -7.30 -3.72 9.36
C THR A 54 -5.84 -3.67 9.78
N ARG A 55 -5.39 -2.51 10.30
CA ARG A 55 -4.01 -2.20 10.66
C ARG A 55 -3.41 -3.31 11.54
N SER A 56 -2.57 -4.16 10.96
CA SER A 56 -2.05 -5.38 11.57
C SER A 56 -0.60 -5.65 11.15
N ARG A 57 0.09 -6.58 11.81
CA ARG A 57 1.54 -6.82 11.67
C ARG A 57 1.94 -7.56 10.37
N GLY A 58 0.96 -7.81 9.49
CA GLY A 58 1.11 -8.58 8.26
C GLY A 58 -0.16 -8.55 7.41
N HIS A 59 -0.11 -9.25 6.26
CA HIS A 59 -1.11 -9.24 5.20
C HIS A 59 -2.53 -9.65 5.66
N HIS A 60 -3.53 -9.30 4.84
CA HIS A 60 -4.92 -9.72 4.98
C HIS A 60 -5.63 -9.73 3.62
N ASN A 61 -6.79 -10.38 3.55
CA ASN A 61 -7.52 -10.72 2.34
C ASN A 61 -8.43 -9.57 1.88
N CYS A 62 -7.81 -8.43 1.54
CA CYS A 62 -8.56 -7.27 1.08
C CYS A 62 -9.26 -7.55 -0.28
N SER A 63 -10.23 -6.71 -0.66
CA SER A 63 -10.94 -6.74 -1.96
C SER A 63 -10.02 -6.31 -3.11
N GLU A 64 -8.96 -7.09 -3.36
CA GLU A 64 -7.76 -6.89 -4.20
C GLU A 64 -7.87 -6.48 -5.68
N SER A 65 -8.97 -5.87 -6.11
CA SER A 65 -9.14 -5.23 -7.42
C SER A 65 -8.82 -6.15 -8.60
N LEU A 1 0.78 8.67 -15.23
CA LEU A 1 0.78 7.75 -14.10
C LEU A 1 -0.24 8.20 -13.05
N THR A 2 -0.70 7.26 -12.21
CA THR A 2 -1.57 7.55 -11.07
C THR A 2 -0.76 8.01 -9.85
N LYS A 3 -1.44 8.57 -8.82
CA LYS A 3 -0.82 8.92 -7.54
C LYS A 3 -0.07 7.75 -6.90
N CYS A 4 -0.62 6.53 -7.01
CA CYS A 4 0.06 5.30 -6.61
C CYS A 4 1.34 5.09 -7.43
N GLN A 5 1.23 5.00 -8.76
CA GLN A 5 2.37 4.75 -9.64
C GLN A 5 3.46 5.82 -9.52
N GLU A 6 3.10 7.10 -9.37
CA GLU A 6 4.00 8.21 -9.11
C GLU A 6 4.76 8.02 -7.80
N GLU A 7 4.05 7.82 -6.68
CA GLU A 7 4.67 7.59 -5.37
C GLU A 7 5.61 6.38 -5.41
N VAL A 8 5.20 5.27 -6.03
CA VAL A 8 5.99 4.06 -6.18
C VAL A 8 7.20 4.27 -7.12
N SER A 9 7.08 5.20 -8.06
CA SER A 9 8.17 5.70 -8.93
C SER A 9 9.01 6.81 -8.28
N HIS A 10 8.78 7.17 -7.01
CA HIS A 10 9.53 8.20 -6.28
C HIS A 10 10.12 7.67 -4.98
N ILE A 11 9.40 6.77 -4.30
CA ILE A 11 9.87 5.97 -3.17
C ILE A 11 10.35 4.64 -3.79
N PRO A 12 11.67 4.37 -3.90
CA PRO A 12 12.16 3.13 -4.50
C PRO A 12 12.01 1.93 -3.55
N ALA A 13 12.27 0.71 -4.07
CA ALA A 13 12.28 -0.52 -3.29
C ALA A 13 13.26 -0.48 -2.09
N VAL A 14 14.29 0.37 -2.15
CA VAL A 14 15.17 0.71 -1.04
C VAL A 14 14.47 1.76 -0.17
N HIS A 15 13.51 1.32 0.63
CA HIS A 15 12.74 2.15 1.57
C HIS A 15 12.95 1.79 3.06
N PRO A 16 14.19 1.59 3.55
CA PRO A 16 14.44 1.23 4.95
C PRO A 16 13.97 2.35 5.90
N GLY A 17 13.17 1.96 6.90
CA GLY A 17 12.49 2.87 7.82
C GLY A 17 11.17 3.44 7.30
N SER A 18 10.82 3.21 6.02
CA SER A 18 9.68 3.85 5.36
C SER A 18 8.67 2.85 4.79
N PHE A 19 7.46 3.38 4.54
CA PHE A 19 6.41 2.76 3.75
C PHE A 19 6.78 2.96 2.26
N ARG A 20 6.18 2.13 1.39
CA ARG A 20 6.17 2.25 -0.07
C ARG A 20 4.83 1.67 -0.56
N PRO A 21 4.03 2.40 -1.37
CA PRO A 21 2.77 1.86 -1.87
C PRO A 21 2.91 0.66 -2.80
N LYS A 22 1.77 0.04 -3.12
CA LYS A 22 1.59 -1.10 -4.02
C LYS A 22 0.39 -0.83 -4.94
N CYS A 23 0.48 -1.14 -6.23
CA CYS A 23 -0.58 -0.88 -7.21
C CYS A 23 -0.76 -2.06 -8.16
N ASP A 24 -1.97 -2.18 -8.72
CA ASP A 24 -2.29 -3.12 -9.79
C ASP A 24 -1.83 -2.61 -11.16
N GLU A 25 -1.94 -3.45 -12.20
CA GLU A 25 -1.59 -3.10 -13.59
C GLU A 25 -2.42 -1.94 -14.17
N ASN A 26 -3.55 -1.62 -13.53
CA ASN A 26 -4.45 -0.51 -13.86
C ASN A 26 -3.97 0.81 -13.21
N GLY A 27 -2.93 0.76 -12.36
CA GLY A 27 -2.38 1.89 -11.63
C GLY A 27 -3.16 2.26 -10.36
N ASN A 28 -4.21 1.52 -10.00
CA ASN A 28 -4.96 1.73 -8.77
C ASN A 28 -4.18 1.12 -7.60
N TYR A 29 -4.30 1.73 -6.41
CA TYR A 29 -3.74 1.20 -5.16
C TYR A 29 -4.26 -0.22 -4.92
N LEU A 30 -3.33 -1.17 -4.76
CA LEU A 30 -3.70 -2.54 -4.41
C LEU A 30 -4.51 -2.52 -3.09
N PRO A 31 -5.51 -3.40 -2.90
CA PRO A 31 -6.46 -3.27 -1.78
C PRO A 31 -5.83 -3.46 -0.40
N LEU A 32 -4.65 -4.08 -0.33
CA LEU A 32 -3.75 -4.18 0.81
C LEU A 32 -2.51 -3.31 0.56
N GLN A 33 -2.13 -2.48 1.54
CA GLN A 33 -0.88 -1.72 1.53
C GLN A 33 -0.03 -2.13 2.75
N CYS A 34 1.30 -2.12 2.61
CA CYS A 34 2.22 -2.61 3.64
C CYS A 34 3.43 -1.70 3.84
N TYR A 35 3.69 -1.32 5.09
CA TYR A 35 4.90 -0.65 5.54
C TYR A 35 5.97 -1.73 5.78
N GLY A 36 6.43 -2.29 4.66
CA GLY A 36 7.30 -3.47 4.59
C GLY A 36 8.51 -3.42 5.51
N SER A 37 9.14 -2.23 5.68
CA SER A 37 10.29 -2.05 6.57
C SER A 37 10.01 -2.32 8.07
N ILE A 38 8.75 -2.46 8.50
CA ILE A 38 8.36 -2.92 9.83
C ILE A 38 7.42 -4.15 9.78
N GLY A 39 7.06 -4.64 8.58
CA GLY A 39 6.20 -5.80 8.36
C GLY A 39 4.70 -5.54 8.43
N TYR A 40 4.27 -4.32 8.79
CA TYR A 40 2.86 -4.02 9.05
C TYR A 40 2.08 -3.76 7.75
N CYS A 41 0.78 -4.05 7.75
CA CYS A 41 -0.13 -3.77 6.63
C CYS A 41 -1.47 -3.22 7.10
N TRP A 42 -2.23 -2.65 6.16
CA TRP A 42 -3.62 -2.23 6.28
C TRP A 42 -4.33 -2.38 4.93
N CYS A 43 -5.66 -2.37 4.91
CA CYS A 43 -6.41 -2.28 3.65
C CYS A 43 -6.64 -0.82 3.29
N VAL A 44 -6.86 -0.53 2.00
CA VAL A 44 -7.12 0.84 1.52
C VAL A 44 -8.33 0.97 0.58
N PHE A 45 -8.82 2.19 0.45
CA PHE A 45 -9.78 2.61 -0.56
C PHE A 45 -9.01 3.01 -1.86
N PRO A 46 -9.66 3.09 -3.03
CA PRO A 46 -8.99 3.29 -4.34
C PRO A 46 -8.03 4.49 -4.48
N ASN A 47 -8.07 5.48 -3.57
CA ASN A 47 -7.16 6.62 -3.53
C ASN A 47 -5.97 6.42 -2.57
N GLY A 48 -5.87 5.28 -1.89
CA GLY A 48 -4.82 4.96 -0.91
C GLY A 48 -5.20 5.24 0.55
N THR A 49 -6.42 5.69 0.83
CA THR A 49 -6.89 5.99 2.20
C THR A 49 -7.08 4.69 2.97
N GLU A 50 -6.53 4.58 4.18
CA GLU A 50 -6.67 3.41 5.04
C GLU A 50 -8.13 3.07 5.41
N VAL A 51 -8.45 1.77 5.37
CA VAL A 51 -9.68 1.19 5.92
C VAL A 51 -9.37 0.97 7.41
N PRO A 52 -9.98 1.76 8.32
CA PRO A 52 -9.58 1.80 9.73
C PRO A 52 -9.72 0.45 10.43
N ASN A 53 -8.95 0.28 11.50
CA ASN A 53 -8.81 -0.93 12.32
C ASN A 53 -8.28 -2.18 11.58
N THR A 54 -7.97 -2.11 10.28
CA THR A 54 -7.25 -3.19 9.58
C THR A 54 -5.79 -3.22 10.00
N ARG A 55 -5.21 -2.05 10.30
CA ARG A 55 -3.78 -1.83 10.52
C ARG A 55 -3.18 -2.84 11.51
N SER A 56 -2.41 -3.79 10.97
CA SER A 56 -1.93 -4.98 11.68
C SER A 56 -0.46 -5.29 11.39
N ARG A 57 0.12 -6.17 12.21
CA ARG A 57 1.51 -6.67 12.21
C ARG A 57 1.90 -7.43 10.92
N GLY A 58 0.94 -7.67 10.04
CA GLY A 58 1.09 -8.39 8.77
C GLY A 58 -0.15 -8.27 7.87
N HIS A 59 -0.11 -8.98 6.74
CA HIS A 59 -1.12 -9.00 5.68
C HIS A 59 -2.51 -9.43 6.15
N HIS A 60 -3.54 -9.13 5.35
CA HIS A 60 -4.92 -9.58 5.54
C HIS A 60 -5.72 -9.61 4.23
N ASN A 61 -6.88 -10.26 4.24
CA ASN A 61 -7.71 -10.63 3.10
C ASN A 61 -8.59 -9.46 2.64
N CYS A 62 -7.97 -8.37 2.21
CA CYS A 62 -8.66 -7.15 1.83
C CYS A 62 -9.68 -7.36 0.69
N SER A 63 -10.96 -7.25 0.99
CA SER A 63 -12.09 -7.55 0.11
C SER A 63 -12.26 -6.48 -1.00
N GLU A 64 -11.32 -6.45 -1.95
CA GLU A 64 -11.16 -5.47 -3.04
C GLU A 64 -11.04 -4.00 -2.60
N SER A 65 -10.84 -3.80 -1.31
CA SER A 65 -10.48 -2.57 -0.62
C SER A 65 -10.02 -2.85 0.81
N LEU A 1 -1.88 5.44 -14.82
CA LEU A 1 -1.18 5.55 -13.55
C LEU A 1 -2.00 6.38 -12.53
N THR A 2 -1.55 6.41 -11.28
CA THR A 2 -2.04 7.30 -10.22
C THR A 2 -0.89 7.68 -9.28
N LYS A 3 -1.20 8.49 -8.24
CA LYS A 3 -0.32 8.79 -7.11
C LYS A 3 0.34 7.53 -6.53
N CYS A 4 -0.36 6.37 -6.54
CA CYS A 4 0.23 5.09 -6.19
C CYS A 4 1.45 4.77 -7.07
N GLN A 5 1.21 4.52 -8.36
CA GLN A 5 2.25 4.15 -9.33
C GLN A 5 3.39 5.18 -9.36
N GLU A 6 3.05 6.47 -9.27
CA GLU A 6 4.00 7.58 -9.14
C GLU A 6 4.90 7.35 -7.93
N GLU A 7 4.33 7.26 -6.72
CA GLU A 7 5.10 7.02 -5.49
C GLU A 7 5.97 5.77 -5.59
N VAL A 8 5.40 4.65 -6.05
CA VAL A 8 6.14 3.39 -6.22
C VAL A 8 7.33 3.56 -7.18
N SER A 9 7.18 4.41 -8.20
CA SER A 9 8.23 4.82 -9.15
C SER A 9 9.19 5.93 -8.66
N HIS A 10 9.00 6.48 -7.47
CA HIS A 10 9.75 7.66 -6.99
C HIS A 10 10.38 7.51 -5.61
N ILE A 11 9.85 6.63 -4.75
CA ILE A 11 10.47 6.25 -3.49
C ILE A 11 11.77 5.47 -3.81
N PRO A 12 12.90 5.71 -3.11
CA PRO A 12 14.15 5.00 -3.40
C PRO A 12 14.06 3.50 -3.06
N ALA A 13 15.00 2.70 -3.56
CA ALA A 13 15.16 1.30 -3.15
C ALA A 13 15.66 1.20 -1.70
N VAL A 14 16.51 2.13 -1.27
CA VAL A 14 16.99 2.29 0.10
C VAL A 14 15.94 3.08 0.89
N HIS A 15 14.86 2.39 1.27
CA HIS A 15 13.79 2.93 2.11
C HIS A 15 13.62 2.17 3.46
N PRO A 16 14.69 1.99 4.27
CA PRO A 16 14.63 1.29 5.55
C PRO A 16 13.67 2.02 6.52
N GLY A 17 12.87 1.24 7.25
CA GLY A 17 11.80 1.72 8.14
C GLY A 17 10.80 2.70 7.50
N SER A 18 10.82 2.86 6.16
CA SER A 18 10.11 3.91 5.43
C SER A 18 9.12 3.31 4.42
N PHE A 19 7.91 3.88 4.35
CA PHE A 19 6.79 3.30 3.60
C PHE A 19 7.01 3.24 2.07
N ARG A 20 6.32 2.30 1.42
CA ARG A 20 6.16 2.17 -0.02
C ARG A 20 4.78 1.54 -0.31
N PRO A 21 3.91 2.17 -1.14
CA PRO A 21 2.65 1.56 -1.54
C PRO A 21 2.84 0.43 -2.56
N LYS A 22 1.73 -0.20 -2.96
CA LYS A 22 1.61 -1.17 -4.07
C LYS A 22 0.31 -0.91 -4.84
N CYS A 23 0.28 -1.23 -6.14
CA CYS A 23 -0.80 -0.83 -7.03
C CYS A 23 -1.30 -1.95 -7.95
N ASP A 24 -2.55 -1.83 -8.37
CA ASP A 24 -3.22 -2.76 -9.28
C ASP A 24 -2.98 -2.44 -10.77
N GLU A 25 -3.49 -3.32 -11.65
CA GLU A 25 -3.43 -3.13 -13.11
C GLU A 25 -4.10 -1.85 -13.61
N ASN A 26 -5.02 -1.28 -12.82
CA ASN A 26 -5.69 0.00 -13.06
C ASN A 26 -4.84 1.19 -12.56
N GLY A 27 -3.61 0.96 -12.11
CA GLY A 27 -2.68 1.96 -11.59
C GLY A 27 -3.08 2.57 -10.25
N ASN A 28 -4.16 2.09 -9.64
CA ASN A 28 -4.72 2.53 -8.36
C ASN A 28 -4.11 1.72 -7.22
N TYR A 29 -4.25 2.19 -5.97
CA TYR A 29 -3.70 1.49 -4.79
C TYR A 29 -4.34 0.11 -4.65
N LEU A 30 -3.50 -0.93 -4.53
CA LEU A 30 -3.97 -2.30 -4.28
C LEU A 30 -4.85 -2.33 -3.01
N PRO A 31 -5.95 -3.10 -2.96
CA PRO A 31 -6.83 -3.23 -1.79
C PRO A 31 -6.13 -3.47 -0.44
N LEU A 32 -4.97 -4.15 -0.44
CA LEU A 32 -4.05 -4.30 0.68
C LEU A 32 -2.80 -3.46 0.40
N GLN A 33 -2.38 -2.64 1.37
CA GLN A 33 -1.10 -1.94 1.39
C GLN A 33 -0.26 -2.51 2.52
N CYS A 34 1.04 -2.68 2.26
CA CYS A 34 1.99 -3.22 3.24
C CYS A 34 3.22 -2.33 3.34
N TYR A 35 3.45 -1.83 4.56
CA TYR A 35 4.62 -1.07 4.96
C TYR A 35 5.71 -2.12 5.30
N GLY A 36 6.15 -2.82 4.26
CA GLY A 36 7.01 -4.01 4.33
C GLY A 36 8.37 -3.76 4.98
N SER A 37 8.89 -2.53 4.91
CA SER A 37 10.09 -2.06 5.61
C SER A 37 9.99 -2.11 7.15
N ILE A 38 8.78 -2.32 7.72
CA ILE A 38 8.53 -2.66 9.12
C ILE A 38 7.65 -3.92 9.26
N GLY A 39 7.18 -4.49 8.13
CA GLY A 39 6.34 -5.68 8.06
C GLY A 39 4.87 -5.49 8.45
N TYR A 40 4.33 -4.27 8.45
CA TYR A 40 2.91 -4.01 8.76
C TYR A 40 2.06 -3.93 7.48
N CYS A 41 0.75 -4.12 7.60
CA CYS A 41 -0.20 -3.88 6.50
C CYS A 41 -1.52 -3.26 6.98
N TRP A 42 -2.30 -2.73 6.03
CA TRP A 42 -3.69 -2.27 6.19
C TRP A 42 -4.42 -2.46 4.86
N CYS A 43 -5.76 -2.41 4.89
CA CYS A 43 -6.55 -2.34 3.67
C CYS A 43 -6.75 -0.87 3.28
N VAL A 44 -6.89 -0.58 1.99
CA VAL A 44 -7.23 0.76 1.50
C VAL A 44 -8.32 0.71 0.43
N PHE A 45 -9.04 1.82 0.25
CA PHE A 45 -9.89 2.01 -0.92
C PHE A 45 -8.94 2.38 -2.10
N PRO A 46 -9.35 2.22 -3.38
CA PRO A 46 -8.45 2.38 -4.54
C PRO A 46 -7.66 3.70 -4.64
N ASN A 47 -8.12 4.78 -3.97
CA ASN A 47 -7.45 6.06 -3.88
C ASN A 47 -6.35 6.14 -2.79
N GLY A 48 -6.19 5.10 -1.97
CA GLY A 48 -5.21 5.01 -0.88
C GLY A 48 -5.78 5.23 0.53
N THR A 49 -7.09 5.48 0.66
CA THR A 49 -7.75 5.74 1.97
C THR A 49 -7.79 4.46 2.81
N GLU A 50 -7.09 4.42 3.95
CA GLU A 50 -7.09 3.27 4.86
C GLU A 50 -8.50 2.89 5.35
N VAL A 51 -8.79 1.58 5.37
CA VAL A 51 -10.02 1.02 5.92
C VAL A 51 -9.82 0.89 7.44
N PRO A 52 -10.56 1.64 8.28
CA PRO A 52 -10.33 1.77 9.71
C PRO A 52 -10.04 0.47 10.46
N ASN A 53 -9.04 0.53 11.35
CA ASN A 53 -8.59 -0.53 12.24
C ASN A 53 -8.01 -1.76 11.51
N THR A 54 -7.76 -1.71 10.20
CA THR A 54 -7.07 -2.82 9.50
C THR A 54 -5.57 -2.77 9.74
N ARG A 55 -5.00 -1.59 10.09
CA ARG A 55 -3.58 -1.41 10.35
C ARG A 55 -3.06 -2.43 11.39
N SER A 56 -2.32 -3.43 10.92
CA SER A 56 -1.92 -4.62 11.69
C SER A 56 -0.53 -5.13 11.32
N ARG A 57 -0.04 -6.08 12.11
CA ARG A 57 1.28 -6.72 12.12
C ARG A 57 1.60 -7.57 10.88
N GLY A 58 0.69 -7.66 9.92
CA GLY A 58 0.83 -8.42 8.68
C GLY A 58 -0.41 -8.35 7.79
N HIS A 59 -0.35 -9.09 6.67
CA HIS A 59 -1.35 -9.14 5.59
C HIS A 59 -2.76 -9.55 6.07
N HIS A 60 -3.78 -9.21 5.25
CA HIS A 60 -5.18 -9.61 5.48
C HIS A 60 -5.99 -9.61 4.15
N ASN A 61 -7.17 -10.22 4.18
CA ASN A 61 -8.00 -10.55 3.03
C ASN A 61 -8.92 -9.38 2.66
N CYS A 62 -8.34 -8.28 2.19
CA CYS A 62 -9.04 -7.05 1.86
C CYS A 62 -10.12 -7.24 0.78
N SER A 63 -11.39 -7.11 1.18
CA SER A 63 -12.57 -7.29 0.33
C SER A 63 -12.73 -6.17 -0.70
N GLU A 64 -11.92 -6.23 -1.78
CA GLU A 64 -11.80 -5.26 -2.88
C GLU A 64 -11.63 -3.78 -2.49
N SER A 65 -11.24 -3.54 -1.24
CA SER A 65 -10.81 -2.26 -0.68
C SER A 65 -10.16 -2.47 0.69
N LEU A 1 0.40 9.07 -15.18
CA LEU A 1 0.42 8.09 -14.10
C LEU A 1 -0.70 8.39 -13.09
N THR A 2 -1.06 7.39 -12.28
CA THR A 2 -1.99 7.54 -11.16
C THR A 2 -1.25 8.04 -9.91
N LYS A 3 -1.99 8.46 -8.87
CA LYS A 3 -1.43 8.81 -7.56
C LYS A 3 -0.59 7.68 -6.96
N CYS A 4 -1.04 6.42 -7.13
CA CYS A 4 -0.27 5.24 -6.78
C CYS A 4 1.01 5.14 -7.60
N GLN A 5 0.90 5.08 -8.94
CA GLN A 5 2.05 4.94 -9.83
C GLN A 5 3.07 6.08 -9.66
N GLU A 6 2.62 7.31 -9.41
CA GLU A 6 3.49 8.45 -9.07
C GLU A 6 4.25 8.16 -7.78
N GLU A 7 3.57 7.91 -6.66
CA GLU A 7 4.21 7.65 -5.37
C GLU A 7 5.18 6.47 -5.43
N VAL A 8 4.80 5.38 -6.11
CA VAL A 8 5.66 4.21 -6.37
C VAL A 8 6.88 4.57 -7.23
N SER A 9 6.73 5.52 -8.14
CA SER A 9 7.78 6.12 -8.97
C SER A 9 8.52 7.30 -8.30
N HIS A 10 8.27 7.58 -7.01
CA HIS A 10 8.90 8.67 -6.26
C HIS A 10 9.58 8.15 -4.98
N ILE A 11 8.95 7.20 -4.29
CA ILE A 11 9.54 6.42 -3.21
C ILE A 11 10.20 5.21 -3.89
N PRO A 12 11.54 5.13 -3.96
CA PRO A 12 12.22 4.05 -4.69
C PRO A 12 12.08 2.71 -3.94
N ALA A 13 12.28 1.60 -4.68
CA ALA A 13 12.19 0.24 -4.12
C ALA A 13 13.15 0.00 -2.93
N VAL A 14 14.27 0.74 -2.88
CA VAL A 14 15.16 0.79 -1.72
C VAL A 14 14.53 1.70 -0.64
N HIS A 15 13.41 1.23 -0.07
CA HIS A 15 12.68 1.88 1.01
C HIS A 15 12.92 1.36 2.46
N PRO A 16 13.83 0.41 2.80
CA PRO A 16 14.08 -0.03 4.18
C PRO A 16 14.12 1.09 5.24
N GLY A 17 13.12 1.08 6.13
CA GLY A 17 12.88 2.09 7.17
C GLY A 17 11.64 2.96 6.91
N SER A 18 11.17 3.01 5.66
CA SER A 18 9.99 3.77 5.23
C SER A 18 8.89 2.87 4.69
N PHE A 19 7.66 3.41 4.67
CA PHE A 19 6.56 2.82 3.92
C PHE A 19 6.86 3.07 2.42
N ARG A 20 6.24 2.24 1.56
CA ARG A 20 6.18 2.40 0.11
C ARG A 20 4.85 1.80 -0.36
N PRO A 21 4.04 2.50 -1.18
CA PRO A 21 2.81 1.95 -1.72
C PRO A 21 3.06 0.88 -2.79
N LYS A 22 2.00 0.19 -3.21
CA LYS A 22 1.98 -0.81 -4.29
C LYS A 22 0.66 -0.74 -5.06
N CYS A 23 0.68 -1.08 -6.35
CA CYS A 23 -0.45 -0.95 -7.27
C CYS A 23 -0.66 -2.23 -8.09
N ASP A 24 -1.87 -2.41 -8.61
CA ASP A 24 -2.19 -3.46 -9.58
C ASP A 24 -1.97 -3.00 -11.03
N GLU A 25 -2.23 -3.88 -12.00
CA GLU A 25 -1.95 -3.65 -13.43
C GLU A 25 -2.71 -2.47 -14.05
N ASN A 26 -3.77 -1.98 -13.40
CA ASN A 26 -4.49 -0.77 -13.81
C ASN A 26 -3.85 0.52 -13.26
N GLY A 27 -2.78 0.42 -12.47
CA GLY A 27 -2.19 1.54 -11.74
C GLY A 27 -3.00 2.00 -10.52
N ASN A 28 -4.03 1.24 -10.13
CA ASN A 28 -4.81 1.46 -8.91
C ASN A 28 -4.04 0.87 -7.72
N TYR A 29 -4.18 1.48 -6.54
CA TYR A 29 -3.64 0.96 -5.28
C TYR A 29 -4.04 -0.50 -5.05
N LEU A 30 -3.05 -1.36 -4.81
CA LEU A 30 -3.32 -2.74 -4.40
C LEU A 30 -4.17 -2.69 -3.11
N PRO A 31 -5.29 -3.43 -3.01
CA PRO A 31 -6.22 -3.34 -1.88
C PRO A 31 -5.58 -3.44 -0.49
N LEU A 32 -4.47 -4.17 -0.36
CA LEU A 32 -3.59 -4.23 0.81
C LEU A 32 -2.36 -3.35 0.57
N GLN A 33 -1.90 -2.63 1.60
CA GLN A 33 -0.61 -1.91 1.62
C GLN A 33 0.11 -2.25 2.93
N CYS A 34 1.46 -2.24 2.91
CA CYS A 34 2.29 -2.68 4.03
C CYS A 34 3.54 -1.83 4.22
N TYR A 35 3.80 -1.41 5.47
CA TYR A 35 5.05 -0.79 5.91
C TYR A 35 6.00 -1.93 6.32
N GLY A 36 6.49 -2.67 5.31
CA GLY A 36 7.22 -3.92 5.46
C GLY A 36 8.35 -3.88 6.49
N SER A 37 9.10 -2.76 6.57
CA SER A 37 10.20 -2.58 7.53
C SER A 37 9.81 -2.64 9.01
N ILE A 38 8.52 -2.54 9.34
CA ILE A 38 7.98 -2.77 10.69
C ILE A 38 6.95 -3.91 10.72
N GLY A 39 6.69 -4.58 9.58
CA GLY A 39 5.81 -5.74 9.44
C GLY A 39 4.32 -5.42 9.36
N TYR A 40 3.93 -4.14 9.49
CA TYR A 40 2.51 -3.76 9.58
C TYR A 40 1.88 -3.63 8.19
N CYS A 41 0.60 -4.03 8.08
CA CYS A 41 -0.25 -3.81 6.91
C CYS A 41 -1.61 -3.23 7.29
N TRP A 42 -2.29 -2.72 6.28
CA TRP A 42 -3.67 -2.28 6.30
C TRP A 42 -4.29 -2.40 4.90
N CYS A 43 -5.61 -2.32 4.80
CA CYS A 43 -6.30 -2.19 3.52
C CYS A 43 -6.46 -0.71 3.16
N VAL A 44 -6.57 -0.40 1.86
CA VAL A 44 -6.79 0.96 1.35
C VAL A 44 -7.94 1.05 0.35
N PHE A 45 -8.45 2.28 0.18
CA PHE A 45 -9.37 2.67 -0.89
C PHE A 45 -8.58 3.19 -2.13
N PRO A 46 -9.23 3.35 -3.31
CA PRO A 46 -8.55 3.63 -4.60
C PRO A 46 -7.67 4.89 -4.72
N ASN A 47 -7.56 5.72 -3.67
CA ASN A 47 -6.67 6.87 -3.56
C ASN A 47 -5.55 6.68 -2.51
N GLY A 48 -5.46 5.50 -1.88
CA GLY A 48 -4.51 5.18 -0.82
C GLY A 48 -5.03 5.38 0.60
N THR A 49 -6.31 5.77 0.78
CA THR A 49 -6.90 6.00 2.10
C THR A 49 -7.02 4.69 2.87
N GLU A 50 -6.23 4.54 3.93
CA GLU A 50 -6.25 3.42 4.87
C GLU A 50 -7.63 3.19 5.50
N VAL A 51 -8.03 1.92 5.61
CA VAL A 51 -9.20 1.44 6.38
C VAL A 51 -8.73 1.26 7.84
N PRO A 52 -9.02 2.23 8.75
CA PRO A 52 -8.42 2.34 10.10
C PRO A 52 -8.86 1.30 11.14
N ASN A 53 -9.41 0.19 10.67
CA ASN A 53 -9.77 -0.99 11.43
C ASN A 53 -9.11 -2.27 10.90
N THR A 54 -8.32 -2.16 9.82
CA THR A 54 -7.51 -3.26 9.27
C THR A 54 -6.07 -3.24 9.76
N ARG A 55 -5.61 -2.12 10.36
CA ARG A 55 -4.21 -1.90 10.74
C ARG A 55 -3.73 -3.05 11.64
N SER A 56 -2.82 -3.88 11.13
CA SER A 56 -2.37 -5.09 11.84
C SER A 56 -0.91 -5.43 11.54
N ARG A 57 -0.37 -6.36 12.34
CA ARG A 57 1.04 -6.81 12.41
C ARG A 57 1.44 -7.76 11.27
N GLY A 58 0.60 -7.87 10.24
CA GLY A 58 0.86 -8.65 9.03
C GLY A 58 -0.25 -8.51 7.98
N HIS A 59 -0.04 -9.15 6.83
CA HIS A 59 -0.91 -9.14 5.65
C HIS A 59 -2.33 -9.65 5.95
N HIS A 60 -3.29 -9.27 5.09
CA HIS A 60 -4.69 -9.71 5.17
C HIS A 60 -5.38 -9.65 3.80
N ASN A 61 -6.57 -10.25 3.69
CA ASN A 61 -7.29 -10.51 2.44
C ASN A 61 -8.18 -9.32 2.05
N CYS A 62 -7.55 -8.19 1.72
CA CYS A 62 -8.28 -6.99 1.33
C CYS A 62 -9.01 -7.14 -0.02
N SER A 63 -9.98 -6.26 -0.27
CA SER A 63 -10.64 -6.10 -1.58
C SER A 63 -11.31 -4.73 -1.78
N GLU A 64 -10.92 -3.74 -0.98
CA GLU A 64 -11.48 -2.37 -0.94
C GLU A 64 -10.99 -1.47 -2.09
N SER A 65 -10.60 -2.05 -3.22
CA SER A 65 -10.14 -1.35 -4.43
C SER A 65 -10.15 -2.27 -5.65
N LEU A 1 0.94 7.39 -16.42
CA LEU A 1 1.00 6.71 -15.14
C LEU A 1 0.02 7.37 -14.15
N THR A 2 -0.43 6.62 -13.14
CA THR A 2 -1.23 7.16 -12.03
C THR A 2 -0.33 7.77 -10.94
N LYS A 3 -0.94 8.50 -10.00
CA LYS A 3 -0.26 9.01 -8.80
C LYS A 3 0.51 7.91 -8.05
N CYS A 4 -0.09 6.73 -7.90
CA CYS A 4 0.62 5.56 -7.37
C CYS A 4 1.83 5.22 -8.22
N GLN A 5 1.63 4.93 -9.51
CA GLN A 5 2.71 4.47 -10.39
C GLN A 5 3.85 5.49 -10.48
N GLU A 6 3.54 6.79 -10.43
CA GLU A 6 4.52 7.87 -10.27
C GLU A 6 5.25 7.74 -8.94
N GLU A 7 4.55 7.80 -7.80
CA GLU A 7 5.13 7.72 -6.45
C GLU A 7 6.04 6.50 -6.30
N VAL A 8 5.55 5.33 -6.70
CA VAL A 8 6.25 4.05 -6.56
C VAL A 8 7.50 4.01 -7.47
N SER A 9 7.46 4.75 -8.57
CA SER A 9 8.61 5.03 -9.47
C SER A 9 9.47 6.23 -9.05
N HIS A 10 9.20 6.90 -7.91
CA HIS A 10 9.90 8.13 -7.49
C HIS A 10 10.43 8.07 -6.05
N ILE A 11 9.84 7.26 -5.18
CA ILE A 11 10.38 6.93 -3.85
C ILE A 11 11.76 6.25 -4.06
N PRO A 12 12.81 6.60 -3.31
CA PRO A 12 14.14 6.00 -3.50
C PRO A 12 14.16 4.50 -3.13
N ALA A 13 15.24 3.80 -3.47
CA ALA A 13 15.49 2.44 -2.99
C ALA A 13 15.84 2.44 -1.49
N VAL A 14 16.64 3.43 -1.06
CA VAL A 14 16.97 3.69 0.35
C VAL A 14 15.81 4.45 0.98
N HIS A 15 14.70 3.73 1.24
CA HIS A 15 13.53 4.23 1.94
C HIS A 15 13.12 3.52 3.26
N PRO A 16 13.96 2.70 3.96
CA PRO A 16 13.54 2.03 5.20
C PRO A 16 13.23 3.07 6.30
N GLY A 17 11.94 3.18 6.64
CA GLY A 17 11.39 4.24 7.49
C GLY A 17 10.29 5.05 6.80
N SER A 18 10.16 4.96 5.47
CA SER A 18 9.05 5.49 4.68
C SER A 18 8.41 4.38 3.82
N PHE A 19 7.10 4.49 3.58
CA PHE A 19 6.32 3.47 2.89
C PHE A 19 6.53 3.47 1.36
N ARG A 20 6.11 2.39 0.68
CA ARG A 20 6.07 2.24 -0.77
C ARG A 20 4.76 1.55 -1.20
N PRO A 21 3.80 2.28 -1.79
CA PRO A 21 2.52 1.72 -2.24
C PRO A 21 2.62 0.52 -3.19
N LYS A 22 1.56 -0.29 -3.19
CA LYS A 22 1.31 -1.45 -4.04
C LYS A 22 0.00 -1.23 -4.80
N CYS A 23 0.00 -1.40 -6.12
CA CYS A 23 -1.12 -1.02 -6.98
C CYS A 23 -1.31 -2.01 -8.12
N ASP A 24 -2.54 -2.01 -8.64
CA ASP A 24 -2.98 -2.90 -9.72
C ASP A 24 -2.52 -2.42 -11.12
N GLU A 25 -2.84 -3.21 -12.16
CA GLU A 25 -2.53 -2.87 -13.56
C GLU A 25 -3.18 -1.56 -14.04
N ASN A 26 -4.28 -1.15 -13.40
CA ASN A 26 -4.98 0.12 -13.62
C ASN A 26 -4.35 1.26 -12.79
N GLY A 27 -3.20 1.02 -12.14
CA GLY A 27 -2.47 1.97 -11.31
C GLY A 27 -3.22 2.46 -10.08
N ASN A 28 -4.31 1.79 -9.69
CA ASN A 28 -5.10 2.09 -8.51
C ASN A 28 -4.56 1.28 -7.32
N TYR A 29 -4.69 1.83 -6.11
CA TYR A 29 -4.06 1.32 -4.90
C TYR A 29 -4.71 -0.01 -4.51
N LEU A 30 -3.89 -1.08 -4.45
CA LEU A 30 -4.38 -2.43 -4.18
C LEU A 30 -5.10 -2.43 -2.82
N PRO A 31 -6.34 -2.95 -2.70
CA PRO A 31 -7.15 -2.86 -1.48
C PRO A 31 -6.47 -3.31 -0.18
N LEU A 32 -5.43 -4.15 -0.25
CA LEU A 32 -4.53 -4.50 0.85
C LEU A 32 -3.14 -3.89 0.58
N GLN A 33 -2.54 -3.30 1.63
CA GLN A 33 -1.14 -2.85 1.65
C GLN A 33 -0.42 -3.53 2.82
N CYS A 34 0.89 -3.78 2.67
CA CYS A 34 1.75 -4.30 3.72
C CYS A 34 3.13 -3.61 3.66
N TYR A 35 3.82 -3.52 4.80
CA TYR A 35 5.16 -2.92 4.90
C TYR A 35 6.15 -3.88 5.57
N GLY A 36 6.77 -4.72 4.74
CA GLY A 36 7.60 -5.87 5.13
C GLY A 36 8.85 -5.57 5.97
N SER A 37 9.28 -4.31 6.07
CA SER A 37 10.33 -3.87 7.01
C SER A 37 9.90 -4.00 8.48
N ILE A 38 8.58 -3.95 8.76
CA ILE A 38 7.99 -4.19 10.08
C ILE A 38 7.00 -5.38 10.05
N GLY A 39 6.53 -5.80 8.88
CA GLY A 39 5.66 -6.96 8.67
C GLY A 39 4.17 -6.69 8.91
N TYR A 40 3.77 -5.43 9.09
CA TYR A 40 2.38 -5.03 9.29
C TYR A 40 1.64 -4.90 7.95
N CYS A 41 0.31 -5.00 8.00
CA CYS A 41 -0.59 -4.71 6.88
C CYS A 41 -1.78 -3.84 7.31
N TRP A 42 -2.46 -3.28 6.32
CA TRP A 42 -3.74 -2.60 6.43
C TRP A 42 -4.48 -2.66 5.08
N CYS A 43 -5.78 -2.38 5.11
CA CYS A 43 -6.58 -2.17 3.92
C CYS A 43 -6.57 -0.69 3.54
N VAL A 44 -6.71 -0.40 2.25
CA VAL A 44 -6.87 0.96 1.72
C VAL A 44 -8.08 1.01 0.78
N PHE A 45 -8.71 2.18 0.70
CA PHE A 45 -9.68 2.47 -0.35
C PHE A 45 -8.88 2.63 -1.68
N PRO A 46 -9.46 2.42 -2.87
CA PRO A 46 -8.71 2.38 -4.15
C PRO A 46 -7.84 3.61 -4.50
N ASN A 47 -8.07 4.74 -3.83
CA ASN A 47 -7.29 5.97 -3.89
C ASN A 47 -6.03 5.99 -2.97
N GLY A 48 -5.83 4.96 -2.14
CA GLY A 48 -4.69 4.81 -1.23
C GLY A 48 -4.98 5.15 0.23
N THR A 49 -6.21 5.60 0.55
CA THR A 49 -6.60 6.01 1.91
C THR A 49 -6.79 4.78 2.79
N GLU A 50 -5.92 4.60 3.78
CA GLU A 50 -5.98 3.52 4.76
C GLU A 50 -7.31 3.47 5.54
N VAL A 51 -7.75 2.24 5.82
CA VAL A 51 -8.85 1.88 6.73
C VAL A 51 -8.15 1.50 8.05
N PRO A 52 -7.90 2.44 8.99
CA PRO A 52 -7.00 2.19 10.13
C PRO A 52 -7.42 1.13 11.14
N ASN A 53 -8.69 0.77 11.05
CA ASN A 53 -9.35 -0.31 11.76
C ASN A 53 -8.84 -1.69 11.35
N THR A 54 -8.08 -1.76 10.24
CA THR A 54 -7.40 -2.96 9.74
C THR A 54 -5.90 -2.94 10.03
N ARG A 55 -5.35 -1.87 10.64
CA ARG A 55 -3.91 -1.76 10.89
C ARG A 55 -3.46 -2.88 11.83
N SER A 56 -2.79 -3.91 11.28
CA SER A 56 -2.51 -5.16 12.00
C SER A 56 -1.11 -5.73 11.72
N ARG A 57 -0.69 -6.63 12.63
CA ARG A 57 0.59 -7.34 12.72
C ARG A 57 0.92 -8.25 11.52
N GLY A 58 -0.03 -8.44 10.61
CA GLY A 58 0.15 -9.26 9.42
C GLY A 58 -1.05 -9.26 8.48
N HIS A 59 -0.92 -10.10 7.45
CA HIS A 59 -1.78 -10.20 6.27
C HIS A 59 -3.26 -10.44 6.60
N HIS A 60 -4.13 -9.94 5.73
CA HIS A 60 -5.58 -10.06 5.79
C HIS A 60 -6.19 -9.93 4.37
N ASN A 61 -7.52 -9.96 4.26
CA ASN A 61 -8.26 -10.04 3.01
C ASN A 61 -9.35 -8.96 2.96
N CYS A 62 -8.96 -7.81 2.42
CA CYS A 62 -9.77 -6.62 2.17
C CYS A 62 -10.85 -6.84 1.09
N SER A 63 -11.58 -5.77 0.74
CA SER A 63 -12.49 -5.71 -0.40
C SER A 63 -11.73 -5.82 -1.74
N GLU A 64 -11.26 -7.02 -2.07
CA GLU A 64 -10.32 -7.32 -3.15
C GLU A 64 -10.84 -8.33 -4.18
N SER A 65 -12.16 -8.51 -4.21
CA SER A 65 -12.88 -9.45 -5.06
C SER A 65 -12.53 -9.27 -6.55
N LEU A 1 0.57 8.57 -15.37
CA LEU A 1 0.61 7.70 -14.20
C LEU A 1 -0.38 8.20 -13.13
N THR A 2 -0.81 7.31 -12.24
CA THR A 2 -1.61 7.66 -11.07
C THR A 2 -0.72 8.13 -9.91
N LYS A 3 -1.33 8.72 -8.88
CA LYS A 3 -0.67 9.06 -7.61
C LYS A 3 0.07 7.87 -6.99
N CYS A 4 -0.53 6.67 -7.07
CA CYS A 4 0.12 5.43 -6.69
C CYS A 4 1.38 5.18 -7.54
N GLN A 5 1.22 5.08 -8.87
CA GLN A 5 2.31 4.77 -9.78
C GLN A 5 3.45 5.81 -9.71
N GLU A 6 3.12 7.09 -9.51
CA GLU A 6 4.08 8.16 -9.24
C GLU A 6 4.86 7.87 -7.96
N GLU A 7 4.19 7.70 -6.82
CA GLU A 7 4.84 7.41 -5.54
C GLU A 7 5.70 6.15 -5.60
N VAL A 8 5.19 5.07 -6.22
CA VAL A 8 5.97 3.83 -6.43
C VAL A 8 7.21 4.08 -7.30
N SER A 9 7.11 4.99 -8.27
CA SER A 9 8.20 5.45 -9.14
C SER A 9 9.10 6.53 -8.52
N HIS A 10 8.88 6.91 -7.25
CA HIS A 10 9.64 7.99 -6.58
C HIS A 10 10.20 7.52 -5.23
N ILE A 11 9.49 6.65 -4.52
CA ILE A 11 9.96 5.95 -3.32
C ILE A 11 10.64 4.66 -3.81
N PRO A 12 11.97 4.49 -3.64
CA PRO A 12 12.67 3.29 -4.08
C PRO A 12 12.37 2.09 -3.16
N ALA A 13 12.63 0.88 -3.66
CA ALA A 13 12.50 -0.37 -2.90
C ALA A 13 13.40 -0.43 -1.65
N VAL A 14 14.44 0.41 -1.58
CA VAL A 14 15.27 0.64 -0.40
C VAL A 14 14.60 1.74 0.44
N HIS A 15 13.56 1.35 1.19
CA HIS A 15 12.77 2.23 2.07
C HIS A 15 12.94 1.89 3.57
N PRO A 16 14.16 2.02 4.15
CA PRO A 16 14.43 1.66 5.54
C PRO A 16 13.62 2.54 6.51
N GLY A 17 13.06 1.90 7.54
CA GLY A 17 12.14 2.50 8.50
C GLY A 17 10.93 3.25 7.89
N SER A 18 10.70 3.09 6.58
CA SER A 18 9.78 3.88 5.78
C SER A 18 8.75 3.00 5.03
N PHE A 19 7.67 3.62 4.57
CA PHE A 19 6.62 3.01 3.75
C PHE A 19 6.94 3.10 2.25
N ARG A 20 6.37 2.18 1.46
CA ARG A 20 6.34 2.21 0.00
C ARG A 20 5.01 1.62 -0.49
N PRO A 21 4.22 2.33 -1.32
CA PRO A 21 2.95 1.82 -1.82
C PRO A 21 3.11 0.71 -2.88
N LYS A 22 1.97 0.12 -3.28
CA LYS A 22 1.82 -0.87 -4.36
C LYS A 22 0.53 -0.59 -5.14
N CYS A 23 0.48 -0.94 -6.44
CA CYS A 23 -0.65 -0.60 -7.33
C CYS A 23 -1.12 -1.81 -8.15
N ASP A 24 -2.38 -1.74 -8.62
CA ASP A 24 -3.06 -2.84 -9.30
C ASP A 24 -3.06 -2.72 -10.83
N GLU A 25 -3.76 -3.64 -11.51
CA GLU A 25 -3.93 -3.65 -12.96
C GLU A 25 -4.64 -2.41 -13.52
N ASN A 26 -5.46 -1.73 -12.71
CA ASN A 26 -6.07 -0.44 -13.02
C ASN A 26 -5.17 0.76 -12.66
N GLY A 27 -3.89 0.52 -12.29
CA GLY A 27 -2.93 1.54 -11.88
C GLY A 27 -3.25 2.26 -10.58
N ASN A 28 -4.33 1.89 -9.90
CA ASN A 28 -4.79 2.45 -8.63
C ASN A 28 -4.07 1.75 -7.47
N TYR A 29 -4.20 2.26 -6.24
CA TYR A 29 -3.59 1.61 -5.08
C TYR A 29 -4.13 0.18 -4.93
N LEU A 30 -3.23 -0.79 -4.79
CA LEU A 30 -3.64 -2.17 -4.49
C LEU A 30 -4.46 -2.17 -3.18
N PRO A 31 -5.58 -2.92 -3.08
CA PRO A 31 -6.40 -2.96 -1.87
C PRO A 31 -5.68 -3.22 -0.55
N LEU A 32 -4.49 -3.84 -0.58
CA LEU A 32 -3.56 -4.01 0.53
C LEU A 32 -2.34 -3.10 0.31
N GLN A 33 -1.94 -2.34 1.33
CA GLN A 33 -0.69 -1.57 1.36
C GLN A 33 0.15 -2.00 2.57
N CYS A 34 1.49 -1.95 2.44
CA CYS A 34 2.40 -2.53 3.42
C CYS A 34 3.64 -1.66 3.70
N TYR A 35 3.75 -1.19 4.94
CA TYR A 35 4.92 -0.55 5.54
C TYR A 35 5.85 -1.69 6.02
N GLY A 36 6.32 -2.47 5.05
CA GLY A 36 7.02 -3.74 5.26
C GLY A 36 8.35 -3.61 6.01
N SER A 37 8.98 -2.43 6.02
CA SER A 37 10.20 -2.13 6.77
C SER A 37 10.05 -2.26 8.31
N ILE A 38 8.81 -2.32 8.82
CA ILE A 38 8.44 -2.67 10.20
C ILE A 38 7.46 -3.87 10.25
N GLY A 39 7.23 -4.53 9.10
CA GLY A 39 6.31 -5.66 8.94
C GLY A 39 4.83 -5.29 8.82
N TYR A 40 4.48 -4.00 8.78
CA TYR A 40 3.08 -3.56 8.84
C TYR A 40 2.36 -3.57 7.50
N CYS A 41 1.04 -3.78 7.56
CA CYS A 41 0.11 -3.60 6.45
C CYS A 41 -1.24 -3.05 6.96
N TRP A 42 -2.02 -2.55 6.01
CA TRP A 42 -3.42 -2.17 6.16
C TRP A 42 -4.12 -2.32 4.81
N CYS A 43 -5.45 -2.35 4.81
CA CYS A 43 -6.20 -2.26 3.55
C CYS A 43 -6.42 -0.78 3.20
N VAL A 44 -6.59 -0.47 1.91
CA VAL A 44 -6.92 0.88 1.43
C VAL A 44 -8.04 0.85 0.40
N PHE A 45 -8.71 1.99 0.23
CA PHE A 45 -9.59 2.23 -0.91
C PHE A 45 -8.66 2.53 -2.12
N PRO A 46 -9.11 2.39 -3.38
CA PRO A 46 -8.20 2.45 -4.55
C PRO A 46 -7.51 3.82 -4.76
N ASN A 47 -7.98 4.86 -4.08
CA ASN A 47 -7.37 6.19 -3.97
C ASN A 47 -6.21 6.29 -2.94
N GLY A 48 -5.97 5.23 -2.14
CA GLY A 48 -4.90 5.15 -1.13
C GLY A 48 -5.38 5.34 0.32
N THR A 49 -6.66 5.61 0.56
CA THR A 49 -7.21 5.90 1.90
C THR A 49 -7.29 4.62 2.73
N GLU A 50 -6.55 4.56 3.85
CA GLU A 50 -6.54 3.44 4.79
C GLU A 50 -7.92 3.10 5.36
N VAL A 51 -8.25 1.81 5.37
CA VAL A 51 -9.43 1.21 6.00
C VAL A 51 -9.11 0.95 7.49
N PRO A 52 -9.76 1.67 8.43
CA PRO A 52 -9.51 1.54 9.87
C PRO A 52 -9.58 0.10 10.39
N ASN A 53 -8.92 -0.15 11.53
CA ASN A 53 -8.82 -1.44 12.22
C ASN A 53 -8.19 -2.59 11.43
N THR A 54 -7.82 -2.41 10.15
CA THR A 54 -7.01 -3.40 9.40
C THR A 54 -5.55 -3.36 9.83
N ARG A 55 -5.08 -2.20 10.31
CA ARG A 55 -3.69 -1.88 10.66
C ARG A 55 -3.06 -3.01 11.50
N SER A 56 -2.17 -3.79 10.91
CA SER A 56 -1.59 -4.99 11.53
C SER A 56 -0.15 -5.24 11.07
N ARG A 57 0.63 -6.04 11.81
CA ARG A 57 1.99 -6.46 11.46
C ARG A 57 2.02 -7.76 10.64
N GLY A 58 1.01 -7.88 9.78
CA GLY A 58 0.85 -8.92 8.76
C GLY A 58 -0.25 -8.56 7.75
N HIS A 59 -0.33 -9.37 6.68
CA HIS A 59 -1.30 -9.21 5.59
C HIS A 59 -2.75 -9.48 6.04
N HIS A 60 -3.73 -9.13 5.18
CA HIS A 60 -5.15 -9.41 5.38
C HIS A 60 -5.90 -9.44 4.02
N ASN A 61 -7.13 -9.94 4.03
CA ASN A 61 -7.94 -10.30 2.87
C ASN A 61 -8.67 -9.08 2.31
N CYS A 62 -7.92 -8.08 1.86
CA CYS A 62 -8.50 -6.86 1.30
C CYS A 62 -9.27 -7.17 -0.01
N SER A 63 -10.19 -6.30 -0.43
CA SER A 63 -11.00 -6.51 -1.66
C SER A 63 -11.63 -5.23 -2.24
N GLU A 64 -11.05 -4.06 -1.94
CA GLU A 64 -11.45 -2.73 -2.40
C GLU A 64 -11.15 -2.48 -3.90
N SER A 65 -11.27 -3.51 -4.75
CA SER A 65 -11.14 -3.45 -6.22
C SER A 65 -11.66 -4.74 -6.84
N LEU A 1 -0.35 6.27 -16.15
CA LEU A 1 -0.03 5.94 -14.76
C LEU A 1 -0.92 6.73 -13.78
N THR A 2 -0.79 6.47 -12.48
CA THR A 2 -1.54 7.15 -11.41
C THR A 2 -0.65 7.64 -10.28
N LYS A 3 -1.26 8.34 -9.30
CA LYS A 3 -0.64 8.72 -8.03
C LYS A 3 0.06 7.55 -7.33
N CYS A 4 -0.49 6.33 -7.44
CA CYS A 4 0.15 5.13 -6.92
C CYS A 4 1.49 4.88 -7.61
N GLN A 5 1.49 4.74 -8.95
CA GLN A 5 2.72 4.55 -9.74
C GLN A 5 3.73 5.67 -9.54
N GLU A 6 3.28 6.93 -9.47
CA GLU A 6 4.11 8.09 -9.16
C GLU A 6 4.76 7.93 -7.79
N GLU A 7 3.96 7.76 -6.73
CA GLU A 7 4.45 7.59 -5.36
C GLU A 7 5.46 6.44 -5.26
N VAL A 8 5.12 5.29 -5.85
CA VAL A 8 5.95 4.08 -5.87
C VAL A 8 7.23 4.27 -6.69
N SER A 9 7.20 5.13 -7.71
CA SER A 9 8.39 5.55 -8.48
C SER A 9 9.25 6.58 -7.74
N HIS A 10 8.63 7.50 -6.98
CA HIS A 10 9.33 8.59 -6.29
C HIS A 10 9.99 8.16 -4.97
N ILE A 11 9.41 7.19 -4.25
CA ILE A 11 10.05 6.56 -3.08
C ILE A 11 11.31 5.81 -3.55
N PRO A 12 12.48 5.98 -2.91
CA PRO A 12 13.72 5.34 -3.36
C PRO A 12 13.71 3.82 -3.13
N ALA A 13 14.69 3.12 -3.72
CA ALA A 13 14.95 1.70 -3.42
C ALA A 13 15.53 1.55 -2.00
N VAL A 14 16.42 2.48 -1.60
CA VAL A 14 16.93 2.61 -0.23
C VAL A 14 15.89 3.34 0.62
N HIS A 15 14.78 2.65 0.91
CA HIS A 15 13.72 3.07 1.82
C HIS A 15 13.51 2.25 3.11
N PRO A 16 14.21 1.14 3.44
CA PRO A 16 14.06 0.43 4.72
C PRO A 16 14.01 1.38 5.94
N GLY A 17 12.84 1.43 6.59
CA GLY A 17 12.47 2.39 7.62
C GLY A 17 11.20 3.17 7.24
N SER A 18 10.90 3.29 5.94
CA SER A 18 9.72 3.96 5.38
C SER A 18 8.90 3.04 4.44
N PHE A 19 7.66 3.44 4.19
CA PHE A 19 6.65 2.74 3.40
C PHE A 19 6.97 2.72 1.89
N ARG A 20 6.37 1.77 1.17
CA ARG A 20 6.31 1.66 -0.30
C ARG A 20 4.91 1.14 -0.68
N PRO A 21 4.07 1.94 -1.36
CA PRO A 21 2.75 1.50 -1.81
C PRO A 21 2.80 0.33 -2.81
N LYS A 22 1.61 -0.24 -3.04
CA LYS A 22 1.32 -1.38 -3.92
C LYS A 22 0.16 -0.99 -4.85
N CYS A 23 0.18 -1.40 -6.12
CA CYS A 23 -0.83 -1.00 -7.11
C CYS A 23 -1.29 -2.19 -7.96
N ASP A 24 -2.50 -2.09 -8.53
CA ASP A 24 -3.16 -3.17 -9.25
C ASP A 24 -3.16 -3.01 -10.79
N GLU A 25 -3.81 -3.96 -11.48
CA GLU A 25 -3.99 -3.97 -12.93
C GLU A 25 -4.67 -2.70 -13.48
N ASN A 26 -5.57 -2.09 -12.69
CA ASN A 26 -6.25 -0.84 -13.02
C ASN A 26 -5.41 0.40 -12.63
N GLY A 27 -4.12 0.23 -12.30
CA GLY A 27 -3.20 1.30 -11.91
C GLY A 27 -3.55 1.99 -10.59
N ASN A 28 -4.58 1.52 -9.88
CA ASN A 28 -5.03 2.10 -8.60
C ASN A 28 -4.23 1.46 -7.46
N TYR A 29 -4.35 1.99 -6.25
CA TYR A 29 -3.74 1.37 -5.07
C TYR A 29 -4.36 -0.01 -4.86
N LEU A 30 -3.51 -1.03 -4.67
CA LEU A 30 -3.95 -2.38 -4.35
C LEU A 30 -4.77 -2.32 -3.05
N PRO A 31 -5.95 -2.97 -2.94
CA PRO A 31 -6.78 -2.95 -1.74
C PRO A 31 -6.06 -3.27 -0.42
N LEU A 32 -4.96 -4.04 -0.44
CA LEU A 32 -4.03 -4.24 0.68
C LEU A 32 -2.75 -3.43 0.42
N GLN A 33 -2.25 -2.70 1.43
CA GLN A 33 -0.94 -2.04 1.44
C GLN A 33 -0.12 -2.56 2.62
N CYS A 34 1.21 -2.60 2.48
CA CYS A 34 2.12 -3.06 3.52
C CYS A 34 3.38 -2.20 3.62
N TYR A 35 3.91 -2.08 4.84
CA TYR A 35 5.08 -1.30 5.21
C TYR A 35 6.21 -2.27 5.57
N GLY A 36 6.82 -2.82 4.52
CA GLY A 36 7.78 -3.93 4.51
C GLY A 36 8.77 -3.95 5.68
N SER A 37 9.50 -2.86 5.91
CA SER A 37 10.55 -2.79 6.93
C SER A 37 10.07 -2.94 8.39
N ILE A 38 8.76 -2.87 8.66
CA ILE A 38 8.16 -3.23 9.96
C ILE A 38 7.20 -4.43 9.84
N GLY A 39 6.93 -4.93 8.62
CA GLY A 39 6.07 -6.07 8.33
C GLY A 39 4.57 -5.84 8.55
N TYR A 40 4.13 -4.60 8.76
CA TYR A 40 2.73 -4.25 8.98
C TYR A 40 1.98 -4.10 7.66
N CYS A 41 0.65 -4.29 7.69
CA CYS A 41 -0.25 -4.00 6.58
C CYS A 41 -1.55 -3.33 7.04
N TRP A 42 -2.28 -2.74 6.09
CA TRP A 42 -3.65 -2.22 6.22
C TRP A 42 -4.37 -2.36 4.88
N CYS A 43 -5.71 -2.25 4.89
CA CYS A 43 -6.46 -2.14 3.65
C CYS A 43 -6.59 -0.65 3.26
N VAL A 44 -6.74 -0.36 1.97
CA VAL A 44 -7.02 0.98 1.45
C VAL A 44 -8.14 0.96 0.42
N PHE A 45 -8.78 2.12 0.23
CA PHE A 45 -9.66 2.37 -0.90
C PHE A 45 -8.78 2.66 -2.13
N PRO A 46 -9.28 2.54 -3.38
CA PRO A 46 -8.47 2.59 -4.61
C PRO A 46 -7.54 3.81 -4.79
N ASN A 47 -7.80 4.93 -4.10
CA ASN A 47 -6.98 6.13 -4.09
C ASN A 47 -5.84 6.13 -3.03
N GLY A 48 -5.75 5.08 -2.20
CA GLY A 48 -4.74 4.94 -1.14
C GLY A 48 -5.23 5.28 0.28
N THR A 49 -6.51 5.66 0.45
CA THR A 49 -7.09 6.01 1.76
C THR A 49 -7.24 4.78 2.63
N GLU A 50 -6.55 4.70 3.77
CA GLU A 50 -6.66 3.57 4.71
C GLU A 50 -8.09 3.30 5.18
N VAL A 51 -8.46 2.01 5.23
CA VAL A 51 -9.67 1.49 5.86
C VAL A 51 -9.36 1.33 7.35
N PRO A 52 -9.96 2.15 8.25
CA PRO A 52 -9.61 2.21 9.67
C PRO A 52 -9.58 0.84 10.36
N ASN A 53 -8.72 0.74 11.38
CA ASN A 53 -8.54 -0.44 12.25
C ASN A 53 -8.10 -1.73 11.53
N THR A 54 -7.85 -1.71 10.21
CA THR A 54 -7.22 -2.85 9.52
C THR A 54 -5.74 -2.95 9.86
N ARG A 55 -5.10 -1.81 10.18
CA ARG A 55 -3.67 -1.66 10.47
C ARG A 55 -3.18 -2.74 11.45
N SER A 56 -2.49 -3.75 10.93
CA SER A 56 -2.12 -4.98 11.62
C SER A 56 -0.67 -5.41 11.38
N ARG A 57 -0.21 -6.32 12.25
CA ARG A 57 1.10 -7.01 12.29
C ARG A 57 1.45 -7.84 11.04
N GLY A 58 0.51 -7.96 10.10
CA GLY A 58 0.69 -8.65 8.82
C GLY A 58 -0.52 -8.47 7.88
N HIS A 59 -0.45 -9.15 6.73
CA HIS A 59 -1.42 -9.13 5.64
C HIS A 59 -2.86 -9.51 6.08
N HIS A 60 -3.85 -9.16 5.26
CA HIS A 60 -5.25 -9.53 5.44
C HIS A 60 -6.01 -9.52 4.09
N ASN A 61 -7.25 -10.01 4.09
CA ASN A 61 -8.05 -10.31 2.92
C ASN A 61 -8.87 -9.09 2.50
N CYS A 62 -8.17 -8.06 2.02
CA CYS A 62 -8.83 -6.88 1.48
C CYS A 62 -9.58 -7.17 0.15
N SER A 63 -10.19 -6.13 -0.44
CA SER A 63 -11.06 -6.19 -1.63
C SER A 63 -10.39 -6.57 -2.96
N GLU A 64 -9.40 -7.47 -2.97
CA GLU A 64 -8.82 -8.10 -4.16
C GLU A 64 -9.84 -9.07 -4.81
N SER A 65 -10.95 -8.51 -5.32
CA SER A 65 -12.11 -9.24 -5.84
C SER A 65 -12.57 -10.36 -4.90
N LEU A 1 0.49 8.10 -15.59
CA LEU A 1 0.70 7.67 -14.22
C LEU A 1 -0.51 8.09 -13.34
N THR A 2 -0.43 7.76 -12.04
CA THR A 2 -1.36 8.05 -10.96
C THR A 2 -0.57 8.37 -9.70
N LYS A 3 -1.21 8.89 -8.65
CA LYS A 3 -0.58 9.16 -7.34
C LYS A 3 0.15 7.93 -6.79
N CYS A 4 -0.44 6.74 -6.95
CA CYS A 4 0.20 5.47 -6.63
C CYS A 4 1.47 5.26 -7.46
N GLN A 5 1.37 5.22 -8.80
CA GLN A 5 2.50 4.96 -9.70
C GLN A 5 3.60 6.03 -9.58
N GLU A 6 3.24 7.28 -9.27
CA GLU A 6 4.15 8.37 -8.93
C GLU A 6 4.93 8.03 -7.66
N GLU A 7 4.25 7.76 -6.54
CA GLU A 7 4.93 7.37 -5.30
C GLU A 7 5.81 6.14 -5.49
N VAL A 8 5.32 5.11 -6.19
CA VAL A 8 6.10 3.89 -6.47
C VAL A 8 7.33 4.21 -7.35
N SER A 9 7.21 5.14 -8.29
CA SER A 9 8.33 5.63 -9.12
C SER A 9 9.34 6.44 -8.30
N HIS A 10 8.86 7.36 -7.45
CA HIS A 10 9.70 8.27 -6.66
C HIS A 10 10.32 7.61 -5.42
N ILE A 11 9.70 6.55 -4.89
CA ILE A 11 10.14 5.78 -3.72
C ILE A 11 10.59 4.39 -4.22
N PRO A 12 11.89 4.16 -4.50
CA PRO A 12 12.40 2.82 -4.75
C PRO A 12 12.42 2.01 -3.44
N ALA A 13 12.34 0.67 -3.53
CA ALA A 13 12.25 -0.22 -2.36
C ALA A 13 13.38 -0.04 -1.33
N VAL A 14 14.59 0.23 -1.80
CA VAL A 14 15.79 0.45 -0.97
C VAL A 14 15.79 1.90 -0.47
N HIS A 15 14.89 2.17 0.49
CA HIS A 15 14.80 3.46 1.17
C HIS A 15 14.70 3.32 2.70
N PRO A 16 15.19 4.33 3.47
CA PRO A 16 15.00 4.38 4.91
C PRO A 16 13.53 4.65 5.27
N GLY A 17 13.13 4.23 6.48
CA GLY A 17 11.71 4.20 6.89
C GLY A 17 10.87 3.39 5.90
N SER A 18 11.42 2.26 5.43
CA SER A 18 10.97 1.43 4.32
C SER A 18 9.47 1.07 4.37
N PHE A 19 8.73 1.70 3.45
CA PHE A 19 7.34 1.51 3.08
C PHE A 19 7.18 1.94 1.61
N ARG A 20 7.37 0.99 0.71
CA ARG A 20 7.03 1.17 -0.69
C ARG A 20 5.54 0.85 -0.88
N PRO A 21 4.72 1.77 -1.44
CA PRO A 21 3.35 1.44 -1.84
C PRO A 21 3.35 0.49 -3.05
N LYS A 22 2.16 0.02 -3.46
CA LYS A 22 1.95 -0.85 -4.61
C LYS A 22 0.57 -0.63 -5.25
N CYS A 23 0.44 -0.91 -6.55
CA CYS A 23 -0.71 -0.55 -7.38
C CYS A 23 -1.23 -1.70 -8.23
N ASP A 24 -2.49 -1.61 -8.64
CA ASP A 24 -3.20 -2.61 -9.43
C ASP A 24 -3.18 -2.33 -10.94
N GLU A 25 -3.84 -3.21 -11.72
CA GLU A 25 -3.99 -3.10 -13.17
C GLU A 25 -4.77 -1.85 -13.64
N ASN A 26 -5.40 -1.13 -12.70
CA ASN A 26 -6.11 0.13 -12.91
C ASN A 26 -5.27 1.34 -12.49
N GLY A 27 -3.98 1.15 -12.16
CA GLY A 27 -3.07 2.20 -11.67
C GLY A 27 -3.44 2.77 -10.31
N ASN A 28 -4.45 2.22 -9.64
CA ASN A 28 -4.92 2.62 -8.31
C ASN A 28 -4.15 1.80 -7.25
N TYR A 29 -4.20 2.22 -5.99
CA TYR A 29 -3.50 1.49 -4.92
C TYR A 29 -4.05 0.07 -4.80
N LEU A 30 -3.15 -0.93 -4.72
CA LEU A 30 -3.55 -2.31 -4.50
C LEU A 30 -4.32 -2.41 -3.17
N PRO A 31 -5.42 -3.20 -3.07
CA PRO A 31 -6.28 -3.27 -1.89
C PRO A 31 -5.60 -3.50 -0.54
N LEU A 32 -4.38 -4.05 -0.50
CA LEU A 32 -3.50 -4.18 0.67
C LEU A 32 -2.25 -3.31 0.49
N GLN A 33 -1.85 -2.58 1.52
CA GLN A 33 -0.56 -1.86 1.58
C GLN A 33 0.17 -2.26 2.88
N CYS A 34 1.51 -2.22 2.88
CA CYS A 34 2.35 -2.72 3.98
C CYS A 34 3.56 -1.83 4.27
N TYR A 35 3.67 -1.30 5.49
CA TYR A 35 4.84 -0.57 5.99
C TYR A 35 5.89 -1.58 6.46
N GLY A 36 6.52 -2.23 5.47
CA GLY A 36 7.40 -3.39 5.60
C GLY A 36 8.40 -3.31 6.77
N SER A 37 9.10 -2.18 6.91
CA SER A 37 10.11 -1.97 7.97
C SER A 37 9.59 -2.05 9.42
N ILE A 38 8.27 -2.01 9.66
CA ILE A 38 7.66 -2.29 10.97
C ILE A 38 6.70 -3.49 10.94
N GLY A 39 6.42 -4.05 9.74
CA GLY A 39 5.59 -5.23 9.50
C GLY A 39 4.09 -4.97 9.38
N TYR A 40 3.62 -3.73 9.57
CA TYR A 40 2.19 -3.41 9.61
C TYR A 40 1.61 -3.23 8.20
N CYS A 41 0.66 -4.09 7.84
CA CYS A 41 -0.18 -3.96 6.66
C CYS A 41 -1.56 -3.45 7.06
N TRP A 42 -2.26 -2.86 6.09
CA TRP A 42 -3.66 -2.47 6.19
C TRP A 42 -4.32 -2.61 4.82
N CYS A 43 -5.65 -2.63 4.79
CA CYS A 43 -6.40 -2.55 3.54
C CYS A 43 -6.61 -1.08 3.18
N VAL A 44 -6.78 -0.78 1.89
CA VAL A 44 -7.00 0.58 1.40
C VAL A 44 -8.14 0.68 0.37
N PHE A 45 -8.68 1.89 0.27
CA PHE A 45 -9.56 2.30 -0.82
C PHE A 45 -8.67 2.66 -2.03
N PRO A 46 -9.19 2.75 -3.28
CA PRO A 46 -8.38 2.86 -4.50
C PRO A 46 -7.40 4.04 -4.54
N ASN A 47 -7.66 5.10 -3.76
CA ASN A 47 -6.84 6.29 -3.57
C ASN A 47 -5.69 6.12 -2.54
N GLY A 48 -5.63 4.99 -1.81
CA GLY A 48 -4.63 4.71 -0.79
C GLY A 48 -5.07 4.99 0.66
N THR A 49 -6.31 5.47 0.90
CA THR A 49 -6.81 5.71 2.27
C THR A 49 -7.08 4.38 2.96
N GLU A 50 -6.61 4.22 4.21
CA GLU A 50 -6.78 3.01 5.01
C GLU A 50 -8.25 2.67 5.30
N VAL A 51 -8.58 1.37 5.27
CA VAL A 51 -9.85 0.81 5.72
C VAL A 51 -9.77 0.66 7.25
N PRO A 52 -10.59 1.39 8.03
CA PRO A 52 -10.48 1.52 9.47
C PRO A 52 -10.21 0.23 10.25
N ASN A 53 -9.25 0.33 11.17
CA ASN A 53 -8.78 -0.73 12.06
C ASN A 53 -8.23 -2.00 11.37
N THR A 54 -7.91 -1.96 10.07
CA THR A 54 -7.20 -3.08 9.45
C THR A 54 -5.73 -3.11 9.84
N ARG A 55 -5.11 -1.98 10.24
CA ARG A 55 -3.65 -1.93 10.42
C ARG A 55 -3.14 -2.96 11.44
N SER A 56 -2.41 -3.97 10.96
CA SER A 56 -1.99 -5.16 11.70
C SER A 56 -0.65 -5.67 11.19
N ARG A 57 0.15 -6.36 12.02
CA ARG A 57 1.53 -6.76 11.73
C ARG A 57 1.67 -8.01 10.84
N GLY A 58 0.65 -8.21 10.01
CA GLY A 58 0.58 -9.20 8.95
C GLY A 58 -0.46 -8.85 7.88
N HIS A 59 -0.43 -9.58 6.76
CA HIS A 59 -1.35 -9.43 5.63
C HIS A 59 -2.82 -9.75 6.00
N HIS A 60 -3.76 -9.35 5.14
CA HIS A 60 -5.18 -9.72 5.24
C HIS A 60 -5.86 -9.70 3.86
N ASN A 61 -7.03 -10.32 3.78
CA ASN A 61 -7.77 -10.64 2.55
C ASN A 61 -8.59 -9.46 2.05
N CYS A 62 -7.91 -8.37 1.71
CA CYS A 62 -8.54 -7.10 1.34
C CYS A 62 -9.45 -7.20 0.11
N SER A 63 -10.75 -7.12 0.34
CA SER A 63 -11.82 -7.25 -0.65
C SER A 63 -12.96 -6.23 -0.44
N GLU A 64 -12.63 -5.09 0.17
CA GLU A 64 -13.59 -4.09 0.67
C GLU A 64 -13.24 -2.63 0.32
N SER A 65 -12.34 -2.47 -0.63
CA SER A 65 -11.93 -1.19 -1.20
C SER A 65 -13.14 -0.48 -1.81
N LEU A 1 0.17 6.43 -16.50
CA LEU A 1 0.43 6.10 -15.11
C LEU A 1 -0.48 6.91 -14.16
N THR A 2 -0.34 6.68 -12.85
CA THR A 2 -1.16 7.25 -11.77
C THR A 2 -0.32 7.52 -10.53
N LYS A 3 -0.86 8.26 -9.55
CA LYS A 3 -0.17 8.63 -8.29
C LYS A 3 0.46 7.42 -7.57
N CYS A 4 -0.26 6.30 -7.51
CA CYS A 4 0.27 5.03 -6.98
C CYS A 4 1.54 4.62 -7.74
N GLN A 5 1.42 4.38 -9.05
CA GLN A 5 2.49 3.93 -9.94
C GLN A 5 3.69 4.90 -9.97
N GLU A 6 3.41 6.21 -9.96
CA GLU A 6 4.37 7.30 -9.82
C GLU A 6 5.18 7.12 -8.54
N GLU A 7 4.52 7.00 -7.38
CA GLU A 7 5.22 6.82 -6.10
C GLU A 7 6.12 5.58 -6.14
N VAL A 8 5.63 4.44 -6.66
CA VAL A 8 6.48 3.24 -6.78
C VAL A 8 7.70 3.49 -7.67
N SER A 9 7.54 4.31 -8.71
CA SER A 9 8.59 4.76 -9.63
C SER A 9 9.38 5.99 -9.14
N HIS A 10 9.16 6.53 -7.93
CA HIS A 10 9.78 7.76 -7.46
C HIS A 10 10.37 7.67 -6.05
N ILE A 11 9.88 6.77 -5.19
CA ILE A 11 10.41 6.56 -3.84
C ILE A 11 11.88 6.08 -3.95
N PRO A 12 12.87 6.77 -3.36
CA PRO A 12 14.28 6.35 -3.43
C PRO A 12 14.54 5.11 -2.57
N ALA A 13 15.76 4.55 -2.69
CA ALA A 13 16.24 3.50 -1.77
C ALA A 13 16.36 4.01 -0.32
N VAL A 14 16.48 5.33 -0.13
CA VAL A 14 16.40 6.01 1.17
C VAL A 14 14.93 6.12 1.60
N HIS A 15 14.32 4.96 1.89
CA HIS A 15 12.97 4.84 2.42
C HIS A 15 12.99 4.17 3.81
N PRO A 16 13.04 4.96 4.92
CA PRO A 16 13.22 4.45 6.28
C PRO A 16 12.32 3.27 6.66
N GLY A 17 12.94 2.12 6.94
CA GLY A 17 12.27 0.86 7.28
C GLY A 17 11.70 0.09 6.07
N SER A 18 11.74 0.68 4.88
CA SER A 18 11.21 0.21 3.60
C SER A 18 9.67 0.18 3.48
N PHE A 19 9.16 1.13 2.70
CA PHE A 19 7.78 1.21 2.23
C PHE A 19 7.78 1.64 0.76
N ARG A 20 6.95 0.98 -0.06
CA ARG A 20 6.60 1.35 -1.43
C ARG A 20 5.13 0.96 -1.62
N PRO A 21 4.27 1.80 -2.22
CA PRO A 21 2.88 1.42 -2.43
C PRO A 21 2.78 0.34 -3.53
N LYS A 22 1.62 -0.33 -3.58
CA LYS A 22 1.26 -1.37 -4.54
C LYS A 22 -0.02 -0.96 -5.28
N CYS A 23 -0.15 -1.34 -6.55
CA CYS A 23 -1.23 -0.88 -7.43
C CYS A 23 -1.82 -2.02 -8.26
N ASP A 24 -3.06 -1.85 -8.72
CA ASP A 24 -3.83 -2.86 -9.43
C ASP A 24 -3.91 -2.63 -10.95
N GLU A 25 -4.60 -3.54 -11.65
CA GLU A 25 -4.83 -3.49 -13.10
C GLU A 25 -5.65 -2.27 -13.56
N ASN A 26 -6.26 -1.54 -12.62
CA ASN A 26 -7.02 -0.30 -12.83
C ASN A 26 -6.14 0.95 -12.56
N GLY A 27 -4.83 0.78 -12.34
CA GLY A 27 -3.90 1.86 -11.98
C GLY A 27 -4.18 2.50 -10.62
N ASN A 28 -5.09 1.94 -9.83
CA ASN A 28 -5.46 2.40 -8.51
C ASN A 28 -4.56 1.70 -7.47
N TYR A 29 -4.55 2.21 -6.23
CA TYR A 29 -3.85 1.54 -5.14
C TYR A 29 -4.48 0.17 -4.90
N LEU A 30 -3.64 -0.87 -4.79
CA LEU A 30 -4.11 -2.21 -4.45
C LEU A 30 -4.82 -2.14 -3.08
N PRO A 31 -5.98 -2.77 -2.88
CA PRO A 31 -6.74 -2.68 -1.62
C PRO A 31 -5.99 -3.04 -0.34
N LEU A 32 -4.83 -3.70 -0.41
CA LEU A 32 -3.90 -3.98 0.68
C LEU A 32 -2.57 -3.23 0.46
N GLN A 33 -2.02 -2.63 1.51
CA GLN A 33 -0.67 -2.04 1.54
C GLN A 33 0.09 -2.53 2.79
N CYS A 34 1.43 -2.59 2.72
CA CYS A 34 2.29 -3.06 3.81
C CYS A 34 3.61 -2.27 3.89
N TYR A 35 4.24 -2.30 5.06
CA TYR A 35 5.47 -1.56 5.41
C TYR A 35 6.44 -2.52 6.14
N GLY A 36 7.57 -2.79 5.48
CA GLY A 36 8.55 -3.84 5.79
C GLY A 36 9.01 -3.96 7.25
N SER A 37 9.94 -3.11 7.68
CA SER A 37 10.65 -3.27 8.97
C SER A 37 9.77 -3.15 10.21
N ILE A 38 8.58 -2.55 10.09
CA ILE A 38 7.58 -2.50 11.17
C ILE A 38 6.57 -3.65 11.10
N GLY A 39 6.63 -4.52 10.09
CA GLY A 39 5.82 -5.74 9.95
C GLY A 39 4.33 -5.50 9.72
N TYR A 40 3.93 -4.25 9.44
CA TYR A 40 2.52 -3.87 9.36
C TYR A 40 1.95 -3.92 7.94
N CYS A 41 0.67 -4.27 7.88
CA CYS A 41 -0.19 -4.11 6.71
C CYS A 41 -1.49 -3.44 7.16
N TRP A 42 -2.16 -2.81 6.20
CA TRP A 42 -3.48 -2.22 6.34
C TRP A 42 -4.19 -2.31 4.99
N CYS A 43 -5.53 -2.20 5.02
CA CYS A 43 -6.27 -2.03 3.78
C CYS A 43 -6.33 -0.56 3.41
N VAL A 44 -6.45 -0.26 2.12
CA VAL A 44 -6.71 1.08 1.60
C VAL A 44 -7.89 1.05 0.63
N PHE A 45 -8.56 2.19 0.43
CA PHE A 45 -9.51 2.37 -0.66
C PHE A 45 -8.70 2.50 -1.97
N PRO A 46 -9.30 2.29 -3.16
CA PRO A 46 -8.59 2.41 -4.45
C PRO A 46 -7.81 3.72 -4.66
N ASN A 47 -8.22 4.81 -4.00
CA ASN A 47 -7.56 6.10 -3.97
C ASN A 47 -6.32 6.19 -3.05
N GLY A 48 -6.04 5.15 -2.24
CA GLY A 48 -4.89 5.08 -1.32
C GLY A 48 -5.20 5.37 0.15
N THR A 49 -6.44 5.75 0.48
CA THR A 49 -6.84 6.12 1.86
C THR A 49 -6.95 4.87 2.73
N GLU A 50 -6.16 4.80 3.80
CA GLU A 50 -6.19 3.71 4.78
C GLU A 50 -7.57 3.48 5.42
N VAL A 51 -7.99 2.21 5.46
CA VAL A 51 -9.14 1.71 6.19
C VAL A 51 -8.70 1.43 7.64
N PRO A 52 -9.13 2.22 8.63
CA PRO A 52 -8.67 2.10 10.01
C PRO A 52 -9.08 0.75 10.63
N ASN A 53 -8.44 0.39 11.73
CA ASN A 53 -8.57 -0.89 12.46
C ASN A 53 -8.19 -2.15 11.66
N THR A 54 -7.83 -2.05 10.37
CA THR A 54 -7.25 -3.19 9.62
C THR A 54 -5.83 -3.46 10.06
N ARG A 55 -5.12 -2.42 10.54
CA ARG A 55 -3.71 -2.39 10.91
C ARG A 55 -3.26 -3.66 11.65
N SER A 56 -2.55 -4.56 10.94
CA SER A 56 -2.19 -5.89 11.43
C SER A 56 -0.72 -6.20 11.15
N ARG A 57 -0.18 -7.20 11.87
CA ARG A 57 1.18 -7.76 11.84
C ARG A 57 1.47 -8.59 10.58
N GLY A 58 0.66 -8.41 9.55
CA GLY A 58 0.61 -9.18 8.31
C GLY A 58 -0.66 -8.90 7.50
N HIS A 59 -0.78 -9.59 6.36
CA HIS A 59 -1.82 -9.39 5.35
C HIS A 59 -3.26 -9.62 5.86
N HIS A 60 -4.25 -9.10 5.12
CA HIS A 60 -5.68 -9.37 5.31
C HIS A 60 -6.43 -9.30 3.98
N ASN A 61 -7.66 -9.84 3.96
CA ASN A 61 -8.48 -10.12 2.79
C ASN A 61 -9.22 -8.87 2.28
N CYS A 62 -8.46 -7.81 1.94
CA CYS A 62 -9.02 -6.51 1.58
C CYS A 62 -9.91 -6.59 0.34
N SER A 63 -11.20 -6.72 0.61
CA SER A 63 -12.25 -7.06 -0.34
C SER A 63 -12.74 -5.83 -1.12
N GLU A 64 -11.82 -5.24 -1.89
CA GLU A 64 -11.97 -3.94 -2.58
C GLU A 64 -12.31 -2.76 -1.66
N SER A 65 -12.05 -2.92 -0.36
CA SER A 65 -12.27 -1.96 0.72
C SER A 65 -13.62 -1.24 0.60
N LEU A 1 -1.36 7.73 -15.56
CA LEU A 1 -0.89 7.23 -14.27
C LEU A 1 -1.64 7.90 -13.10
N THR A 2 -1.38 7.47 -11.86
CA THR A 2 -1.99 8.01 -10.64
C THR A 2 -0.95 8.35 -9.58
N LYS A 3 -1.40 8.95 -8.46
CA LYS A 3 -0.60 9.22 -7.26
C LYS A 3 0.13 7.96 -6.76
N CYS A 4 -0.47 6.77 -6.93
CA CYS A 4 0.20 5.50 -6.63
C CYS A 4 1.44 5.34 -7.53
N GLN A 5 1.26 5.31 -8.85
CA GLN A 5 2.37 5.19 -9.82
C GLN A 5 3.44 6.27 -9.63
N GLU A 6 3.03 7.51 -9.34
CA GLU A 6 3.94 8.61 -9.01
C GLU A 6 4.76 8.27 -7.76
N GLU A 7 4.11 8.00 -6.62
CA GLU A 7 4.81 7.67 -5.37
C GLU A 7 5.71 6.43 -5.51
N VAL A 8 5.25 5.38 -6.21
CA VAL A 8 6.02 4.16 -6.46
C VAL A 8 7.20 4.41 -7.42
N SER A 9 7.08 5.39 -8.31
CA SER A 9 8.19 5.89 -9.14
C SER A 9 9.18 6.73 -8.32
N HIS A 10 8.68 7.68 -7.53
CA HIS A 10 9.50 8.64 -6.77
C HIS A 10 10.19 8.01 -5.54
N ILE A 11 9.54 7.04 -4.89
CA ILE A 11 10.12 6.19 -3.85
C ILE A 11 10.54 4.88 -4.54
N PRO A 12 11.84 4.68 -4.86
CA PRO A 12 12.30 3.48 -5.54
C PRO A 12 12.32 2.26 -4.61
N ALA A 13 12.61 1.07 -5.17
CA ALA A 13 12.80 -0.18 -4.43
C ALA A 13 13.91 -0.10 -3.34
N VAL A 14 14.81 0.88 -3.44
CA VAL A 14 15.78 1.24 -2.40
C VAL A 14 15.13 2.28 -1.49
N HIS A 15 14.24 1.81 -0.61
CA HIS A 15 13.50 2.63 0.37
C HIS A 15 13.96 2.32 1.82
N PRO A 16 15.18 2.75 2.22
CA PRO A 16 15.81 2.33 3.48
C PRO A 16 14.96 2.69 4.70
N GLY A 17 14.56 1.66 5.46
CA GLY A 17 13.67 1.72 6.62
C GLY A 17 12.32 2.41 6.37
N SER A 18 12.00 2.74 5.11
CA SER A 18 10.90 3.62 4.72
C SER A 18 9.75 2.85 4.05
N PHE A 19 8.56 3.44 4.03
CA PHE A 19 7.41 2.89 3.31
C PHE A 19 7.54 3.14 1.80
N ARG A 20 7.00 2.22 1.00
CA ARG A 20 6.81 2.33 -0.45
C ARG A 20 5.43 1.73 -0.78
N PRO A 21 4.52 2.47 -1.45
CA PRO A 21 3.21 1.95 -1.81
C PRO A 21 3.26 0.87 -2.91
N LYS A 22 2.10 0.28 -3.19
CA LYS A 22 1.86 -0.78 -4.16
C LYS A 22 0.60 -0.49 -4.99
N CYS A 23 0.60 -0.83 -6.29
CA CYS A 23 -0.48 -0.59 -7.26
C CYS A 23 -0.69 -1.82 -8.14
N ASP A 24 -1.83 -1.88 -8.85
CA ASP A 24 -2.10 -2.86 -9.90
C ASP A 24 -2.40 -2.21 -11.26
N GLU A 25 -2.63 -3.04 -12.28
CA GLU A 25 -2.72 -2.65 -13.70
C GLU A 25 -3.88 -1.70 -14.01
N ASN A 26 -4.83 -1.52 -13.09
CA ASN A 26 -5.91 -0.53 -13.24
C ASN A 26 -5.49 0.86 -12.72
N GLY A 27 -4.24 1.02 -12.24
CA GLY A 27 -3.63 2.28 -11.83
C GLY A 27 -3.93 2.68 -10.39
N ASN A 28 -4.71 1.89 -9.66
CA ASN A 28 -5.12 2.18 -8.29
C ASN A 28 -4.08 1.67 -7.29
N TYR A 29 -4.17 2.13 -6.05
CA TYR A 29 -3.41 1.51 -4.95
C TYR A 29 -3.93 0.08 -4.80
N LEU A 30 -3.03 -0.90 -4.76
CA LEU A 30 -3.38 -2.29 -4.48
C LEU A 30 -4.14 -2.31 -3.13
N PRO A 31 -5.27 -3.03 -2.99
CA PRO A 31 -6.13 -2.89 -1.81
C PRO A 31 -5.51 -3.34 -0.48
N LEU A 32 -4.32 -3.95 -0.50
CA LEU A 32 -3.48 -4.25 0.66
C LEU A 32 -2.19 -3.44 0.53
N GLN A 33 -1.73 -2.82 1.62
CA GLN A 33 -0.42 -2.17 1.74
C GLN A 33 0.27 -2.65 3.04
N CYS A 34 1.61 -2.66 3.06
CA CYS A 34 2.40 -3.08 4.22
C CYS A 34 3.63 -2.19 4.44
N TYR A 35 4.14 -2.16 5.67
CA TYR A 35 5.34 -1.42 6.05
C TYR A 35 6.22 -2.22 7.03
N GLY A 36 7.29 -2.82 6.49
CA GLY A 36 8.20 -3.72 7.21
C GLY A 36 8.78 -3.14 8.51
N SER A 37 9.16 -1.85 8.54
CA SER A 37 9.80 -1.22 9.70
C SER A 37 8.93 -1.16 10.97
N ILE A 38 7.61 -1.35 10.83
CA ILE A 38 6.66 -1.50 11.94
C ILE A 38 6.04 -2.90 11.99
N GLY A 39 6.38 -3.79 11.05
CA GLY A 39 5.89 -5.17 10.98
C GLY A 39 4.40 -5.29 10.64
N TYR A 40 3.78 -4.26 10.05
CA TYR A 40 2.32 -4.20 9.86
C TYR A 40 1.89 -4.14 8.38
N CYS A 41 0.61 -4.47 8.17
CA CYS A 41 -0.16 -4.28 6.94
C CYS A 41 -1.51 -3.65 7.29
N TRP A 42 -2.13 -3.02 6.29
CA TRP A 42 -3.49 -2.51 6.33
C TRP A 42 -4.13 -2.65 4.95
N CYS A 43 -5.46 -2.62 4.89
CA CYS A 43 -6.16 -2.51 3.61
C CYS A 43 -6.32 -1.03 3.25
N VAL A 44 -6.40 -0.72 1.97
CA VAL A 44 -6.71 0.61 1.44
C VAL A 44 -7.83 0.56 0.40
N PHE A 45 -8.54 1.67 0.25
CA PHE A 45 -9.45 1.87 -0.87
C PHE A 45 -8.62 2.17 -2.14
N PRO A 46 -9.17 2.11 -3.36
CA PRO A 46 -8.42 2.32 -4.61
C PRO A 46 -7.58 3.61 -4.67
N ASN A 47 -8.01 4.65 -3.94
CA ASN A 47 -7.35 5.95 -3.77
C ASN A 47 -6.18 5.96 -2.76
N GLY A 48 -5.93 4.87 -2.02
CA GLY A 48 -4.82 4.73 -1.07
C GLY A 48 -5.17 5.03 0.39
N THR A 49 -6.41 5.45 0.69
CA THR A 49 -6.88 5.70 2.07
C THR A 49 -7.08 4.38 2.79
N GLU A 50 -6.57 4.24 4.01
CA GLU A 50 -6.74 3.03 4.82
C GLU A 50 -8.23 2.69 5.09
N VAL A 51 -8.55 1.39 5.08
CA VAL A 51 -9.81 0.83 5.55
C VAL A 51 -9.64 0.69 7.08
N PRO A 52 -10.36 1.49 7.90
CA PRO A 52 -10.14 1.61 9.34
C PRO A 52 -10.01 0.28 10.08
N ASN A 53 -9.11 0.28 11.08
CA ASN A 53 -8.82 -0.84 11.98
C ASN A 53 -8.31 -2.12 11.31
N THR A 54 -7.99 -2.10 10.00
CA THR A 54 -7.34 -3.26 9.36
C THR A 54 -5.89 -3.40 9.81
N ARG A 55 -5.25 -2.29 10.20
CA ARG A 55 -3.86 -2.19 10.66
C ARG A 55 -3.40 -3.33 11.59
N SER A 56 -2.82 -4.38 11.02
CA SER A 56 -2.49 -5.65 11.68
C SER A 56 -1.02 -6.05 11.48
N ARG A 57 -0.52 -6.98 12.29
CA ARG A 57 0.82 -7.60 12.28
C ARG A 57 1.08 -8.51 11.06
N GLY A 58 0.16 -8.49 10.09
CA GLY A 58 0.16 -9.32 8.89
C GLY A 58 -0.99 -8.99 7.94
N HIS A 59 -1.05 -9.71 6.82
CA HIS A 59 -1.99 -9.51 5.70
C HIS A 59 -3.46 -9.75 6.06
N HIS A 60 -4.37 -9.34 5.17
CA HIS A 60 -5.82 -9.54 5.29
C HIS A 60 -6.51 -9.52 3.91
N ASN A 61 -7.78 -9.95 3.86
CA ASN A 61 -8.58 -10.26 2.67
C ASN A 61 -9.15 -9.00 2.00
N CYS A 62 -8.27 -8.05 1.66
CA CYS A 62 -8.66 -6.71 1.22
C CYS A 62 -9.50 -6.68 -0.06
N SER A 63 -10.81 -6.62 0.14
CA SER A 63 -11.86 -6.79 -0.85
C SER A 63 -12.24 -5.45 -1.51
N GLU A 64 -11.25 -4.57 -1.70
CA GLU A 64 -11.43 -3.17 -2.12
C GLU A 64 -10.72 -2.85 -3.46
N SER A 65 -10.48 -3.87 -4.27
CA SER A 65 -9.81 -3.78 -5.57
C SER A 65 -10.54 -2.80 -6.51
N LEU A 1 0.23 9.00 -15.09
CA LEU A 1 0.23 7.95 -14.07
C LEU A 1 -0.48 8.44 -12.79
N THR A 2 -0.88 7.52 -11.91
CA THR A 2 -1.69 7.84 -10.73
C THR A 2 -0.84 8.31 -9.53
N LYS A 3 -1.50 8.81 -8.48
CA LYS A 3 -0.89 9.13 -7.18
C LYS A 3 -0.09 7.95 -6.59
N CYS A 4 -0.62 6.73 -6.73
CA CYS A 4 0.10 5.49 -6.39
C CYS A 4 1.36 5.35 -7.24
N GLN A 5 1.19 5.32 -8.56
CA GLN A 5 2.29 5.12 -9.51
C GLN A 5 3.37 6.20 -9.40
N GLU A 6 3.00 7.45 -9.12
CA GLU A 6 3.90 8.57 -8.80
C GLU A 6 4.73 8.25 -7.56
N GLU A 7 4.08 8.00 -6.41
CA GLU A 7 4.78 7.70 -5.17
C GLU A 7 5.74 6.51 -5.33
N VAL A 8 5.28 5.44 -5.99
CA VAL A 8 6.07 4.23 -6.25
C VAL A 8 7.22 4.50 -7.24
N SER A 9 7.04 5.47 -8.14
CA SER A 9 8.08 6.03 -9.04
C SER A 9 8.96 7.11 -8.39
N HIS A 10 8.78 7.42 -7.10
CA HIS A 10 9.54 8.45 -6.38
C HIS A 10 10.22 7.90 -5.13
N ILE A 11 9.59 6.93 -4.46
CA ILE A 11 10.16 6.09 -3.40
C ILE A 11 10.67 4.83 -4.12
N PRO A 12 11.99 4.68 -4.35
CA PRO A 12 12.52 3.58 -5.14
C PRO A 12 12.43 2.24 -4.36
N ALA A 13 12.62 1.11 -5.06
CA ALA A 13 12.51 -0.23 -4.48
C ALA A 13 13.41 -0.45 -3.25
N VAL A 14 14.54 0.25 -3.15
CA VAL A 14 15.39 0.31 -1.95
C VAL A 14 14.75 1.27 -0.93
N HIS A 15 13.56 0.91 -0.45
CA HIS A 15 12.77 1.69 0.51
C HIS A 15 12.91 1.38 2.02
N PRO A 16 13.65 0.34 2.51
CA PRO A 16 13.76 0.02 3.95
C PRO A 16 13.93 1.23 4.87
N GLY A 17 13.05 1.31 5.87
CA GLY A 17 12.86 2.45 6.76
C GLY A 17 11.62 3.28 6.39
N SER A 18 11.17 3.22 5.13
CA SER A 18 10.06 4.02 4.59
C SER A 18 8.93 3.15 3.99
N PHE A 19 7.74 3.73 3.87
CA PHE A 19 6.58 3.10 3.24
C PHE A 19 6.56 3.34 1.73
N ARG A 20 6.88 2.31 0.94
CA ARG A 20 6.68 2.30 -0.51
C ARG A 20 5.29 1.69 -0.80
N PRO A 21 4.35 2.43 -1.42
CA PRO A 21 3.06 1.87 -1.80
C PRO A 21 3.15 0.72 -2.82
N LYS A 22 1.98 0.12 -3.11
CA LYS A 22 1.78 -0.94 -4.11
C LYS A 22 0.52 -0.63 -4.94
N CYS A 23 0.57 -0.91 -6.24
CA CYS A 23 -0.50 -0.65 -7.21
C CYS A 23 -0.66 -1.86 -8.14
N ASP A 24 -1.84 -2.00 -8.77
CA ASP A 24 -2.08 -2.99 -9.82
C ASP A 24 -2.05 -2.38 -11.23
N GLU A 25 -2.32 -3.22 -12.25
CA GLU A 25 -2.24 -2.88 -13.67
C GLU A 25 -3.14 -1.71 -14.08
N ASN A 26 -4.20 -1.41 -13.31
CA ASN A 26 -5.08 -0.28 -13.58
C ASN A 26 -4.53 1.03 -12.96
N GLY A 27 -3.39 0.96 -12.27
CA GLY A 27 -2.70 2.09 -11.63
C GLY A 27 -3.28 2.50 -10.28
N ASN A 28 -4.33 1.85 -9.78
CA ASN A 28 -4.90 2.17 -8.47
C ASN A 28 -4.02 1.56 -7.37
N TYR A 29 -4.14 2.07 -6.14
CA TYR A 29 -3.52 1.41 -4.99
C TYR A 29 -4.07 -0.01 -4.87
N LEU A 30 -3.16 -0.99 -4.74
CA LEU A 30 -3.54 -2.36 -4.44
C LEU A 30 -4.35 -2.36 -3.12
N PRO A 31 -5.39 -3.19 -2.94
CA PRO A 31 -6.30 -3.06 -1.80
C PRO A 31 -5.63 -3.38 -0.45
N LEU A 32 -4.48 -4.05 -0.44
CA LEU A 32 -3.59 -4.24 0.71
C LEU A 32 -2.34 -3.37 0.52
N GLN A 33 -1.89 -2.71 1.60
CA GLN A 33 -0.61 -2.00 1.66
C GLN A 33 0.17 -2.47 2.90
N CYS A 34 1.50 -2.44 2.83
CA CYS A 34 2.38 -2.90 3.91
C CYS A 34 3.61 -1.99 4.06
N TYR A 35 4.14 -1.94 5.28
CA TYR A 35 5.33 -1.19 5.68
C TYR A 35 6.22 -2.13 6.52
N GLY A 36 6.95 -3.01 5.80
CA GLY A 36 7.70 -4.12 6.39
C GLY A 36 8.70 -3.70 7.47
N SER A 37 9.33 -2.52 7.34
CA SER A 37 10.32 -2.01 8.29
C SER A 37 9.79 -1.73 9.71
N ILE A 38 8.46 -1.66 9.89
CA ILE A 38 7.81 -1.62 11.21
C ILE A 38 6.97 -2.88 11.47
N GLY A 39 6.92 -3.83 10.52
CA GLY A 39 6.11 -5.03 10.59
C GLY A 39 4.63 -4.71 10.67
N TYR A 40 4.09 -4.00 9.66
CA TYR A 40 2.66 -3.68 9.58
C TYR A 40 2.11 -3.75 8.15
N CYS A 41 0.79 -4.00 8.08
CA CYS A 41 -0.04 -3.88 6.89
C CYS A 41 -1.43 -3.33 7.27
N TRP A 42 -2.12 -2.79 6.27
CA TRP A 42 -3.50 -2.33 6.35
C TRP A 42 -4.16 -2.49 4.97
N CYS A 43 -5.49 -2.45 4.92
CA CYS A 43 -6.17 -2.35 3.63
C CYS A 43 -6.35 -0.87 3.28
N VAL A 44 -6.43 -0.56 1.97
CA VAL A 44 -6.78 0.77 1.47
C VAL A 44 -7.87 0.67 0.41
N PHE A 45 -8.66 1.72 0.27
CA PHE A 45 -9.54 1.88 -0.88
C PHE A 45 -8.68 2.25 -2.11
N PRO A 46 -9.17 2.11 -3.37
CA PRO A 46 -8.34 2.24 -4.58
C PRO A 46 -7.57 3.57 -4.74
N ASN A 47 -7.99 4.62 -4.04
CA ASN A 47 -7.36 5.94 -3.95
C ASN A 47 -6.22 6.05 -2.93
N GLY A 48 -6.00 5.02 -2.08
CA GLY A 48 -4.99 4.99 -1.03
C GLY A 48 -5.53 5.27 0.39
N THR A 49 -6.83 5.54 0.59
CA THR A 49 -7.41 5.78 1.91
C THR A 49 -7.46 4.48 2.72
N GLU A 50 -6.71 4.43 3.83
CA GLU A 50 -6.71 3.29 4.77
C GLU A 50 -8.11 2.94 5.29
N VAL A 51 -8.41 1.64 5.32
CA VAL A 51 -9.61 1.05 5.91
C VAL A 51 -9.37 0.88 7.42
N PRO A 52 -10.07 1.65 8.29
CA PRO A 52 -9.88 1.61 9.73
C PRO A 52 -9.93 0.21 10.33
N ASN A 53 -9.21 0.01 11.43
CA ASN A 53 -9.09 -1.24 12.19
C ASN A 53 -8.52 -2.45 11.42
N THR A 54 -8.14 -2.31 10.14
CA THR A 54 -7.40 -3.38 9.44
C THR A 54 -5.97 -3.45 9.95
N ARG A 55 -5.39 -2.31 10.34
CA ARG A 55 -3.99 -2.12 10.72
C ARG A 55 -3.48 -3.23 11.64
N SER A 56 -2.69 -4.15 11.07
CA SER A 56 -2.24 -5.39 11.70
C SER A 56 -0.75 -5.61 11.42
N ARG A 57 -0.12 -6.55 12.13
CA ARG A 57 1.31 -6.87 11.99
C ARG A 57 1.65 -7.76 10.78
N GLY A 58 0.69 -7.89 9.86
CA GLY A 58 0.69 -8.80 8.71
C GLY A 58 -0.56 -8.65 7.84
N HIS A 59 -0.66 -9.47 6.78
CA HIS A 59 -1.68 -9.39 5.73
C HIS A 59 -3.12 -9.62 6.23
N HIS A 60 -4.09 -9.22 5.40
CA HIS A 60 -5.53 -9.48 5.57
C HIS A 60 -6.23 -9.52 4.18
N ASN A 61 -7.49 -9.96 4.15
CA ASN A 61 -8.30 -10.33 2.99
C ASN A 61 -8.81 -9.14 2.15
N CYS A 62 -7.97 -8.12 1.95
CA CYS A 62 -8.37 -6.85 1.38
C CYS A 62 -9.04 -6.99 0.01
N SER A 63 -10.34 -6.71 -0.02
CA SER A 63 -11.23 -6.95 -1.16
C SER A 63 -11.80 -5.64 -1.71
N GLU A 64 -11.10 -4.53 -1.44
CA GLU A 64 -11.53 -3.14 -1.64
C GLU A 64 -11.55 -2.66 -3.11
N SER A 65 -11.49 -3.59 -4.06
CA SER A 65 -11.33 -3.36 -5.49
C SER A 65 -11.95 -4.49 -6.30
N LEU A 1 0.41 8.19 -15.54
CA LEU A 1 0.48 7.30 -14.38
C LEU A 1 -0.57 7.71 -13.35
N THR A 2 -0.94 6.77 -12.46
CA THR A 2 -1.79 7.04 -11.29
C THR A 2 -0.96 7.58 -10.13
N LYS A 3 -1.62 8.12 -9.09
CA LYS A 3 -0.97 8.50 -7.83
C LYS A 3 -0.15 7.34 -7.22
N CYS A 4 -0.70 6.12 -7.25
CA CYS A 4 0.02 4.92 -6.83
C CYS A 4 1.31 4.76 -7.66
N GLN A 5 1.20 4.63 -8.98
CA GLN A 5 2.33 4.44 -9.90
C GLN A 5 3.38 5.55 -9.79
N GLU A 6 2.95 6.81 -9.71
CA GLU A 6 3.81 7.96 -9.44
C GLU A 6 4.59 7.78 -8.15
N GLU A 7 3.91 7.51 -7.04
CA GLU A 7 4.57 7.27 -5.75
C GLU A 7 5.56 6.12 -5.83
N VAL A 8 5.24 5.00 -6.51
CA VAL A 8 6.21 3.90 -6.69
C VAL A 8 7.42 4.35 -7.52
N SER A 9 7.19 5.23 -8.50
CA SER A 9 8.19 5.85 -9.38
C SER A 9 8.87 7.10 -8.78
N HIS A 10 8.62 7.45 -7.52
CA HIS A 10 9.20 8.61 -6.84
C HIS A 10 9.82 8.24 -5.48
N ILE A 11 9.19 7.33 -4.75
CA ILE A 11 9.68 6.74 -3.51
C ILE A 11 10.42 5.44 -3.90
N PRO A 12 11.72 5.30 -3.64
CA PRO A 12 12.45 4.06 -3.93
C PRO A 12 12.17 2.96 -2.89
N ALA A 13 12.58 1.72 -3.20
CA ALA A 13 12.53 0.58 -2.28
C ALA A 13 13.29 0.81 -0.96
N VAL A 14 14.27 1.71 -0.95
CA VAL A 14 15.00 2.17 0.24
C VAL A 14 14.14 3.23 0.94
N HIS A 15 13.08 2.79 1.63
CA HIS A 15 12.18 3.64 2.41
C HIS A 15 12.15 3.28 3.93
N PRO A 16 13.27 3.38 4.66
CA PRO A 16 13.30 3.23 6.11
C PRO A 16 12.59 4.41 6.80
N GLY A 17 11.52 4.12 7.55
CA GLY A 17 10.72 5.14 8.24
C GLY A 17 9.69 5.84 7.33
N SER A 18 9.50 5.36 6.09
CA SER A 18 8.49 5.83 5.14
C SER A 18 7.85 4.63 4.41
N PHE A 19 6.91 4.88 3.50
CA PHE A 19 6.18 3.83 2.79
C PHE A 19 6.14 4.04 1.28
N ARG A 20 6.16 2.93 0.53
CA ARG A 20 6.12 2.84 -0.93
C ARG A 20 4.94 1.94 -1.33
N PRO A 21 3.89 2.48 -1.99
CA PRO A 21 2.71 1.69 -2.30
C PRO A 21 2.94 0.69 -3.44
N LYS A 22 2.06 -0.31 -3.52
CA LYS A 22 1.95 -1.27 -4.63
C LYS A 22 0.56 -1.15 -5.28
N CYS A 23 0.47 -1.49 -6.57
CA CYS A 23 -0.71 -1.24 -7.41
C CYS A 23 -1.13 -2.50 -8.19
N ASP A 24 -2.43 -2.60 -8.49
CA ASP A 24 -3.01 -3.63 -9.33
C ASP A 24 -2.83 -3.34 -10.84
N GLU A 25 -3.33 -4.23 -11.70
CA GLU A 25 -3.13 -4.19 -13.14
C GLU A 25 -3.70 -2.95 -13.84
N ASN A 26 -4.60 -2.22 -13.18
CA ASN A 26 -5.16 -0.95 -13.65
C ASN A 26 -4.29 0.26 -13.23
N GLY A 27 -3.21 0.05 -12.47
CA GLY A 27 -2.39 1.09 -11.85
C GLY A 27 -3.00 1.67 -10.58
N ASN A 28 -4.16 1.18 -10.12
CA ASN A 28 -4.80 1.60 -8.88
C ASN A 28 -4.08 0.92 -7.70
N TYR A 29 -4.08 1.55 -6.52
CA TYR A 29 -3.52 0.97 -5.29
C TYR A 29 -4.07 -0.44 -5.04
N LEU A 30 -3.17 -1.41 -4.79
CA LEU A 30 -3.62 -2.73 -4.36
C LEU A 30 -4.47 -2.58 -3.08
N PRO A 31 -5.67 -3.17 -2.98
CA PRO A 31 -6.56 -3.04 -1.83
C PRO A 31 -5.88 -3.27 -0.47
N LEU A 32 -4.92 -4.21 -0.41
CA LEU A 32 -4.01 -4.42 0.71
C LEU A 32 -2.66 -3.75 0.43
N GLN A 33 -2.07 -3.14 1.45
CA GLN A 33 -0.69 -2.64 1.45
C GLN A 33 0.04 -3.24 2.66
N CYS A 34 1.34 -3.55 2.51
CA CYS A 34 2.17 -4.12 3.56
C CYS A 34 3.57 -3.49 3.53
N TYR A 35 4.19 -3.31 4.71
CA TYR A 35 5.51 -2.71 4.87
C TYR A 35 6.52 -3.76 5.40
N GLY A 36 7.23 -4.39 4.45
CA GLY A 36 8.08 -5.56 4.67
C GLY A 36 9.30 -5.37 5.58
N SER A 37 9.64 -4.14 5.99
CA SER A 37 10.65 -3.89 7.04
C SER A 37 10.18 -4.36 8.43
N ILE A 38 8.86 -4.38 8.65
CA ILE A 38 8.22 -4.76 9.91
C ILE A 38 7.18 -5.88 9.73
N GLY A 39 6.73 -6.16 8.50
CA GLY A 39 5.80 -7.24 8.19
C GLY A 39 4.32 -6.88 8.37
N TYR A 40 4.01 -5.64 8.75
CA TYR A 40 2.66 -5.18 9.03
C TYR A 40 1.93 -4.81 7.73
N CYS A 41 0.59 -4.89 7.76
CA CYS A 41 -0.29 -4.55 6.64
C CYS A 41 -1.48 -3.70 7.08
N TRP A 42 -2.15 -3.11 6.08
CA TRP A 42 -3.43 -2.43 6.20
C TRP A 42 -4.16 -2.47 4.85
N CYS A 43 -5.46 -2.19 4.85
CA CYS A 43 -6.22 -1.97 3.62
C CYS A 43 -6.20 -0.49 3.25
N VAL A 44 -6.33 -0.17 1.95
CA VAL A 44 -6.38 1.22 1.46
C VAL A 44 -7.58 1.49 0.53
N PHE A 45 -7.90 2.78 0.41
CA PHE A 45 -8.82 3.36 -0.56
C PHE A 45 -8.05 3.82 -1.83
N PRO A 46 -8.74 4.11 -2.97
CA PRO A 46 -8.10 4.41 -4.27
C PRO A 46 -7.12 5.59 -4.35
N ASN A 47 -6.94 6.39 -3.29
CA ASN A 47 -5.94 7.44 -3.18
C ASN A 47 -4.73 7.06 -2.29
N GLY A 48 -4.77 5.89 -1.63
CA GLY A 48 -3.75 5.40 -0.70
C GLY A 48 -4.08 5.58 0.78
N THR A 49 -5.24 6.16 1.12
CA THR A 49 -5.70 6.35 2.51
C THR A 49 -6.01 5.00 3.11
N GLU A 50 -5.46 4.67 4.28
CA GLU A 50 -5.75 3.38 4.91
C GLU A 50 -7.17 3.29 5.50
N VAL A 51 -7.60 2.06 5.77
CA VAL A 51 -8.79 1.74 6.56
C VAL A 51 -8.29 1.62 8.02
N PRO A 52 -8.47 2.66 8.87
CA PRO A 52 -7.81 2.81 10.18
C PRO A 52 -8.20 1.84 11.31
N ASN A 53 -8.73 0.68 10.96
CA ASN A 53 -8.97 -0.47 11.84
C ASN A 53 -8.33 -1.76 11.29
N THR A 54 -7.71 -1.71 10.10
CA THR A 54 -7.03 -2.84 9.47
C THR A 54 -5.53 -2.90 9.80
N ARG A 55 -4.96 -1.85 10.39
CA ARG A 55 -3.50 -1.73 10.63
C ARG A 55 -3.03 -2.84 11.56
N SER A 56 -2.50 -3.91 10.97
CA SER A 56 -2.22 -5.17 11.68
C SER A 56 -0.85 -5.77 11.36
N ARG A 57 -0.44 -6.68 12.25
CA ARG A 57 0.88 -7.30 12.37
C ARG A 57 1.24 -8.25 11.21
N GLY A 58 0.31 -8.44 10.27
CA GLY A 58 0.44 -9.31 9.10
C GLY A 58 -0.77 -9.23 8.16
N HIS A 59 -0.76 -10.14 7.19
CA HIS A 59 -1.67 -10.19 6.05
C HIS A 59 -3.16 -10.25 6.41
N HIS A 60 -3.99 -9.72 5.51
CA HIS A 60 -5.45 -9.84 5.53
C HIS A 60 -5.99 -9.68 4.09
N ASN A 61 -7.28 -9.92 3.88
CA ASN A 61 -7.90 -10.04 2.57
C ASN A 61 -8.94 -8.93 2.35
N CYS A 62 -8.43 -7.74 2.03
CA CYS A 62 -9.18 -6.51 1.78
C CYS A 62 -10.21 -6.66 0.65
N SER A 63 -11.49 -6.45 0.98
CA SER A 63 -12.66 -6.53 0.09
C SER A 63 -12.69 -5.39 -0.96
N GLU A 64 -11.67 -5.32 -1.82
CA GLU A 64 -11.52 -4.36 -2.93
C GLU A 64 -11.66 -2.88 -2.53
N SER A 65 -11.28 -2.55 -1.29
CA SER A 65 -11.40 -1.22 -0.66
C SER A 65 -10.87 -0.11 -1.54
N LEU A 1 0.95 7.45 -16.03
CA LEU A 1 1.04 7.13 -14.62
C LEU A 1 -0.26 7.58 -13.90
N THR A 2 -0.31 7.32 -12.58
CA THR A 2 -1.35 7.68 -11.63
C THR A 2 -0.70 8.06 -10.30
N LYS A 3 -1.45 8.64 -9.35
CA LYS A 3 -0.94 9.03 -8.02
C LYS A 3 -0.19 7.88 -7.30
N CYS A 4 -0.72 6.67 -7.41
CA CYS A 4 -0.03 5.45 -6.96
C CYS A 4 1.31 5.26 -7.67
N GLN A 5 1.30 5.10 -9.00
CA GLN A 5 2.51 4.85 -9.80
C GLN A 5 3.56 5.98 -9.68
N GLU A 6 3.12 7.22 -9.48
CA GLU A 6 3.96 8.37 -9.15
C GLU A 6 4.66 8.15 -7.80
N GLU A 7 3.91 7.92 -6.72
CA GLU A 7 4.51 7.65 -5.41
C GLU A 7 5.42 6.41 -5.43
N VAL A 8 5.05 5.34 -6.15
CA VAL A 8 5.88 4.14 -6.32
C VAL A 8 7.15 4.42 -7.13
N SER A 9 7.09 5.37 -8.06
CA SER A 9 8.26 5.88 -8.79
C SER A 9 9.15 6.77 -7.91
N HIS A 10 8.55 7.68 -7.13
CA HIS A 10 9.25 8.65 -6.30
C HIS A 10 9.83 8.05 -5.01
N ILE A 11 9.16 7.06 -4.42
CA ILE A 11 9.63 6.26 -3.28
C ILE A 11 10.17 4.94 -3.85
N PRO A 12 11.50 4.75 -3.99
CA PRO A 12 12.06 3.54 -4.58
C PRO A 12 12.00 2.35 -3.60
N ALA A 13 12.37 1.15 -4.09
CA ALA A 13 12.55 -0.05 -3.28
C ALA A 13 13.56 0.13 -2.14
N VAL A 14 14.48 1.09 -2.26
CA VAL A 14 15.38 1.53 -1.19
C VAL A 14 14.61 2.42 -0.20
N HIS A 15 13.72 1.78 0.58
CA HIS A 15 12.95 2.41 1.66
C HIS A 15 13.12 1.76 3.07
N PRO A 16 14.23 1.07 3.43
CA PRO A 16 14.34 0.34 4.69
C PRO A 16 14.24 1.28 5.91
N GLY A 17 13.17 1.11 6.69
CA GLY A 17 12.77 1.97 7.82
C GLY A 17 11.52 2.80 7.53
N SER A 18 11.14 2.92 6.25
CA SER A 18 9.95 3.61 5.75
C SER A 18 9.01 2.67 4.99
N PHE A 19 7.89 3.22 4.54
CA PHE A 19 6.84 2.61 3.72
C PHE A 19 7.07 2.88 2.23
N ARG A 20 6.49 2.03 1.37
CA ARG A 20 6.39 2.22 -0.08
C ARG A 20 5.02 1.67 -0.54
N PRO A 21 4.23 2.41 -1.32
CA PRO A 21 2.96 1.92 -1.82
C PRO A 21 3.11 0.85 -2.92
N LYS A 22 1.99 0.22 -3.29
CA LYS A 22 1.79 -0.85 -4.27
C LYS A 22 0.53 -0.58 -5.10
N CYS A 23 0.52 -0.95 -6.39
CA CYS A 23 -0.57 -0.65 -7.32
C CYS A 23 -0.97 -1.87 -8.16
N ASP A 24 -2.20 -1.82 -8.67
CA ASP A 24 -2.79 -2.83 -9.53
C ASP A 24 -2.65 -2.49 -11.04
N GLU A 25 -3.04 -3.43 -11.91
CA GLU A 25 -3.03 -3.25 -13.37
C GLU A 25 -3.98 -2.13 -13.86
N ASN A 26 -4.88 -1.68 -12.99
CA ASN A 26 -5.81 -0.57 -13.18
C ASN A 26 -5.19 0.77 -12.76
N GLY A 27 -3.89 0.80 -12.41
CA GLY A 27 -3.15 1.99 -11.97
C GLY A 27 -3.60 2.54 -10.61
N ASN A 28 -4.51 1.86 -9.91
CA ASN A 28 -5.01 2.23 -8.60
C ASN A 28 -4.15 1.57 -7.52
N TYR A 29 -4.27 2.03 -6.27
CA TYR A 29 -3.58 1.42 -5.14
C TYR A 29 -4.09 0.00 -4.93
N LEU A 30 -3.17 -0.96 -4.81
CA LEU A 30 -3.53 -2.35 -4.53
C LEU A 30 -4.35 -2.41 -3.22
N PRO A 31 -5.43 -3.22 -3.12
CA PRO A 31 -6.30 -3.30 -1.94
C PRO A 31 -5.59 -3.43 -0.59
N LEU A 32 -4.44 -4.10 -0.55
CA LEU A 32 -3.52 -4.19 0.60
C LEU A 32 -2.30 -3.29 0.36
N GLN A 33 -1.85 -2.60 1.42
CA GLN A 33 -0.57 -1.87 1.46
C GLN A 33 0.19 -2.28 2.73
N CYS A 34 1.54 -2.30 2.66
CA CYS A 34 2.37 -2.79 3.77
C CYS A 34 3.62 -1.94 4.02
N TYR A 35 3.79 -1.47 5.26
CA TYR A 35 5.00 -0.83 5.78
C TYR A 35 5.93 -1.97 6.26
N GLY A 36 6.43 -2.72 5.27
CA GLY A 36 7.20 -3.96 5.45
C GLY A 36 8.42 -3.80 6.36
N SER A 37 9.04 -2.61 6.40
CA SER A 37 10.13 -2.24 7.30
C SER A 37 9.84 -2.48 8.79
N ILE A 38 8.56 -2.49 9.20
CA ILE A 38 8.09 -2.84 10.55
C ILE A 38 7.10 -4.02 10.52
N GLY A 39 6.95 -4.70 9.38
CA GLY A 39 6.05 -5.82 9.17
C GLY A 39 4.56 -5.44 9.04
N TYR A 40 4.22 -4.15 9.05
CA TYR A 40 2.81 -3.73 9.15
C TYR A 40 2.10 -3.78 7.80
N CYS A 41 0.79 -4.04 7.84
CA CYS A 41 -0.10 -3.89 6.69
C CYS A 41 -1.43 -3.26 7.10
N TRP A 42 -2.13 -2.72 6.10
CA TRP A 42 -3.51 -2.25 6.16
C TRP A 42 -4.14 -2.40 4.78
N CYS A 43 -5.47 -2.36 4.74
CA CYS A 43 -6.19 -2.26 3.48
C CYS A 43 -6.42 -0.80 3.12
N VAL A 44 -6.57 -0.52 1.82
CA VAL A 44 -6.89 0.81 1.30
C VAL A 44 -8.06 0.76 0.32
N PHE A 45 -8.69 1.91 0.11
CA PHE A 45 -9.62 2.13 -1.01
C PHE A 45 -8.75 2.39 -2.27
N PRO A 46 -9.26 2.22 -3.50
CA PRO A 46 -8.45 2.31 -4.74
C PRO A 46 -7.63 3.59 -4.91
N ASN A 47 -8.05 4.69 -4.27
CA ASN A 47 -7.37 5.98 -4.19
C ASN A 47 -6.20 6.05 -3.19
N GLY A 48 -5.97 5.00 -2.37
CA GLY A 48 -4.88 4.91 -1.39
C GLY A 48 -5.28 5.20 0.05
N THR A 49 -6.54 5.55 0.32
CA THR A 49 -7.05 5.87 1.66
C THR A 49 -7.15 4.60 2.50
N GLU A 50 -6.43 4.53 3.62
CA GLU A 50 -6.45 3.41 4.56
C GLU A 50 -7.84 3.14 5.17
N VAL A 51 -8.14 1.85 5.40
CA VAL A 51 -9.27 1.33 6.17
C VAL A 51 -8.78 1.21 7.63
N PRO A 52 -9.04 2.21 8.51
CA PRO A 52 -8.42 2.37 9.84
C PRO A 52 -8.83 1.38 10.94
N ASN A 53 -9.31 0.20 10.55
CA ASN A 53 -9.56 -0.96 11.39
C ASN A 53 -8.83 -2.22 10.91
N THR A 54 -8.09 -2.13 9.79
CA THR A 54 -7.29 -3.23 9.25
C THR A 54 -5.84 -3.21 9.72
N ARG A 55 -5.37 -2.10 10.30
CA ARG A 55 -3.96 -1.87 10.63
C ARG A 55 -3.40 -2.98 11.55
N SER A 56 -2.56 -3.84 10.99
CA SER A 56 -2.04 -5.05 11.63
C SER A 56 -0.53 -5.19 11.48
N ARG A 57 0.08 -5.99 12.37
CA ARG A 57 1.47 -6.49 12.35
C ARG A 57 1.76 -7.47 11.19
N GLY A 58 0.81 -7.66 10.26
CA GLY A 58 0.95 -8.55 9.11
C GLY A 58 -0.28 -8.56 8.20
N HIS A 59 -0.23 -9.49 7.23
CA HIS A 59 -1.12 -9.63 6.08
C HIS A 59 -2.61 -9.82 6.43
N HIS A 60 -3.47 -9.42 5.48
CA HIS A 60 -4.91 -9.70 5.49
C HIS A 60 -5.47 -9.65 4.06
N ASN A 61 -6.62 -10.30 3.85
CA ASN A 61 -7.19 -10.56 2.53
C ASN A 61 -8.22 -9.48 2.17
N CYS A 62 -7.71 -8.27 1.93
CA CYS A 62 -8.48 -7.05 1.69
C CYS A 62 -9.63 -7.23 0.70
N SER A 63 -10.85 -7.22 1.25
CA SER A 63 -12.11 -7.56 0.58
C SER A 63 -13.18 -6.50 0.82
N GLU A 64 -12.74 -5.27 1.11
CA GLU A 64 -13.58 -4.15 1.60
C GLU A 64 -13.22 -2.77 1.03
N SER A 65 -12.36 -2.76 0.02
CA SER A 65 -11.91 -1.58 -0.71
C SER A 65 -13.10 -0.98 -1.47
N LEU A 1 0.50 6.39 -13.84
CA LEU A 1 -0.75 6.99 -14.32
C LEU A 1 -1.38 7.99 -13.35
N THR A 2 -1.04 7.78 -12.10
CA THR A 2 -1.51 8.39 -10.86
C THR A 2 -0.39 8.57 -9.84
N LYS A 3 -0.69 9.28 -8.73
CA LYS A 3 0.18 9.37 -7.55
C LYS A 3 0.65 7.99 -7.08
N CYS A 4 -0.22 6.97 -7.11
CA CYS A 4 0.15 5.59 -6.78
C CYS A 4 1.28 5.09 -7.70
N GLN A 5 1.01 5.01 -9.01
CA GLN A 5 1.98 4.51 -9.99
C GLN A 5 3.25 5.37 -10.05
N GLU A 6 3.16 6.68 -9.80
CA GLU A 6 4.29 7.60 -9.63
C GLU A 6 5.13 7.18 -8.42
N GLU A 7 4.53 7.12 -7.21
CA GLU A 7 5.23 6.71 -5.99
C GLU A 7 5.94 5.36 -6.16
N VAL A 8 5.21 4.37 -6.70
CA VAL A 8 5.73 3.03 -7.00
C VAL A 8 6.84 3.04 -8.06
N SER A 9 6.84 4.04 -8.94
CA SER A 9 7.91 4.32 -9.91
C SER A 9 9.02 5.26 -9.39
N HIS A 10 8.99 5.68 -8.12
CA HIS A 10 9.93 6.68 -7.58
C HIS A 10 10.58 6.26 -6.25
N ILE A 11 9.89 5.47 -5.42
CA ILE A 11 10.40 5.02 -4.12
C ILE A 11 11.36 3.82 -4.34
N PRO A 12 12.66 3.93 -4.01
CA PRO A 12 13.58 2.80 -4.14
C PRO A 12 13.27 1.71 -3.11
N ALA A 13 13.79 0.50 -3.34
CA ALA A 13 13.74 -0.58 -2.34
C ALA A 13 14.47 -0.21 -1.04
N VAL A 14 15.47 0.68 -1.12
CA VAL A 14 16.15 1.30 0.03
C VAL A 14 15.25 2.40 0.60
N HIS A 15 14.16 1.98 1.26
CA HIS A 15 13.27 2.83 2.05
C HIS A 15 13.26 2.53 3.58
N PRO A 16 14.35 2.04 4.22
CA PRO A 16 14.33 1.54 5.60
C PRO A 16 13.98 2.65 6.60
N GLY A 17 12.81 2.51 7.23
CA GLY A 17 12.20 3.47 8.15
C GLY A 17 10.93 4.12 7.58
N SER A 18 10.73 4.02 6.25
CA SER A 18 9.57 4.54 5.52
C SER A 18 8.72 3.44 4.88
N PHE A 19 7.57 3.85 4.35
CA PHE A 19 6.54 3.07 3.68
C PHE A 19 6.80 2.95 2.17
N ARG A 20 6.19 1.96 1.52
CA ARG A 20 6.16 1.81 0.07
C ARG A 20 4.78 1.30 -0.41
N PRO A 21 4.07 2.02 -1.29
CA PRO A 21 2.77 1.60 -1.80
C PRO A 21 2.85 0.49 -2.86
N LYS A 22 1.68 0.00 -3.27
CA LYS A 22 1.44 -0.94 -4.37
C LYS A 22 0.19 -0.54 -5.15
N CYS A 23 0.12 -0.83 -6.46
CA CYS A 23 -0.99 -0.41 -7.33
C CYS A 23 -1.32 -1.45 -8.39
N ASP A 24 -2.53 -1.34 -8.94
CA ASP A 24 -2.94 -2.07 -10.13
C ASP A 24 -2.53 -1.32 -11.42
N GLU A 25 -2.79 -1.94 -12.58
CA GLU A 25 -2.57 -1.34 -13.90
C GLU A 25 -3.35 -0.03 -14.09
N ASN A 26 -4.50 0.10 -13.43
CA ASN A 26 -5.46 1.19 -13.53
C ASN A 26 -5.07 2.38 -12.63
N GLY A 27 -3.83 2.41 -12.13
CA GLY A 27 -3.28 3.47 -11.29
C GLY A 27 -3.92 3.58 -9.92
N ASN A 28 -4.76 2.62 -9.53
CA ASN A 28 -5.42 2.62 -8.22
C ASN A 28 -4.55 1.83 -7.23
N TYR A 29 -4.57 2.26 -5.97
CA TYR A 29 -3.86 1.61 -4.88
C TYR A 29 -4.42 0.20 -4.69
N LEU A 30 -3.53 -0.80 -4.72
CA LEU A 30 -3.92 -2.19 -4.52
C LEU A 30 -4.62 -2.34 -3.15
N PRO A 31 -5.65 -3.20 -2.99
CA PRO A 31 -6.44 -3.32 -1.76
C PRO A 31 -5.66 -3.50 -0.44
N LEU A 32 -4.42 -3.98 -0.48
CA LEU A 32 -3.51 -4.12 0.65
C LEU A 32 -2.29 -3.20 0.43
N GLN A 33 -1.86 -2.50 1.49
CA GLN A 33 -0.64 -1.68 1.51
C GLN A 33 0.20 -2.03 2.75
N CYS A 34 1.54 -1.96 2.66
CA CYS A 34 2.46 -2.42 3.70
C CYS A 34 3.61 -1.44 3.99
N TYR A 35 3.73 -1.00 5.24
CA TYR A 35 4.87 -0.27 5.79
C TYR A 35 5.91 -1.30 6.26
N GLY A 36 6.54 -1.94 5.26
CA GLY A 36 7.47 -3.06 5.44
C GLY A 36 8.60 -2.81 6.45
N SER A 37 9.07 -1.56 6.56
CA SER A 37 10.08 -1.14 7.53
C SER A 37 9.74 -1.44 9.00
N ILE A 38 8.45 -1.58 9.34
CA ILE A 38 7.96 -1.98 10.65
C ILE A 38 7.16 -3.30 10.60
N GLY A 39 7.12 -3.96 9.43
CA GLY A 39 6.39 -5.20 9.19
C GLY A 39 4.87 -5.06 9.14
N TYR A 40 4.33 -3.83 9.16
CA TYR A 40 2.88 -3.63 9.21
C TYR A 40 2.25 -3.55 7.82
N CYS A 41 0.99 -3.97 7.73
CA CYS A 41 0.11 -3.77 6.58
C CYS A 41 -1.27 -3.31 7.04
N TRP A 42 -2.02 -2.71 6.13
CA TRP A 42 -3.45 -2.37 6.28
C TRP A 42 -4.14 -2.54 4.92
N CYS A 43 -5.48 -2.61 4.93
CA CYS A 43 -6.25 -2.55 3.69
C CYS A 43 -6.51 -1.09 3.32
N VAL A 44 -6.66 -0.80 2.03
CA VAL A 44 -7.07 0.52 1.52
C VAL A 44 -8.19 0.39 0.49
N PHE A 45 -8.97 1.45 0.34
CA PHE A 45 -9.88 1.61 -0.79
C PHE A 45 -9.04 2.04 -2.02
N PRO A 46 -9.51 1.88 -3.27
CA PRO A 46 -8.73 2.11 -4.49
C PRO A 46 -7.99 3.45 -4.61
N ASN A 47 -8.46 4.51 -3.91
CA ASN A 47 -7.81 5.82 -3.87
C ASN A 47 -6.67 5.94 -2.84
N GLY A 48 -6.41 4.90 -2.04
CA GLY A 48 -5.39 4.85 -0.98
C GLY A 48 -5.92 5.06 0.44
N THR A 49 -7.23 5.25 0.63
CA THR A 49 -7.84 5.49 1.95
C THR A 49 -7.81 4.20 2.78
N GLU A 50 -7.05 4.18 3.88
CA GLU A 50 -6.99 3.05 4.80
C GLU A 50 -8.38 2.64 5.35
N VAL A 51 -8.62 1.33 5.39
CA VAL A 51 -9.75 0.70 6.07
C VAL A 51 -9.33 0.57 7.54
N PRO A 52 -9.94 1.35 8.47
CA PRO A 52 -9.45 1.45 9.84
C PRO A 52 -9.50 0.11 10.58
N ASN A 53 -8.67 -0.01 11.61
CA ASN A 53 -8.48 -1.21 12.43
C ASN A 53 -7.98 -2.46 11.66
N THR A 54 -7.73 -2.40 10.34
CA THR A 54 -7.06 -3.50 9.63
C THR A 54 -5.59 -3.57 10.01
N ARG A 55 -4.97 -2.42 10.33
CA ARG A 55 -3.53 -2.32 10.57
C ARG A 55 -3.02 -3.43 11.48
N SER A 56 -2.08 -4.21 10.95
CA SER A 56 -1.59 -5.46 11.54
C SER A 56 -0.16 -5.74 11.13
N ARG A 57 0.52 -6.66 11.84
CA ARG A 57 1.91 -7.12 11.65
C ARG A 57 2.05 -8.10 10.47
N GLY A 58 1.05 -8.12 9.58
CA GLY A 58 0.96 -8.98 8.41
C GLY A 58 -0.24 -8.67 7.53
N HIS A 59 -0.37 -9.43 6.43
CA HIS A 59 -1.40 -9.28 5.40
C HIS A 59 -2.82 -9.60 5.91
N HIS A 60 -3.84 -9.23 5.11
CA HIS A 60 -5.25 -9.55 5.36
C HIS A 60 -6.06 -9.56 4.04
N ASN A 61 -7.29 -10.11 4.10
CA ASN A 61 -8.16 -10.46 2.99
C ASN A 61 -8.92 -9.23 2.45
N CYS A 62 -8.17 -8.24 1.96
CA CYS A 62 -8.72 -6.93 1.60
C CYS A 62 -9.70 -6.94 0.42
N SER A 63 -11.00 -6.93 0.73
CA SER A 63 -12.13 -7.04 -0.19
C SER A 63 -12.46 -5.75 -0.96
N GLU A 64 -11.47 -4.86 -1.14
CA GLU A 64 -11.66 -3.48 -1.65
C GLU A 64 -11.45 -3.37 -3.17
N SER A 65 -11.67 -4.47 -3.89
CA SER A 65 -11.74 -4.56 -5.35
C SER A 65 -12.34 -5.90 -5.79
N LEU A 1 0.27 9.23 -15.60
CA LEU A 1 0.26 8.11 -14.67
C LEU A 1 -0.67 8.41 -13.46
N THR A 2 -0.98 7.38 -12.67
CA THR A 2 -1.93 7.45 -11.55
C THR A 2 -1.27 7.95 -10.26
N LYS A 3 -2.09 8.33 -9.28
CA LYS A 3 -1.65 8.69 -7.92
C LYS A 3 -0.75 7.63 -7.27
N CYS A 4 -1.08 6.34 -7.47
CA CYS A 4 -0.22 5.24 -7.04
C CYS A 4 1.12 5.26 -7.78
N GLN A 5 1.10 5.23 -9.11
CA GLN A 5 2.30 5.25 -9.94
C GLN A 5 3.17 6.49 -9.72
N GLU A 6 2.58 7.66 -9.39
CA GLU A 6 3.28 8.86 -8.93
C GLU A 6 4.04 8.56 -7.64
N GLU A 7 3.34 8.20 -6.57
CA GLU A 7 3.99 7.98 -5.26
C GLU A 7 5.03 6.85 -5.32
N VAL A 8 4.77 5.78 -6.08
CA VAL A 8 5.70 4.68 -6.31
C VAL A 8 6.89 5.08 -7.19
N SER A 9 6.71 6.07 -8.07
CA SER A 9 7.83 6.70 -8.79
C SER A 9 8.64 7.63 -7.88
N HIS A 10 7.97 8.42 -7.02
CA HIS A 10 8.58 9.38 -6.10
C HIS A 10 9.37 8.70 -4.97
N ILE A 11 8.85 7.62 -4.39
CA ILE A 11 9.57 6.75 -3.46
C ILE A 11 10.34 5.70 -4.29
N PRO A 12 11.68 5.75 -4.39
CA PRO A 12 12.43 4.74 -5.15
C PRO A 12 12.48 3.40 -4.40
N ALA A 13 12.90 2.35 -5.10
CA ALA A 13 13.15 1.02 -4.51
C ALA A 13 14.19 1.05 -3.37
N VAL A 14 15.03 2.09 -3.31
CA VAL A 14 15.92 2.40 -2.18
C VAL A 14 15.11 3.12 -1.10
N HIS A 15 14.27 2.35 -0.39
CA HIS A 15 13.47 2.82 0.75
C HIS A 15 13.93 2.19 2.08
N PRO A 16 15.16 2.49 2.56
CA PRO A 16 15.78 1.82 3.71
C PRO A 16 14.93 1.98 4.98
N GLY A 17 14.51 0.85 5.55
CA GLY A 17 13.61 0.75 6.71
C GLY A 17 12.29 1.53 6.58
N SER A 18 11.96 1.97 5.36
CA SER A 18 10.90 2.94 5.04
C SER A 18 9.77 2.32 4.21
N PHE A 19 8.61 2.96 4.18
CA PHE A 19 7.45 2.50 3.41
C PHE A 19 7.58 2.86 1.91
N ARG A 20 7.00 2.01 1.05
CA ARG A 20 6.81 2.24 -0.38
C ARG A 20 5.48 1.60 -0.81
N PRO A 21 4.56 2.32 -1.47
CA PRO A 21 3.30 1.73 -1.92
C PRO A 21 3.47 0.67 -3.02
N LYS A 22 2.38 -0.05 -3.29
CA LYS A 22 2.18 -1.03 -4.35
C LYS A 22 0.86 -0.78 -5.10
N CYS A 23 0.81 -1.13 -6.40
CA CYS A 23 -0.33 -0.86 -7.29
C CYS A 23 -0.81 -2.11 -8.02
N ASP A 24 -2.07 -2.10 -8.42
CA ASP A 24 -2.75 -3.18 -9.13
C ASP A 24 -2.64 -3.06 -10.67
N GLU A 25 -3.18 -4.05 -11.40
CA GLU A 25 -3.22 -4.08 -12.86
C GLU A 25 -4.00 -2.92 -13.50
N ASN A 26 -4.82 -2.20 -12.70
CA ASN A 26 -5.56 -1.00 -13.09
C ASN A 26 -4.79 0.29 -12.72
N GLY A 27 -3.51 0.18 -12.32
CA GLY A 27 -2.65 1.29 -11.91
C GLY A 27 -3.09 2.00 -10.62
N ASN A 28 -4.11 1.49 -9.93
CA ASN A 28 -4.62 2.03 -8.67
C ASN A 28 -3.87 1.38 -7.51
N TYR A 29 -3.97 1.93 -6.30
CA TYR A 29 -3.30 1.33 -5.13
C TYR A 29 -3.81 -0.09 -4.91
N LEU A 30 -2.88 -1.05 -4.74
CA LEU A 30 -3.22 -2.41 -4.39
C LEU A 30 -4.08 -2.39 -3.10
N PRO A 31 -5.28 -2.98 -3.06
CA PRO A 31 -6.17 -2.92 -1.89
C PRO A 31 -5.57 -3.31 -0.54
N LEU A 32 -4.44 -4.02 -0.51
CA LEU A 32 -3.61 -4.29 0.67
C LEU A 32 -2.29 -3.54 0.53
N GLN A 33 -1.84 -2.89 1.60
CA GLN A 33 -0.49 -2.30 1.71
C GLN A 33 0.15 -2.76 3.03
N CYS A 34 1.49 -2.80 3.09
CA CYS A 34 2.24 -3.18 4.28
C CYS A 34 3.50 -2.32 4.44
N TYR A 35 4.02 -2.28 5.67
CA TYR A 35 5.27 -1.60 6.02
C TYR A 35 6.18 -2.56 6.81
N GLY A 36 7.02 -3.29 6.06
CA GLY A 36 7.83 -4.40 6.52
C GLY A 36 8.64 -4.17 7.79
N SER A 37 9.37 -3.05 7.92
CA SER A 37 10.25 -2.78 9.07
C SER A 37 9.52 -2.62 10.41
N ILE A 38 8.19 -2.47 10.41
CA ILE A 38 7.33 -2.52 11.59
C ILE A 38 6.33 -3.69 11.55
N GLY A 39 6.32 -4.51 10.50
CA GLY A 39 5.50 -5.72 10.35
C GLY A 39 4.01 -5.49 10.15
N TYR A 40 3.58 -4.22 10.02
CA TYR A 40 2.16 -3.88 9.89
C TYR A 40 1.66 -3.96 8.45
N CYS A 41 0.38 -4.30 8.30
CA CYS A 41 -0.38 -4.18 7.05
C CYS A 41 -1.73 -3.51 7.34
N TRP A 42 -2.32 -2.95 6.28
CA TRP A 42 -3.65 -2.39 6.28
C TRP A 42 -4.25 -2.49 4.87
N CYS A 43 -5.56 -2.38 4.76
CA CYS A 43 -6.23 -2.24 3.48
C CYS A 43 -6.33 -0.76 3.12
N VAL A 44 -6.39 -0.45 1.82
CA VAL A 44 -6.59 0.88 1.28
C VAL A 44 -7.71 0.88 0.25
N PHE A 45 -8.40 2.02 0.14
CA PHE A 45 -9.29 2.30 -0.97
C PHE A 45 -8.37 2.53 -2.20
N PRO A 46 -8.82 2.34 -3.46
CA PRO A 46 -7.94 2.33 -4.64
C PRO A 46 -7.18 3.65 -4.91
N ASN A 47 -7.58 4.76 -4.28
CA ASN A 47 -6.88 6.04 -4.26
C ASN A 47 -5.67 6.10 -3.30
N GLY A 48 -5.51 5.10 -2.42
CA GLY A 48 -4.46 5.01 -1.41
C GLY A 48 -4.90 5.34 0.03
N THR A 49 -6.17 5.70 0.26
CA THR A 49 -6.67 6.03 1.59
C THR A 49 -6.84 4.75 2.42
N GLU A 50 -6.07 4.61 3.50
CA GLU A 50 -6.16 3.51 4.45
C GLU A 50 -7.55 3.34 5.08
N VAL A 51 -7.92 2.07 5.31
CA VAL A 51 -9.06 1.63 6.11
C VAL A 51 -8.47 1.26 7.49
N PRO A 52 -8.32 2.20 8.45
CA PRO A 52 -7.50 1.98 9.64
C PRO A 52 -7.92 0.90 10.62
N ASN A 53 -9.16 0.51 10.50
CA ASN A 53 -9.77 -0.61 11.20
C ASN A 53 -9.20 -1.98 10.77
N THR A 54 -8.44 -2.01 9.69
CA THR A 54 -7.68 -3.19 9.24
C THR A 54 -6.27 -3.25 9.80
N ARG A 55 -5.72 -2.17 10.39
CA ARG A 55 -4.30 -2.09 10.75
C ARG A 55 -3.87 -3.25 11.67
N SER A 56 -3.13 -4.22 11.09
CA SER A 56 -2.81 -5.51 11.72
C SER A 56 -1.34 -5.89 11.59
N ARG A 57 -0.92 -6.90 12.37
CA ARG A 57 0.40 -7.53 12.49
C ARG A 57 0.83 -8.36 11.26
N GLY A 58 0.09 -8.21 10.17
CA GLY A 58 0.19 -9.01 8.95
C GLY A 58 -1.03 -8.82 8.02
N HIS A 59 -1.03 -9.57 6.92
CA HIS A 59 -1.99 -9.46 5.81
C HIS A 59 -3.46 -9.72 6.20
N HIS A 60 -4.38 -9.30 5.33
CA HIS A 60 -5.83 -9.54 5.44
C HIS A 60 -6.52 -9.49 4.05
N ASN A 61 -7.75 -9.99 3.99
CA ASN A 61 -8.52 -10.27 2.79
C ASN A 61 -9.21 -9.00 2.24
N CYS A 62 -8.38 -8.03 1.83
CA CYS A 62 -8.85 -6.72 1.38
C CYS A 62 -9.85 -6.82 0.23
N SER A 63 -11.12 -6.74 0.60
CA SER A 63 -12.31 -7.05 -0.19
C SER A 63 -12.70 -5.99 -1.23
N GLU A 64 -11.70 -5.29 -1.76
CA GLU A 64 -11.78 -4.39 -2.93
C GLU A 64 -10.90 -4.90 -4.09
N SER A 65 -10.46 -6.16 -3.96
CA SER A 65 -9.54 -6.88 -4.85
C SER A 65 -10.30 -7.44 -6.05
#